data_2DY3
#
_entry.id   2DY3
#
_cell.length_a   78.384
_cell.length_b   113.612
_cell.length_c   88.096
_cell.angle_alpha   90.00
_cell.angle_beta   94.73
_cell.angle_gamma   90.00
#
_symmetry.space_group_name_H-M   'P 1 21 1'
#
loop_
_entity.id
_entity.type
_entity.pdbx_description
1 polymer 'Alanine racemase'
2 non-polymer "PYRIDOXAL-5'-PHOSPHATE"
3 water water
#
_entity_poly.entity_id   1
_entity_poly.type   'polypeptide(L)'
_entity_poly.pdbx_seq_one_letter_code
;MNLLTTKIDLDAIAHNTRVLKQMAGPAKLMAVVKANAYNHGVEKVAPVIAAHGADAFGVATLAEAMQLRDIGISQEVLCW
IWTPEQDFRAAIDRNIDLAVISPAHAKALIETDAEHIRVSIKIDSGLHRSGVDEQEWEGVFSALAAAPHIEVTGMFTHLA
CADEPENPETDRQIIAFRRALALARKHGLECPVNHVCNSPAFLTRSDLHMEMVRPGLAFYGLEPVAGLEHGLKPAMTWEA
KVSVVKQIEAGQGTSYGLTWRAEDRGFVAVVPAGYADGMPRHAQGKFSVTIDGLDYPQVGRVCMDQFVISLGDNPHGVEA
GAKAVIFGENGHDATDFAERLDTINYEVVCRPTGRTVRAYV
;
_entity_poly.pdbx_strand_id   A,B,C,D
#
# COMPACT_ATOMS: atom_id res chain seq x y z
N MET A 1 -24.86 -20.41 3.88
CA MET A 1 -24.32 -19.19 3.20
C MET A 1 -22.80 -19.17 3.19
N ASN A 2 -22.22 -18.66 2.10
CA ASN A 2 -20.77 -18.59 1.96
C ASN A 2 -20.28 -17.14 2.06
N LEU A 3 -19.19 -16.95 2.79
CA LEU A 3 -18.62 -15.63 3.01
C LEU A 3 -17.83 -15.11 1.81
N LEU A 4 -17.49 -16.02 0.90
CA LEU A 4 -16.69 -15.67 -0.26
C LEU A 4 -17.15 -16.46 -1.48
N THR A 5 -17.59 -15.75 -2.51
CA THR A 5 -18.08 -16.41 -3.70
C THR A 5 -17.83 -15.68 -5.00
N THR A 6 -18.01 -16.39 -6.10
CA THR A 6 -17.93 -15.80 -7.43
C THR A 6 -19.33 -16.03 -7.98
N LYS A 7 -19.93 -15.00 -8.54
CA LYS A 7 -21.24 -15.12 -9.13
C LYS A 7 -20.99 -15.18 -10.63
N ILE A 8 -21.43 -16.25 -11.26
CA ILE A 8 -21.24 -16.44 -12.71
C ILE A 8 -22.56 -16.27 -13.44
N ASP A 9 -22.66 -15.20 -14.23
CA ASP A 9 -23.87 -14.93 -14.99
C ASP A 9 -23.90 -15.71 -16.31
N LEU A 10 -24.62 -16.83 -16.32
CA LEU A 10 -24.73 -17.67 -17.51
C LEU A 10 -25.47 -16.98 -18.66
N ASP A 11 -26.44 -16.13 -18.33
CA ASP A 11 -27.19 -15.41 -19.36
C ASP A 11 -26.26 -14.43 -20.08
N ALA A 12 -25.30 -13.88 -19.35
CA ALA A 12 -24.34 -12.96 -19.94
C ALA A 12 -23.48 -13.73 -20.93
N ILE A 13 -23.10 -14.95 -20.55
CA ILE A 13 -22.27 -15.77 -21.44
C ILE A 13 -23.04 -16.16 -22.70
N ALA A 14 -24.34 -16.45 -22.55
CA ALA A 14 -25.15 -16.80 -23.70
C ALA A 14 -25.16 -15.59 -24.63
N HIS A 15 -25.30 -14.42 -24.01
CA HIS A 15 -25.32 -13.17 -24.74
C HIS A 15 -24.01 -12.94 -25.49
N ASN A 16 -22.89 -13.10 -24.79
CA ASN A 16 -21.60 -12.89 -25.39
C ASN A 16 -21.39 -13.86 -26.55
N THR A 17 -21.91 -15.06 -26.42
CA THR A 17 -21.78 -16.06 -27.47
C THR A 17 -22.52 -15.60 -28.72
N ARG A 18 -23.76 -15.17 -28.55
CA ARG A 18 -24.57 -14.69 -29.67
C ARG A 18 -23.86 -13.53 -30.38
N VAL A 19 -23.33 -12.60 -29.60
CA VAL A 19 -22.61 -11.44 -30.13
C VAL A 19 -21.44 -11.92 -30.99
N LEU A 20 -20.57 -12.73 -30.40
CA LEU A 20 -19.41 -13.26 -31.09
C LEU A 20 -19.80 -14.12 -32.30
N LYS A 21 -20.93 -14.81 -32.20
CA LYS A 21 -21.40 -15.65 -33.30
C LYS A 21 -21.77 -14.78 -34.48
N GLN A 22 -22.34 -13.61 -34.20
CA GLN A 22 -22.74 -12.68 -35.26
C GLN A 22 -21.51 -12.09 -35.93
N MET A 23 -20.58 -11.60 -35.14
CA MET A 23 -19.35 -11.01 -35.65
C MET A 23 -18.51 -12.00 -36.44
N ALA A 24 -18.70 -13.29 -36.19
CA ALA A 24 -17.93 -14.32 -36.87
C ALA A 24 -18.40 -14.57 -38.30
N GLY A 25 -19.65 -14.23 -38.59
CA GLY A 25 -20.17 -14.43 -39.93
C GLY A 25 -20.07 -15.86 -40.42
N PRO A 26 -19.44 -16.08 -41.59
CA PRO A 26 -19.28 -17.42 -42.16
C PRO A 26 -18.15 -18.22 -41.50
N ALA A 27 -17.31 -17.53 -40.76
CA ALA A 27 -16.18 -18.19 -40.08
C ALA A 27 -16.65 -19.02 -38.89
N LYS A 28 -16.03 -20.18 -38.69
CA LYS A 28 -16.38 -21.05 -37.59
C LYS A 28 -15.99 -20.40 -36.26
N LEU A 29 -16.82 -20.60 -35.24
CA LEU A 29 -16.54 -20.04 -33.92
C LEU A 29 -16.09 -21.12 -32.93
N MET A 30 -14.80 -21.12 -32.60
CA MET A 30 -14.24 -22.05 -31.63
C MET A 30 -14.05 -21.29 -30.33
N ALA A 31 -14.80 -21.69 -29.30
CA ALA A 31 -14.70 -21.04 -28.01
C ALA A 31 -13.59 -21.68 -27.17
N VAL A 32 -12.72 -20.84 -26.62
CA VAL A 32 -11.63 -21.34 -25.79
C VAL A 32 -12.13 -21.39 -24.35
N VAL A 33 -12.16 -22.59 -23.78
CA VAL A 33 -12.66 -22.78 -22.43
C VAL A 33 -11.67 -23.52 -21.55
N LYS A 34 -10.39 -23.34 -21.85
CA LYS A 34 -9.32 -23.95 -21.07
C LYS A 34 -9.34 -23.34 -19.67
N ALA A 35 -8.57 -23.92 -18.75
CA ALA A 35 -8.49 -23.43 -17.38
C ALA A 35 -9.86 -23.34 -16.71
N ASN A 36 -10.65 -24.39 -16.89
CA ASN A 36 -11.99 -24.47 -16.32
C ASN A 36 -12.82 -23.29 -16.79
N ALA A 37 -12.72 -23.01 -18.09
CA ALA A 37 -13.44 -21.90 -18.71
C ALA A 37 -13.02 -20.60 -18.04
N TYR A 38 -11.71 -20.36 -18.01
CA TYR A 38 -11.15 -19.18 -17.38
C TYR A 38 -11.72 -19.01 -15.98
N ASN A 39 -11.78 -20.12 -15.23
CA ASN A 39 -12.26 -20.12 -13.85
C ASN A 39 -13.76 -19.80 -13.71
N HIS A 40 -14.52 -19.88 -14.80
CA HIS A 40 -15.96 -19.60 -14.71
C HIS A 40 -16.81 -20.88 -14.53
N GLY A 41 -16.16 -22.05 -14.60
CA GLY A 41 -16.89 -23.30 -14.43
C GLY A 41 -17.32 -23.88 -15.76
N VAL A 42 -16.41 -24.60 -16.41
CA VAL A 42 -16.69 -25.16 -17.72
C VAL A 42 -17.86 -26.13 -17.81
N GLU A 43 -18.13 -26.85 -16.71
CA GLU A 43 -19.22 -27.81 -16.74
C GLU A 43 -20.58 -27.15 -16.96
N LYS A 44 -20.68 -25.88 -16.60
CA LYS A 44 -21.93 -25.13 -16.78
C LYS A 44 -21.77 -24.17 -17.96
N VAL A 45 -20.56 -23.65 -18.11
CA VAL A 45 -20.29 -22.68 -19.16
C VAL A 45 -20.26 -23.22 -20.58
N ALA A 46 -19.55 -24.32 -20.79
CA ALA A 46 -19.44 -24.90 -22.12
C ALA A 46 -20.80 -25.27 -22.72
N PRO A 47 -21.68 -25.91 -21.93
CA PRO A 47 -22.98 -26.27 -22.49
C PRO A 47 -23.76 -25.04 -22.97
N VAL A 48 -23.67 -23.93 -22.24
CA VAL A 48 -24.37 -22.71 -22.63
C VAL A 48 -23.81 -22.16 -23.94
N ILE A 49 -22.48 -22.18 -24.07
CA ILE A 49 -21.84 -21.69 -25.27
C ILE A 49 -22.20 -22.56 -26.47
N ALA A 50 -22.22 -23.87 -26.29
CA ALA A 50 -22.57 -24.79 -27.36
C ALA A 50 -24.02 -24.58 -27.79
N ALA A 51 -24.89 -24.33 -26.81
CA ALA A 51 -26.31 -24.13 -27.08
C ALA A 51 -26.60 -22.84 -27.80
N HIS A 52 -25.60 -21.96 -27.86
CA HIS A 52 -25.79 -20.67 -28.53
C HIS A 52 -24.95 -20.39 -29.76
N GLY A 53 -24.45 -21.44 -30.41
CA GLY A 53 -23.70 -21.20 -31.64
C GLY A 53 -22.26 -21.65 -31.82
N ALA A 54 -21.53 -21.91 -30.74
CA ALA A 54 -20.15 -22.32 -30.90
C ALA A 54 -20.01 -23.53 -31.82
N ASP A 55 -19.10 -23.46 -32.78
CA ASP A 55 -18.87 -24.55 -33.72
C ASP A 55 -17.84 -25.54 -33.20
N ALA A 56 -17.01 -25.08 -32.28
CA ALA A 56 -15.97 -25.94 -31.73
C ALA A 56 -15.51 -25.35 -30.40
N PHE A 57 -14.65 -26.09 -29.72
CA PHE A 57 -14.10 -25.67 -28.42
C PHE A 57 -12.60 -25.91 -28.42
N GLY A 58 -11.86 -24.99 -27.81
CA GLY A 58 -10.42 -25.13 -27.72
C GLY A 58 -9.99 -25.15 -26.25
N VAL A 59 -9.15 -26.11 -25.89
CA VAL A 59 -8.64 -26.22 -24.53
C VAL A 59 -7.15 -26.52 -24.61
N ALA A 60 -6.46 -26.42 -23.49
CA ALA A 60 -5.03 -26.68 -23.49
C ALA A 60 -4.67 -28.15 -23.37
N THR A 61 -5.16 -28.80 -22.33
CA THR A 61 -4.79 -30.19 -22.07
C THR A 61 -5.76 -31.31 -22.43
N LEU A 62 -5.23 -32.52 -22.49
CA LEU A 62 -6.01 -33.71 -22.81
C LEU A 62 -7.12 -33.87 -21.79
N ALA A 63 -6.76 -33.71 -20.51
CA ALA A 63 -7.73 -33.85 -19.44
C ALA A 63 -8.89 -32.87 -19.59
N GLU A 64 -8.59 -31.62 -19.96
CA GLU A 64 -9.64 -30.62 -20.17
C GLU A 64 -10.50 -31.05 -21.36
N ALA A 65 -9.85 -31.59 -22.39
CA ALA A 65 -10.57 -32.03 -23.57
C ALA A 65 -11.50 -33.19 -23.20
N MET A 66 -10.97 -34.15 -22.45
CA MET A 66 -11.74 -35.33 -22.02
C MET A 66 -12.91 -34.90 -21.14
N GLN A 67 -12.71 -33.83 -20.37
CA GLN A 67 -13.76 -33.32 -19.50
C GLN A 67 -14.91 -32.79 -20.34
N LEU A 68 -14.60 -32.18 -21.48
CA LEU A 68 -15.68 -31.67 -22.32
C LEU A 68 -16.52 -32.83 -22.84
N ARG A 69 -15.85 -33.91 -23.25
CA ARG A 69 -16.58 -35.07 -23.74
C ARG A 69 -17.43 -35.66 -22.63
N ASP A 70 -16.89 -35.67 -21.42
CA ASP A 70 -17.59 -36.20 -20.26
C ASP A 70 -18.86 -35.43 -19.92
N ILE A 71 -18.89 -34.13 -20.20
CA ILE A 71 -20.10 -33.38 -19.90
C ILE A 71 -21.09 -33.47 -21.04
N GLY A 72 -20.71 -34.17 -22.11
CA GLY A 72 -21.62 -34.33 -23.23
C GLY A 72 -21.46 -33.37 -24.38
N ILE A 73 -20.38 -32.59 -24.39
CA ILE A 73 -20.14 -31.66 -25.49
C ILE A 73 -19.96 -32.51 -26.76
N SER A 74 -20.73 -32.22 -27.79
CA SER A 74 -20.66 -32.97 -29.05
C SER A 74 -19.88 -32.24 -30.13
N GLN A 75 -19.61 -30.96 -29.94
CA GLN A 75 -18.88 -30.18 -30.95
C GLN A 75 -17.43 -30.62 -31.09
N GLU A 76 -16.81 -30.14 -32.16
CA GLU A 76 -15.41 -30.38 -32.45
C GLU A 76 -14.60 -29.84 -31.28
N VAL A 77 -13.55 -30.56 -30.89
CA VAL A 77 -12.70 -30.13 -29.79
C VAL A 77 -11.22 -30.23 -30.15
N LEU A 78 -10.47 -29.16 -29.89
CA LEU A 78 -9.04 -29.13 -30.16
C LEU A 78 -8.26 -28.96 -28.86
N CYS A 79 -7.16 -29.70 -28.74
CA CYS A 79 -6.28 -29.70 -27.56
C CYS A 79 -4.87 -29.41 -28.05
N TRP A 80 -4.18 -28.42 -27.46
CA TRP A 80 -2.85 -28.08 -27.94
C TRP A 80 -1.65 -28.21 -27.00
N ILE A 81 -1.87 -28.66 -25.78
CA ILE A 81 -0.75 -28.83 -24.87
C ILE A 81 -0.75 -30.26 -24.33
N TRP A 82 0.06 -31.11 -24.95
CA TRP A 82 0.18 -32.51 -24.55
C TRP A 82 1.53 -33.04 -24.99
N THR A 83 1.92 -34.20 -24.48
CA THR A 83 3.18 -34.81 -24.87
C THR A 83 2.94 -36.28 -25.22
N PRO A 84 3.81 -36.84 -26.07
CA PRO A 84 3.72 -38.24 -26.52
C PRO A 84 3.71 -39.26 -25.38
N GLU A 85 4.15 -38.84 -24.20
CA GLU A 85 4.19 -39.75 -23.04
C GLU A 85 2.82 -39.90 -22.38
N GLN A 86 1.91 -38.97 -22.63
CA GLN A 86 0.58 -39.05 -22.06
C GLN A 86 -0.29 -39.98 -22.91
N ASP A 87 -1.42 -40.38 -22.36
CA ASP A 87 -2.34 -41.26 -23.07
C ASP A 87 -3.20 -40.47 -24.04
N PHE A 88 -2.57 -39.87 -25.05
CA PHE A 88 -3.30 -39.09 -26.03
C PHE A 88 -4.18 -39.99 -26.89
N ARG A 89 -3.87 -41.29 -26.91
CA ARG A 89 -4.68 -42.21 -27.69
C ARG A 89 -6.12 -42.22 -27.17
N ALA A 90 -6.27 -42.15 -25.85
CA ALA A 90 -7.60 -42.14 -25.25
C ALA A 90 -8.39 -40.91 -25.68
N ALA A 91 -7.67 -39.85 -26.03
CA ALA A 91 -8.30 -38.62 -26.47
C ALA A 91 -8.71 -38.77 -27.93
N ILE A 92 -7.89 -39.46 -28.70
CA ILE A 92 -8.19 -39.71 -30.11
C ILE A 92 -9.43 -40.60 -30.20
N ASP A 93 -9.55 -41.55 -29.27
CA ASP A 93 -10.69 -42.45 -29.27
C ASP A 93 -11.97 -41.73 -28.88
N ARG A 94 -11.87 -40.49 -28.42
CA ARG A 94 -13.05 -39.73 -28.06
C ARG A 94 -13.25 -38.54 -28.99
N ASN A 95 -12.68 -38.65 -30.19
CA ASN A 95 -12.80 -37.63 -31.22
C ASN A 95 -12.31 -36.24 -30.76
N ILE A 96 -11.11 -36.20 -30.21
CA ILE A 96 -10.53 -34.93 -29.77
C ILE A 96 -9.36 -34.62 -30.71
N ASP A 97 -9.45 -33.48 -31.38
CA ASP A 97 -8.39 -33.06 -32.31
C ASP A 97 -7.11 -32.79 -31.53
N LEU A 98 -5.97 -33.19 -32.10
CA LEU A 98 -4.68 -32.97 -31.45
C LEU A 98 -3.82 -32.03 -32.28
N ALA A 99 -3.15 -31.10 -31.62
CA ALA A 99 -2.27 -30.15 -32.30
C ALA A 99 -0.88 -30.74 -32.39
N VAL A 100 -0.25 -30.61 -33.56
CA VAL A 100 1.12 -31.09 -33.75
C VAL A 100 1.97 -29.87 -33.39
N ILE A 101 2.61 -29.90 -32.23
CA ILE A 101 3.42 -28.78 -31.78
C ILE A 101 4.94 -28.93 -31.88
N SER A 102 5.39 -30.04 -32.44
CA SER A 102 6.82 -30.29 -32.66
C SER A 102 6.93 -31.56 -33.51
N PRO A 103 8.11 -31.80 -34.09
CA PRO A 103 8.30 -32.98 -34.94
C PRO A 103 8.03 -34.27 -34.18
N ALA A 104 8.41 -34.30 -32.90
CA ALA A 104 8.21 -35.49 -32.09
C ALA A 104 6.74 -35.83 -31.91
N HIS A 105 5.89 -34.81 -31.84
CA HIS A 105 4.44 -35.01 -31.71
C HIS A 105 3.89 -35.59 -33.00
N ALA A 106 4.42 -35.11 -34.12
CA ALA A 106 4.00 -35.61 -35.43
C ALA A 106 4.40 -37.08 -35.54
N LYS A 107 5.59 -37.41 -35.06
CA LYS A 107 6.10 -38.77 -35.10
C LYS A 107 5.20 -39.71 -34.30
N ALA A 108 4.90 -39.32 -33.07
CA ALA A 108 4.06 -40.12 -32.19
C ALA A 108 2.71 -40.43 -32.84
N LEU A 109 2.11 -39.42 -33.47
CA LEU A 109 0.82 -39.60 -34.12
C LEU A 109 0.92 -40.50 -35.33
N ILE A 110 1.97 -40.32 -36.12
CA ILE A 110 2.19 -41.12 -37.31
C ILE A 110 2.37 -42.59 -36.94
N GLU A 111 2.99 -42.84 -35.79
CA GLU A 111 3.23 -44.20 -35.32
C GLU A 111 2.07 -44.73 -34.49
N THR A 112 1.03 -43.94 -34.33
CA THR A 112 -0.13 -44.39 -33.56
C THR A 112 -1.05 -45.26 -34.43
N ASP A 113 -1.31 -46.46 -33.94
CA ASP A 113 -2.12 -47.46 -34.61
C ASP A 113 -3.61 -47.16 -34.60
N ALA A 114 -3.99 -45.99 -35.10
CA ALA A 114 -5.39 -45.57 -35.16
C ALA A 114 -5.79 -45.35 -36.61
N GLU A 115 -7.07 -45.57 -36.92
CA GLU A 115 -7.57 -45.41 -38.28
C GLU A 115 -7.69 -43.97 -38.77
N HIS A 116 -8.28 -43.11 -37.95
CA HIS A 116 -8.46 -41.71 -38.33
C HIS A 116 -8.05 -40.78 -37.19
N ILE A 117 -7.04 -39.95 -37.45
CA ILE A 117 -6.56 -39.01 -36.43
C ILE A 117 -6.63 -37.56 -36.92
N ARG A 118 -7.58 -36.79 -36.41
CA ARG A 118 -7.68 -35.38 -36.81
C ARG A 118 -6.61 -34.58 -36.08
N VAL A 119 -5.82 -33.85 -36.86
CA VAL A 119 -4.73 -33.06 -36.31
C VAL A 119 -4.72 -31.64 -36.86
N SER A 120 -4.23 -30.70 -36.05
CA SER A 120 -4.10 -29.31 -36.46
C SER A 120 -2.60 -29.03 -36.28
N ILE A 121 -1.99 -28.34 -37.22
CA ILE A 121 -0.57 -28.06 -37.09
C ILE A 121 -0.35 -26.72 -36.40
N LYS A 122 0.30 -26.75 -35.24
CA LYS A 122 0.57 -25.52 -34.52
C LYS A 122 1.84 -24.95 -35.12
N ILE A 123 1.73 -23.76 -35.69
CA ILE A 123 2.86 -23.12 -36.34
C ILE A 123 3.57 -22.09 -35.49
N ASP A 124 4.89 -22.21 -35.40
CA ASP A 124 5.68 -21.24 -34.68
C ASP A 124 5.86 -20.13 -35.71
N SER A 125 5.12 -19.04 -35.57
CA SER A 125 5.21 -17.94 -36.51
C SER A 125 6.16 -16.81 -36.08
N GLY A 126 7.10 -17.12 -35.20
CA GLY A 126 8.02 -16.09 -34.76
C GLY A 126 8.20 -15.94 -33.26
N LEU A 127 7.20 -16.38 -32.50
CA LEU A 127 7.28 -16.28 -31.05
C LEU A 127 8.33 -17.20 -30.45
N HIS A 128 8.60 -18.30 -31.14
CA HIS A 128 9.60 -19.25 -30.65
C HIS A 128 9.26 -19.93 -29.34
N ARG A 129 7.99 -20.19 -29.13
CA ARG A 129 7.55 -20.98 -27.99
C ARG A 129 7.25 -22.42 -28.40
N SER A 130 6.04 -22.86 -28.32
CA SER A 130 5.75 -24.19 -28.83
C SER A 130 5.35 -24.06 -30.30
N GLY A 131 5.08 -25.19 -30.95
CA GLY A 131 4.72 -25.14 -32.36
C GLY A 131 5.93 -25.47 -33.22
N VAL A 132 5.67 -25.88 -34.46
CA VAL A 132 6.74 -26.24 -35.40
C VAL A 132 7.29 -24.98 -36.07
N ASP A 133 8.62 -24.83 -36.09
CA ASP A 133 9.21 -23.65 -36.71
C ASP A 133 9.52 -23.86 -38.19
N GLU A 134 9.84 -22.76 -38.87
CA GLU A 134 10.12 -22.78 -40.29
C GLU A 134 11.13 -23.83 -40.72
N GLN A 135 12.20 -23.99 -39.95
CA GLN A 135 13.20 -24.99 -40.29
C GLN A 135 12.61 -26.41 -40.27
N GLU A 136 11.49 -26.57 -39.57
CA GLU A 136 10.85 -27.86 -39.48
C GLU A 136 9.64 -28.06 -40.40
N TRP A 137 9.12 -26.97 -40.98
CA TRP A 137 7.96 -27.02 -41.91
C TRP A 137 8.05 -28.28 -42.76
N GLU A 138 9.01 -28.23 -43.66
CA GLU A 138 9.32 -29.26 -44.65
C GLU A 138 9.18 -30.68 -44.12
N GLY A 139 10.02 -31.03 -43.14
CA GLY A 139 9.98 -32.36 -42.57
C GLY A 139 8.62 -32.79 -42.05
N VAL A 140 7.98 -31.90 -41.30
CA VAL A 140 6.67 -32.20 -40.72
C VAL A 140 5.58 -32.35 -41.78
N PHE A 141 5.43 -31.37 -42.66
CA PHE A 141 4.42 -31.45 -43.69
C PHE A 141 4.58 -32.72 -44.54
N SER A 142 5.81 -32.99 -44.97
CA SER A 142 6.09 -34.17 -45.79
C SER A 142 5.79 -35.48 -45.06
N ALA A 143 6.05 -35.53 -43.77
CA ALA A 143 5.80 -36.75 -42.99
C ALA A 143 4.31 -36.97 -42.78
N LEU A 144 3.61 -35.89 -42.41
CA LEU A 144 2.17 -35.98 -42.17
C LEU A 144 1.41 -36.31 -43.45
N ALA A 145 1.87 -35.79 -44.58
CA ALA A 145 1.21 -36.05 -45.86
C ALA A 145 1.36 -37.51 -46.30
N ALA A 146 2.42 -38.17 -45.83
CA ALA A 146 2.68 -39.56 -46.19
C ALA A 146 1.98 -40.55 -45.26
N ALA A 147 1.26 -40.02 -44.26
CA ALA A 147 0.54 -40.87 -43.32
C ALA A 147 -0.95 -40.70 -43.52
N PRO A 148 -1.55 -41.55 -44.37
CA PRO A 148 -2.98 -41.53 -44.69
C PRO A 148 -3.98 -41.68 -43.54
N HIS A 149 -3.56 -42.27 -42.42
CA HIS A 149 -4.49 -42.41 -41.29
C HIS A 149 -4.65 -41.10 -40.53
N ILE A 150 -3.85 -40.11 -40.88
CA ILE A 150 -3.92 -38.80 -40.23
C ILE A 150 -4.59 -37.78 -41.14
N GLU A 151 -5.56 -37.04 -40.61
CA GLU A 151 -6.22 -36.01 -41.39
C GLU A 151 -5.79 -34.65 -40.87
N VAL A 152 -5.03 -33.92 -41.68
CA VAL A 152 -4.59 -32.59 -41.30
C VAL A 152 -5.76 -31.69 -41.65
N THR A 153 -6.46 -31.26 -40.62
CA THR A 153 -7.65 -30.43 -40.79
C THR A 153 -7.30 -28.95 -41.04
N GLY A 154 -6.08 -28.56 -40.73
CA GLY A 154 -5.67 -27.18 -40.92
C GLY A 154 -4.51 -26.81 -40.03
N MET A 155 -4.14 -25.54 -40.00
CA MET A 155 -3.05 -25.09 -39.14
C MET A 155 -3.42 -23.80 -38.43
N PHE A 156 -2.71 -23.52 -37.34
CA PHE A 156 -2.99 -22.33 -36.56
C PHE A 156 -1.74 -21.82 -35.87
N THR A 157 -1.77 -20.56 -35.45
CA THR A 157 -0.64 -19.96 -34.74
C THR A 157 -1.26 -18.97 -33.74
N HIS A 158 -0.45 -18.50 -32.79
CA HIS A 158 -0.96 -17.58 -31.79
C HIS A 158 -0.24 -16.22 -31.85
N LEU A 159 -1.03 -15.15 -31.90
CA LEU A 159 -0.50 -13.78 -31.97
C LEU A 159 0.13 -13.30 -30.66
N ALA A 160 1.20 -12.53 -30.77
CA ALA A 160 1.93 -12.02 -29.62
C ALA A 160 1.11 -11.17 -28.67
N GLU A 169 4.85 -7.30 -36.07
CA GLU A 169 4.66 -8.45 -35.19
C GLU A 169 3.45 -9.26 -35.59
N THR A 170 2.25 -8.71 -35.36
CA THR A 170 1.04 -9.43 -35.74
C THR A 170 1.12 -9.73 -37.24
N ASP A 171 1.19 -8.68 -38.04
CA ASP A 171 1.30 -8.86 -39.49
C ASP A 171 2.54 -9.69 -39.81
N ARG A 172 3.59 -9.47 -39.03
CA ARG A 172 4.84 -10.18 -39.20
C ARG A 172 4.60 -11.68 -39.03
N GLN A 173 3.87 -12.04 -37.98
CA GLN A 173 3.55 -13.43 -37.71
C GLN A 173 2.65 -13.97 -38.81
N ILE A 174 1.77 -13.11 -39.31
CA ILE A 174 0.86 -13.49 -40.37
C ILE A 174 1.61 -13.83 -41.65
N ILE A 175 2.62 -13.02 -41.98
CA ILE A 175 3.41 -13.27 -43.18
C ILE A 175 4.01 -14.66 -43.08
N ALA A 176 4.56 -14.98 -41.92
CA ALA A 176 5.19 -16.27 -41.69
C ALA A 176 4.16 -17.39 -41.80
N PHE A 177 3.04 -17.22 -41.12
CA PHE A 177 1.96 -18.23 -41.14
C PHE A 177 1.57 -18.53 -42.59
N ARG A 178 1.45 -17.49 -43.40
CA ARG A 178 1.07 -17.67 -44.80
C ARG A 178 2.10 -18.50 -45.56
N ARG A 179 3.37 -18.23 -45.33
CA ARG A 179 4.43 -18.98 -45.99
C ARG A 179 4.30 -20.47 -45.68
N ALA A 180 4.08 -20.78 -44.41
CA ALA A 180 3.94 -22.16 -43.97
C ALA A 180 2.72 -22.81 -44.60
N LEU A 181 1.63 -22.05 -44.67
CA LEU A 181 0.40 -22.55 -45.25
C LEU A 181 0.62 -22.93 -46.71
N ALA A 182 1.34 -22.08 -47.42
CA ALA A 182 1.61 -22.36 -48.83
C ALA A 182 2.47 -23.61 -48.98
N LEU A 183 3.54 -23.72 -48.19
CA LEU A 183 4.41 -24.88 -48.27
C LEU A 183 3.65 -26.17 -47.96
N ALA A 184 2.78 -26.11 -46.94
CA ALA A 184 1.98 -27.27 -46.54
C ALA A 184 1.09 -27.73 -47.69
N ARG A 185 0.46 -26.77 -48.36
CA ARG A 185 -0.41 -27.10 -49.49
C ARG A 185 0.42 -27.63 -50.65
N LYS A 186 1.61 -27.06 -50.83
CA LYS A 186 2.50 -27.52 -51.88
C LYS A 186 2.84 -28.99 -51.64
N HIS A 187 2.83 -29.38 -50.37
CA HIS A 187 3.12 -30.76 -49.96
C HIS A 187 1.90 -31.66 -50.05
N GLY A 188 0.78 -31.10 -50.45
CA GLY A 188 -0.41 -31.92 -50.56
C GLY A 188 -1.34 -31.86 -49.37
N LEU A 189 -1.04 -30.98 -48.41
CA LEU A 189 -1.90 -30.82 -47.24
C LEU A 189 -2.84 -29.66 -47.53
N GLU A 190 -4.09 -29.97 -47.82
CA GLU A 190 -5.08 -28.96 -48.13
C GLU A 190 -5.29 -27.89 -47.05
N CYS A 191 -5.23 -28.28 -45.79
CA CYS A 191 -5.43 -27.34 -44.69
C CYS A 191 -6.70 -26.50 -44.91
N PRO A 192 -7.87 -27.16 -44.94
CA PRO A 192 -9.20 -26.57 -45.14
C PRO A 192 -9.61 -25.49 -44.13
N VAL A 193 -9.38 -25.77 -42.85
CA VAL A 193 -9.77 -24.84 -41.78
C VAL A 193 -8.60 -24.36 -40.92
N ASN A 194 -8.20 -23.13 -41.15
CA ASN A 194 -7.09 -22.55 -40.40
C ASN A 194 -7.59 -21.41 -39.50
N HIS A 195 -6.81 -21.08 -38.47
CA HIS A 195 -7.19 -20.02 -37.53
C HIS A 195 -6.02 -19.35 -36.82
N VAL A 196 -6.18 -18.07 -36.53
CA VAL A 196 -5.15 -17.30 -35.84
C VAL A 196 -5.74 -16.26 -34.88
N CYS A 197 -7.02 -16.00 -35.00
CA CYS A 197 -7.65 -14.98 -34.15
C CYS A 197 -8.09 -15.39 -32.75
N ASN A 198 -7.51 -14.70 -31.76
CA ASN A 198 -7.88 -14.89 -30.37
C ASN A 198 -8.84 -13.72 -30.20
N SER A 199 -9.27 -13.42 -28.98
CA SER A 199 -10.23 -12.33 -28.76
C SER A 199 -9.88 -10.96 -29.35
N PRO A 200 -8.68 -10.43 -29.04
CA PRO A 200 -8.32 -9.12 -29.60
C PRO A 200 -8.24 -9.04 -31.13
N ALA A 201 -7.62 -10.01 -31.77
CA ALA A 201 -7.52 -9.99 -33.23
C ALA A 201 -8.88 -10.21 -33.88
N PHE A 202 -9.72 -11.01 -33.24
CA PHE A 202 -11.05 -11.28 -33.77
C PHE A 202 -11.92 -10.03 -33.79
N LEU A 203 -11.84 -9.24 -32.73
CA LEU A 203 -12.63 -8.04 -32.60
C LEU A 203 -12.12 -6.87 -33.44
N THR A 204 -10.87 -6.95 -33.90
CA THR A 204 -10.31 -5.85 -34.69
C THR A 204 -9.77 -6.18 -36.08
N ARG A 205 -9.49 -7.45 -36.35
CA ARG A 205 -8.95 -7.84 -37.67
C ARG A 205 -9.88 -8.81 -38.41
N SER A 206 -10.97 -8.30 -38.94
CA SER A 206 -11.92 -9.15 -39.67
C SER A 206 -11.23 -9.78 -40.87
N ASP A 207 -10.10 -9.22 -41.26
CA ASP A 207 -9.33 -9.74 -42.39
C ASP A 207 -8.56 -10.99 -41.98
N LEU A 208 -8.43 -11.23 -40.68
CA LEU A 208 -7.71 -12.40 -40.17
C LEU A 208 -8.64 -13.49 -39.67
N HIS A 209 -9.94 -13.35 -39.92
CA HIS A 209 -10.90 -14.36 -39.48
C HIS A 209 -10.67 -15.73 -40.10
N MET A 210 -10.25 -15.77 -41.36
CA MET A 210 -10.01 -17.03 -42.04
C MET A 210 -11.22 -17.96 -41.93
N GLU A 211 -10.98 -19.27 -41.87
CA GLU A 211 -12.09 -20.21 -41.78
C GLU A 211 -12.63 -20.38 -40.36
N MET A 212 -11.84 -20.02 -39.36
CA MET A 212 -12.25 -20.17 -37.97
C MET A 212 -11.54 -19.19 -37.06
N VAL A 213 -12.26 -18.72 -36.05
CA VAL A 213 -11.72 -17.78 -35.06
C VAL A 213 -11.69 -18.48 -33.71
N ARG A 214 -10.71 -18.11 -32.89
CA ARG A 214 -10.48 -18.76 -31.59
C ARG A 214 -10.57 -17.83 -30.37
N PRO A 215 -11.75 -17.27 -30.08
CA PRO A 215 -11.87 -16.37 -28.94
C PRO A 215 -12.08 -17.06 -27.58
N GLY A 216 -11.44 -16.50 -26.56
CA GLY A 216 -11.58 -17.03 -25.21
C GLY A 216 -12.17 -15.92 -24.34
N LEU A 217 -11.32 -14.97 -23.99
CA LEU A 217 -11.67 -13.81 -23.15
C LEU A 217 -13.08 -13.22 -23.37
N ALA A 218 -13.38 -12.86 -24.62
CA ALA A 218 -14.65 -12.25 -24.98
C ALA A 218 -15.91 -12.97 -24.51
N PHE A 219 -15.89 -14.30 -24.52
CA PHE A 219 -17.06 -15.08 -24.10
C PHE A 219 -17.42 -14.77 -22.65
N TYR A 220 -16.44 -14.37 -21.87
CA TYR A 220 -16.67 -14.07 -20.47
C TYR A 220 -17.00 -12.59 -20.28
N GLY A 221 -17.22 -11.90 -21.39
CA GLY A 221 -17.58 -10.50 -21.35
C GLY A 221 -16.50 -9.46 -21.15
N LEU A 222 -15.24 -9.86 -21.23
CA LEU A 222 -14.14 -8.92 -21.04
C LEU A 222 -13.54 -8.46 -22.36
N GLU A 223 -13.25 -7.16 -22.44
CA GLU A 223 -12.68 -6.56 -23.63
C GLU A 223 -11.16 -6.62 -23.58
N PRO A 224 -10.54 -7.16 -24.64
CA PRO A 224 -9.09 -7.31 -24.76
C PRO A 224 -8.37 -6.01 -25.06
N VAL A 225 -8.98 -5.18 -25.91
CA VAL A 225 -8.40 -3.90 -26.30
C VAL A 225 -9.05 -2.74 -25.56
N ALA A 226 -8.38 -2.26 -24.52
CA ALA A 226 -8.89 -1.15 -23.73
C ALA A 226 -9.01 0.08 -24.60
N GLY A 227 -10.16 0.27 -25.23
CA GLY A 227 -10.35 1.42 -26.09
C GLY A 227 -11.79 1.62 -26.51
N LEU A 228 -12.52 0.54 -26.75
CA LEU A 228 -13.91 0.64 -27.16
C LEU A 228 -14.70 -0.60 -26.76
N GLU A 229 -16.02 -0.53 -26.88
CA GLU A 229 -16.88 -1.65 -26.52
C GLU A 229 -17.35 -2.44 -27.72
N HIS A 230 -17.90 -3.62 -27.45
CA HIS A 230 -18.42 -4.49 -28.49
C HIS A 230 -19.76 -5.04 -28.03
N GLY A 231 -20.26 -4.50 -26.92
CA GLY A 231 -21.55 -4.93 -26.40
C GLY A 231 -21.50 -6.19 -25.56
N LEU A 232 -20.32 -6.50 -25.01
CA LEU A 232 -20.17 -7.68 -24.19
C LEU A 232 -20.69 -7.42 -22.78
N LYS A 233 -20.95 -8.51 -22.06
CA LYS A 233 -21.45 -8.41 -20.70
C LYS A 233 -20.53 -9.23 -19.79
N PRO A 234 -19.82 -8.58 -18.86
CA PRO A 234 -18.92 -9.31 -17.95
C PRO A 234 -19.71 -10.41 -17.26
N ALA A 235 -19.11 -11.60 -17.11
CA ALA A 235 -19.82 -12.70 -16.51
C ALA A 235 -19.50 -13.02 -15.05
N MET A 236 -18.39 -12.54 -14.55
CA MET A 236 -18.00 -12.87 -13.19
C MET A 236 -17.94 -11.74 -12.19
N THR A 237 -18.36 -12.06 -10.97
CA THR A 237 -18.34 -11.13 -9.85
C THR A 237 -17.70 -11.87 -8.69
N TRP A 238 -16.74 -11.23 -8.04
CA TRP A 238 -16.06 -11.82 -6.87
C TRP A 238 -16.47 -10.92 -5.71
N GLU A 239 -17.11 -11.50 -4.71
CA GLU A 239 -17.57 -10.71 -3.58
C GLU A 239 -17.50 -11.46 -2.25
N ALA A 240 -17.42 -10.70 -1.16
CA ALA A 240 -17.33 -11.26 0.17
C ALA A 240 -18.27 -10.53 1.10
N LYS A 241 -18.51 -11.15 2.25
CA LYS A 241 -19.35 -10.57 3.27
C LYS A 241 -18.44 -10.18 4.42
N VAL A 242 -18.54 -8.92 4.84
CA VAL A 242 -17.73 -8.43 5.94
C VAL A 242 -17.99 -9.35 7.13
N SER A 243 -16.92 -9.83 7.74
CA SER A 243 -17.05 -10.74 8.88
C SER A 243 -17.12 -10.00 10.21
N VAL A 244 -16.46 -8.84 10.28
CA VAL A 244 -16.47 -8.06 11.52
C VAL A 244 -16.09 -6.60 11.26
N VAL A 245 -16.65 -5.70 12.07
CA VAL A 245 -16.36 -4.28 11.95
C VAL A 245 -15.74 -3.89 13.29
N LYS A 246 -14.53 -3.32 13.25
CA LYS A 246 -13.82 -2.96 14.46
C LYS A 246 -13.43 -1.48 14.54
N GLN A 247 -13.57 -0.91 15.74
CA GLN A 247 -13.22 0.48 15.98
C GLN A 247 -11.72 0.54 16.23
N ILE A 248 -11.01 1.39 15.49
CA ILE A 248 -9.56 1.51 15.66
C ILE A 248 -9.10 2.82 16.30
N GLU A 249 -9.89 3.88 16.12
CA GLU A 249 -9.52 5.15 16.70
C GLU A 249 -10.15 5.30 18.07
N ARG A 265 -12.48 8.70 15.83
CA ARG A 265 -13.54 7.69 15.76
C ARG A 265 -13.55 6.99 14.40
N GLY A 266 -12.51 6.20 14.17
CA GLY A 266 -12.37 5.48 12.92
C GLY A 266 -12.72 4.02 13.11
N PHE A 267 -12.99 3.35 12.00
CA PHE A 267 -13.36 1.94 12.01
C PHE A 267 -12.70 1.22 10.83
N VAL A 268 -12.51 -0.09 11.00
CA VAL A 268 -11.97 -0.92 9.93
C VAL A 268 -12.93 -2.10 9.82
N ALA A 269 -12.90 -2.79 8.69
CA ALA A 269 -13.76 -3.96 8.53
C ALA A 269 -12.90 -5.09 8.01
N VAL A 270 -13.14 -6.30 8.51
CA VAL A 270 -12.38 -7.45 8.10
C VAL A 270 -13.12 -8.15 6.96
N VAL A 271 -12.41 -8.42 5.88
CA VAL A 271 -12.97 -9.11 4.73
C VAL A 271 -12.35 -10.50 4.61
N PRO A 272 -13.20 -11.53 4.70
CA PRO A 272 -12.92 -12.97 4.63
C PRO A 272 -12.25 -13.50 3.36
N ALA A 273 -11.08 -12.98 3.02
CA ALA A 273 -10.35 -13.44 1.84
C ALA A 273 -8.88 -13.05 1.93
N GLY A 274 -8.00 -14.01 1.72
CA GLY A 274 -6.57 -13.75 1.79
C GLY A 274 -5.81 -14.27 0.59
N TYR A 275 -4.49 -14.35 0.69
CA TYR A 275 -3.71 -14.83 -0.44
C TYR A 275 -3.89 -16.31 -0.74
N ALA A 276 -4.57 -17.04 0.14
CA ALA A 276 -4.82 -18.46 -0.10
C ALA A 276 -6.11 -18.55 -0.90
N ASP A 277 -6.78 -17.42 -1.05
CA ASP A 277 -8.04 -17.35 -1.79
C ASP A 277 -7.91 -16.57 -3.09
N GLY A 278 -6.72 -16.07 -3.39
CA GLY A 278 -6.56 -15.33 -4.62
C GLY A 278 -6.19 -13.87 -4.49
N MET A 279 -6.21 -13.34 -3.27
CA MET A 279 -5.83 -11.96 -3.04
C MET A 279 -4.34 -11.95 -2.71
N PRO A 280 -3.50 -11.58 -3.68
CA PRO A 280 -2.04 -11.54 -3.50
C PRO A 280 -1.59 -10.59 -2.39
N ARG A 281 -0.50 -10.94 -1.72
CA ARG A 281 0.04 -10.09 -0.66
C ARG A 281 0.49 -8.76 -1.28
N HIS A 282 0.92 -8.80 -2.55
CA HIS A 282 1.35 -7.59 -3.24
C HIS A 282 0.19 -6.64 -3.52
N ALA A 283 -1.04 -7.14 -3.38
CA ALA A 283 -2.22 -6.31 -3.62
C ALA A 283 -2.36 -5.23 -2.56
N GLN A 284 -1.57 -5.33 -1.49
CA GLN A 284 -1.62 -4.38 -0.40
C GLN A 284 -1.51 -2.92 -0.84
N GLY A 285 -2.46 -2.10 -0.39
CA GLY A 285 -2.46 -0.69 -0.72
C GLY A 285 -2.72 -0.35 -2.18
N LYS A 286 -3.02 -1.37 -2.98
CA LYS A 286 -3.29 -1.13 -4.40
C LYS A 286 -4.77 -1.11 -4.73
N PHE A 287 -5.63 -1.48 -3.77
CA PHE A 287 -7.04 -1.55 -4.09
C PHE A 287 -8.03 -1.29 -2.96
N SER A 288 -9.29 -1.22 -3.36
CA SER A 288 -10.41 -1.01 -2.46
C SER A 288 -11.55 -1.89 -2.93
N VAL A 289 -12.51 -2.13 -2.04
CA VAL A 289 -13.67 -2.95 -2.40
C VAL A 289 -14.88 -2.03 -2.39
N THR A 290 -15.94 -2.46 -3.06
CA THR A 290 -17.14 -1.63 -3.12
C THR A 290 -18.27 -2.18 -2.27
N ILE A 291 -18.77 -1.35 -1.35
CA ILE A 291 -19.86 -1.73 -0.47
C ILE A 291 -21.01 -0.73 -0.65
N ASP A 292 -22.13 -1.23 -1.15
CA ASP A 292 -23.29 -0.39 -1.40
C ASP A 292 -22.91 0.74 -2.36
N GLY A 293 -22.09 0.41 -3.36
CA GLY A 293 -21.70 1.39 -4.35
C GLY A 293 -20.56 2.34 -4.02
N LEU A 294 -20.06 2.30 -2.79
CA LEU A 294 -18.96 3.18 -2.40
C LEU A 294 -17.66 2.42 -2.11
N ASP A 295 -16.53 3.02 -2.45
CA ASP A 295 -15.24 2.39 -2.25
C ASP A 295 -14.58 2.55 -0.88
N TYR A 296 -14.00 1.45 -0.40
CA TYR A 296 -13.30 1.43 0.88
C TYR A 296 -11.95 0.76 0.63
N PRO A 297 -10.86 1.49 0.90
CA PRO A 297 -9.46 1.09 0.73
C PRO A 297 -8.99 -0.06 1.61
N GLN A 298 -8.28 -1.01 1.01
CA GLN A 298 -7.71 -2.11 1.77
C GLN A 298 -6.51 -1.49 2.46
N VAL A 299 -6.28 -1.84 3.71
CA VAL A 299 -5.15 -1.29 4.44
C VAL A 299 -4.46 -2.38 5.24
N GLY A 300 -3.16 -2.18 5.48
CA GLY A 300 -2.40 -3.15 6.24
C GLY A 300 -1.97 -4.37 5.44
N ARG A 301 -1.49 -5.38 6.14
CA ARG A 301 -1.03 -6.58 5.47
C ARG A 301 -2.16 -7.53 5.08
N VAL A 302 -1.98 -8.21 3.96
CA VAL A 302 -2.95 -9.18 3.48
C VAL A 302 -2.51 -10.54 4.02
N CYS A 303 -3.30 -11.13 4.92
CA CYS A 303 -2.95 -12.42 5.50
C CYS A 303 -3.47 -13.58 4.68
N MET A 304 -3.24 -14.80 5.16
CA MET A 304 -3.67 -15.98 4.43
C MET A 304 -5.18 -16.09 4.23
N ASP A 305 -5.96 -15.69 5.23
CA ASP A 305 -7.42 -15.83 5.13
C ASP A 305 -8.22 -14.53 5.08
N GLN A 306 -7.56 -13.38 5.20
CA GLN A 306 -8.34 -12.16 5.19
C GLN A 306 -7.50 -10.90 5.03
N PHE A 307 -8.19 -9.80 4.75
CA PHE A 307 -7.56 -8.50 4.64
C PHE A 307 -8.49 -7.50 5.30
N VAL A 308 -7.97 -6.30 5.58
CA VAL A 308 -8.73 -5.26 6.25
C VAL A 308 -8.97 -4.02 5.38
N ILE A 309 -10.12 -3.38 5.55
CA ILE A 309 -10.39 -2.15 4.80
C ILE A 309 -10.64 -1.00 5.76
N SER A 310 -10.32 0.21 5.33
CA SER A 310 -10.52 1.39 6.16
C SER A 310 -11.92 1.97 5.91
N LEU A 311 -12.68 2.19 6.98
CA LEU A 311 -14.01 2.75 6.86
C LEU A 311 -14.08 4.22 7.26
N GLY A 312 -12.96 4.77 7.74
CA GLY A 312 -12.97 6.15 8.16
C GLY A 312 -13.92 6.18 9.36
N ASP A 313 -14.78 7.18 9.46
CA ASP A 313 -15.72 7.21 10.57
C ASP A 313 -16.97 6.39 10.26
N ASN A 314 -16.90 5.61 9.18
CA ASN A 314 -18.01 4.76 8.75
C ASN A 314 -19.32 5.53 8.66
N PRO A 315 -19.33 6.65 7.92
CA PRO A 315 -20.50 7.52 7.73
C PRO A 315 -21.72 6.78 7.23
N HIS A 316 -21.52 5.68 6.50
CA HIS A 316 -22.63 4.94 5.93
C HIS A 316 -23.05 3.70 6.71
N GLY A 317 -22.51 3.53 7.91
CA GLY A 317 -22.89 2.41 8.75
C GLY A 317 -22.70 1.01 8.21
N VAL A 318 -21.52 0.74 7.65
CA VAL A 318 -21.23 -0.59 7.15
C VAL A 318 -21.19 -1.50 8.37
N GLU A 319 -21.85 -2.66 8.27
CA GLU A 319 -21.88 -3.59 9.39
C GLU A 319 -21.40 -4.97 8.94
N ALA A 320 -21.03 -5.81 9.89
CA ALA A 320 -20.60 -7.16 9.55
C ALA A 320 -21.77 -7.71 8.74
N GLY A 321 -21.48 -8.53 7.73
CA GLY A 321 -22.53 -9.07 6.90
C GLY A 321 -22.69 -8.29 5.61
N ALA A 322 -22.13 -7.08 5.57
CA ALA A 322 -22.22 -6.25 4.37
C ALA A 322 -21.56 -6.91 3.18
N LYS A 323 -22.10 -6.65 1.99
CA LYS A 323 -21.55 -7.23 0.77
C LYS A 323 -20.43 -6.36 0.19
N ALA A 324 -19.22 -6.92 0.16
CA ALA A 324 -18.08 -6.20 -0.37
C ALA A 324 -17.71 -6.79 -1.71
N VAL A 325 -17.88 -6.00 -2.77
CA VAL A 325 -17.54 -6.46 -4.11
C VAL A 325 -16.06 -6.17 -4.41
N ILE A 326 -15.31 -7.22 -4.70
CA ILE A 326 -13.90 -7.07 -5.02
C ILE A 326 -13.83 -6.62 -6.48
N PHE A 327 -14.60 -7.27 -7.35
CA PHE A 327 -14.70 -6.85 -8.75
C PHE A 327 -15.96 -7.45 -9.40
N GLY A 328 -16.56 -6.73 -10.33
CA GLY A 328 -17.76 -7.21 -11.00
C GLY A 328 -19.00 -6.36 -10.79
N GLU A 329 -20.16 -7.00 -10.84
CA GLU A 329 -21.44 -6.33 -10.66
C GLU A 329 -21.47 -5.53 -9.38
N ASN A 330 -21.77 -4.24 -9.49
CA ASN A 330 -21.85 -3.34 -8.34
C ASN A 330 -20.49 -2.95 -7.77
N GLY A 331 -19.43 -3.19 -8.55
CA GLY A 331 -18.09 -2.84 -8.11
C GLY A 331 -17.25 -2.43 -9.30
N HIS A 332 -15.93 -2.53 -9.18
CA HIS A 332 -15.03 -2.18 -10.28
C HIS A 332 -15.02 -3.39 -11.22
N ASP A 333 -15.00 -3.15 -12.53
CA ASP A 333 -14.98 -4.28 -13.44
C ASP A 333 -13.62 -4.95 -13.36
N ALA A 334 -13.51 -6.14 -13.95
CA ALA A 334 -12.26 -6.89 -13.94
C ALA A 334 -11.06 -6.09 -14.44
N THR A 335 -11.25 -5.34 -15.53
CA THR A 335 -10.16 -4.55 -16.09
C THR A 335 -9.62 -3.54 -15.09
N ASP A 336 -10.54 -2.82 -14.44
CA ASP A 336 -10.16 -1.82 -13.46
C ASP A 336 -9.40 -2.49 -12.30
N PHE A 337 -9.96 -3.58 -11.79
CA PHE A 337 -9.31 -4.30 -10.70
C PHE A 337 -7.92 -4.76 -11.14
N ALA A 338 -7.83 -5.31 -12.34
CA ALA A 338 -6.56 -5.79 -12.87
C ALA A 338 -5.51 -4.67 -12.93
N GLU A 339 -5.90 -3.50 -13.40
CA GLU A 339 -4.98 -2.37 -13.49
C GLU A 339 -4.49 -1.99 -12.09
N ARG A 340 -5.43 -1.90 -11.15
CA ARG A 340 -5.10 -1.57 -9.77
C ARG A 340 -4.05 -2.52 -9.21
N LEU A 341 -4.13 -3.80 -9.57
CA LEU A 341 -3.18 -4.80 -9.07
C LEU A 341 -2.00 -5.05 -10.00
N ASP A 342 -1.84 -4.18 -10.98
CA ASP A 342 -0.75 -4.29 -11.95
C ASP A 342 -0.73 -5.62 -12.69
N THR A 343 -1.89 -6.02 -13.24
CA THR A 343 -2.00 -7.25 -14.01
C THR A 343 -3.01 -7.05 -15.12
N ILE A 344 -3.47 -8.16 -15.72
CA ILE A 344 -4.43 -8.07 -16.80
C ILE A 344 -5.71 -8.78 -16.44
N ASN A 345 -6.82 -8.40 -17.06
CA ASN A 345 -8.10 -9.03 -16.73
C ASN A 345 -8.08 -10.56 -16.85
N TYR A 346 -7.29 -11.11 -17.77
CA TYR A 346 -7.19 -12.56 -17.92
C TYR A 346 -6.83 -13.23 -16.60
N GLU A 347 -5.88 -12.65 -15.90
CA GLU A 347 -5.40 -13.18 -14.63
C GLU A 347 -6.37 -12.99 -13.47
N VAL A 348 -7.03 -11.83 -13.41
CA VAL A 348 -7.94 -11.59 -12.30
C VAL A 348 -9.10 -12.57 -12.29
N VAL A 349 -9.69 -12.88 -13.44
CA VAL A 349 -10.80 -13.82 -13.41
C VAL A 349 -10.33 -15.23 -13.03
N CYS A 350 -9.03 -15.47 -13.16
CA CYS A 350 -8.46 -16.77 -12.78
C CYS A 350 -8.07 -16.80 -11.31
N ARG A 351 -8.01 -15.64 -10.66
CA ARG A 351 -7.59 -15.58 -9.27
C ARG A 351 -8.51 -16.11 -8.17
N PRO A 352 -9.81 -15.82 -8.22
CA PRO A 352 -10.71 -16.32 -7.17
C PRO A 352 -10.56 -17.83 -7.00
N THR A 353 -10.11 -18.25 -5.83
CA THR A 353 -9.89 -19.66 -5.54
C THR A 353 -9.99 -19.92 -4.03
N GLY A 354 -9.41 -21.01 -3.57
CA GLY A 354 -9.41 -21.33 -2.16
C GLY A 354 -10.81 -21.56 -1.58
N ARG A 355 -11.15 -20.82 -0.53
CA ARG A 355 -12.46 -20.95 0.09
C ARG A 355 -13.55 -20.31 -0.76
N THR A 356 -13.17 -19.69 -1.88
CA THR A 356 -14.16 -19.07 -2.74
C THR A 356 -15.08 -20.17 -3.32
N VAL A 357 -16.38 -19.97 -3.20
CA VAL A 357 -17.38 -20.91 -3.69
C VAL A 357 -18.05 -20.32 -4.93
N ARG A 358 -18.09 -21.09 -6.01
CA ARG A 358 -18.68 -20.62 -7.25
C ARG A 358 -20.20 -20.77 -7.26
N ALA A 359 -20.91 -19.72 -7.66
CA ALA A 359 -22.36 -19.77 -7.73
C ALA A 359 -22.83 -19.26 -9.09
N TYR A 360 -23.86 -19.90 -9.65
CA TYR A 360 -24.38 -19.52 -10.94
C TYR A 360 -25.66 -18.73 -10.81
N VAL A 361 -25.75 -17.64 -11.58
CA VAL A 361 -26.91 -16.76 -11.56
C VAL A 361 -27.36 -16.38 -12.97
N MET B 1 -0.60 -39.78 -17.21
CA MET B 1 0.58 -38.96 -16.81
C MET B 1 0.25 -37.47 -16.87
N ASN B 2 0.53 -36.76 -15.78
CA ASN B 2 0.26 -35.33 -15.71
C ASN B 2 1.51 -34.48 -15.89
N LEU B 3 1.36 -33.40 -16.66
CA LEU B 3 2.49 -32.52 -16.95
C LEU B 3 2.80 -31.51 -15.84
N LEU B 4 1.84 -31.29 -14.95
CA LEU B 4 2.04 -30.34 -13.87
C LEU B 4 1.52 -30.88 -12.55
N THR B 5 2.39 -31.00 -11.57
CA THR B 5 1.96 -31.54 -10.28
C THR B 5 2.71 -30.99 -9.08
N THR B 6 2.17 -31.27 -7.90
CA THR B 6 2.81 -30.92 -6.66
C THR B 6 3.01 -32.25 -5.96
N LYS B 7 4.24 -32.55 -5.55
CA LYS B 7 4.53 -33.79 -4.84
C LYS B 7 4.41 -33.49 -3.36
N ILE B 8 3.54 -34.21 -2.67
CA ILE B 8 3.38 -34.02 -1.25
C ILE B 8 3.98 -35.19 -0.50
N ASP B 9 5.08 -34.95 0.18
CA ASP B 9 5.76 -35.97 0.96
C ASP B 9 5.10 -36.10 2.32
N LEU B 10 4.27 -37.11 2.50
CA LEU B 10 3.57 -37.33 3.76
C LEU B 10 4.51 -37.72 4.91
N ASP B 11 5.56 -38.48 4.60
CA ASP B 11 6.51 -38.89 5.64
C ASP B 11 7.16 -37.65 6.22
N ALA B 12 7.42 -36.66 5.37
CA ALA B 12 8.02 -35.41 5.82
C ALA B 12 7.06 -34.75 6.81
N ILE B 13 5.77 -34.84 6.53
CA ILE B 13 4.75 -34.26 7.41
C ILE B 13 4.72 -34.98 8.76
N ALA B 14 4.79 -36.31 8.73
CA ALA B 14 4.79 -37.08 9.97
C ALA B 14 6.01 -36.66 10.78
N HIS B 15 7.16 -36.59 10.10
CA HIS B 15 8.41 -36.19 10.74
C HIS B 15 8.24 -34.84 11.42
N ASN B 16 7.76 -33.87 10.66
CA ASN B 16 7.53 -32.52 11.16
C ASN B 16 6.60 -32.56 12.37
N THR B 17 5.59 -33.42 12.30
CA THR B 17 4.63 -33.55 13.39
C THR B 17 5.34 -34.05 14.65
N ARG B 18 6.21 -35.04 14.49
CA ARG B 18 6.96 -35.60 15.62
C ARG B 18 7.90 -34.55 16.22
N VAL B 19 8.57 -33.79 15.36
CA VAL B 19 9.49 -32.75 15.82
C VAL B 19 8.75 -31.64 16.57
N LEU B 20 7.53 -31.34 16.14
CA LEU B 20 6.76 -30.31 16.81
C LEU B 20 6.19 -30.84 18.13
N LYS B 21 5.82 -32.11 18.13
CA LYS B 21 5.27 -32.72 19.33
C LYS B 21 6.35 -32.72 20.42
N GLN B 22 7.56 -33.12 20.05
CA GLN B 22 8.64 -33.15 21.03
C GLN B 22 8.87 -31.74 21.58
N MET B 23 8.88 -30.75 20.70
CA MET B 23 9.09 -29.35 21.10
C MET B 23 7.99 -28.76 21.97
N ALA B 24 6.77 -29.29 21.84
CA ALA B 24 5.65 -28.77 22.61
C ALA B 24 5.72 -29.21 24.08
N GLY B 25 6.30 -30.39 24.31
CA GLY B 25 6.41 -30.88 25.68
C GLY B 25 5.03 -31.20 26.26
N PRO B 26 4.70 -30.65 27.43
CA PRO B 26 3.42 -30.87 28.11
C PRO B 26 2.24 -30.13 27.46
N ALA B 27 2.56 -29.10 26.67
CA ALA B 27 1.52 -28.32 25.99
C ALA B 27 0.86 -29.12 24.89
N LYS B 28 -0.43 -28.89 24.68
CA LYS B 28 -1.15 -29.60 23.62
C LYS B 28 -0.74 -29.05 22.26
N LEU B 29 -0.81 -29.90 21.24
CA LEU B 29 -0.42 -29.50 19.89
C LEU B 29 -1.62 -29.39 18.96
N MET B 30 -1.98 -28.16 18.60
CA MET B 30 -3.08 -27.92 17.66
C MET B 30 -2.45 -27.69 16.30
N ALA B 31 -2.79 -28.53 15.33
CA ALA B 31 -2.24 -28.38 13.98
C ALA B 31 -3.14 -27.49 13.13
N VAL B 32 -2.59 -26.37 12.65
CA VAL B 32 -3.38 -25.49 11.82
C VAL B 32 -3.34 -25.97 10.38
N VAL B 33 -4.48 -26.48 9.90
CA VAL B 33 -4.56 -27.01 8.55
C VAL B 33 -5.59 -26.32 7.66
N LYS B 34 -5.79 -25.04 7.89
CA LYS B 34 -6.73 -24.25 7.09
C LYS B 34 -6.20 -24.17 5.64
N ALA B 35 -7.03 -23.64 4.73
CA ALA B 35 -6.62 -23.51 3.33
C ALA B 35 -6.22 -24.85 2.72
N ASN B 36 -6.95 -25.91 3.08
CA ASN B 36 -6.67 -27.24 2.59
C ASN B 36 -5.25 -27.66 2.96
N ALA B 37 -4.92 -27.50 4.24
CA ALA B 37 -3.61 -27.87 4.74
C ALA B 37 -2.53 -27.07 4.00
N TYR B 38 -2.73 -25.76 3.91
CA TYR B 38 -1.80 -24.87 3.23
C TYR B 38 -1.53 -25.37 1.82
N ASN B 39 -2.60 -25.80 1.15
CA ASN B 39 -2.53 -26.29 -0.22
C ASN B 39 -1.88 -27.66 -0.36
N HIS B 40 -1.59 -28.34 0.75
CA HIS B 40 -0.96 -29.67 0.69
C HIS B 40 -1.95 -30.83 0.61
N GLY B 41 -3.25 -30.54 0.70
CA GLY B 41 -4.25 -31.60 0.64
C GLY B 41 -4.62 -32.10 2.03
N VAL B 42 -5.55 -31.40 2.67
CA VAL B 42 -5.97 -31.75 4.03
C VAL B 42 -6.56 -33.15 4.16
N GLU B 43 -7.16 -33.65 3.08
CA GLU B 43 -7.76 -34.97 3.11
C GLU B 43 -6.73 -36.06 3.41
N LYS B 44 -5.48 -35.81 3.02
CA LYS B 44 -4.40 -36.75 3.26
C LYS B 44 -3.50 -36.29 4.41
N VAL B 45 -3.25 -34.98 4.50
CA VAL B 45 -2.38 -34.43 5.52
C VAL B 45 -2.88 -34.54 6.95
N ALA B 46 -4.12 -34.11 7.20
CA ALA B 46 -4.70 -34.15 8.54
C ALA B 46 -4.62 -35.52 9.22
N PRO B 47 -4.94 -36.59 8.48
CA PRO B 47 -4.89 -37.92 9.12
C PRO B 47 -3.47 -38.30 9.53
N VAL B 48 -2.49 -37.90 8.72
CA VAL B 48 -1.11 -38.21 9.05
C VAL B 48 -0.69 -37.43 10.28
N ILE B 49 -1.07 -36.16 10.32
CA ILE B 49 -0.74 -35.33 11.47
C ILE B 49 -1.41 -35.87 12.72
N ALA B 50 -2.63 -36.39 12.54
CA ALA B 50 -3.37 -36.93 13.67
C ALA B 50 -2.69 -38.18 14.21
N ALA B 51 -2.24 -39.04 13.30
CA ALA B 51 -1.59 -40.29 13.65
C ALA B 51 -0.22 -40.09 14.29
N HIS B 52 0.26 -38.85 14.34
CA HIS B 52 1.57 -38.62 14.96
C HIS B 52 1.62 -37.69 16.14
N GLY B 53 0.51 -37.52 16.84
CA GLY B 53 0.54 -36.68 18.02
C GLY B 53 -0.35 -35.47 18.15
N ALA B 54 -0.86 -34.94 17.04
CA ALA B 54 -1.72 -33.77 17.12
C ALA B 54 -2.84 -33.95 18.14
N ASP B 55 -2.99 -32.98 19.03
CA ASP B 55 -4.02 -33.01 20.06
C ASP B 55 -5.29 -32.35 19.56
N ALA B 56 -5.14 -31.50 18.55
CA ALA B 56 -6.28 -30.78 18.01
C ALA B 56 -5.93 -30.18 16.64
N PHE B 57 -6.93 -29.59 15.99
CA PHE B 57 -6.74 -28.97 14.69
C PHE B 57 -7.41 -27.61 14.64
N GLY B 58 -6.80 -26.68 13.92
CA GLY B 58 -7.36 -25.36 13.79
C GLY B 58 -7.59 -25.03 12.33
N VAL B 59 -8.77 -24.47 12.03
CA VAL B 59 -9.08 -24.06 10.67
C VAL B 59 -9.77 -22.71 10.72
N ALA B 60 -9.90 -22.09 9.55
CA ALA B 60 -10.54 -20.79 9.48
C ALA B 60 -12.05 -20.86 9.41
N THR B 61 -12.57 -21.60 8.43
CA THR B 61 -14.02 -21.67 8.23
C THR B 61 -14.78 -22.87 8.73
N LEU B 62 -16.10 -22.70 8.78
CA LEU B 62 -17.05 -23.72 9.21
C LEU B 62 -16.90 -24.91 8.27
N ALA B 63 -16.84 -24.61 6.97
CA ALA B 63 -16.71 -25.64 5.96
C ALA B 63 -15.43 -26.46 6.11
N GLU B 64 -14.32 -25.81 6.47
CA GLU B 64 -13.06 -26.54 6.64
C GLU B 64 -13.16 -27.42 7.88
N ALA B 65 -13.74 -26.89 8.94
CA ALA B 65 -13.88 -27.66 10.17
C ALA B 65 -14.76 -28.89 9.89
N MET B 66 -15.85 -28.69 9.17
CA MET B 66 -16.75 -29.80 8.84
C MET B 66 -16.06 -30.83 7.95
N GLN B 67 -15.16 -30.37 7.08
CA GLN B 67 -14.42 -31.26 6.19
C GLN B 67 -13.50 -32.16 7.02
N LEU B 68 -12.96 -31.62 8.11
CA LEU B 68 -12.09 -32.40 8.98
C LEU B 68 -12.86 -33.55 9.61
N ARG B 69 -14.08 -33.27 10.07
CA ARG B 69 -14.90 -34.29 10.68
C ARG B 69 -15.24 -35.33 9.62
N ASP B 70 -15.46 -34.85 8.39
CA ASP B 70 -15.79 -35.74 7.26
C ASP B 70 -14.72 -36.80 7.00
N ILE B 71 -13.45 -36.41 7.02
CA ILE B 71 -12.39 -37.37 6.76
C ILE B 71 -12.13 -38.29 7.96
N GLY B 72 -12.79 -38.02 9.07
CA GLY B 72 -12.63 -38.87 10.24
C GLY B 72 -11.81 -38.33 11.38
N ILE B 73 -11.40 -37.06 11.29
CA ILE B 73 -10.63 -36.47 12.37
C ILE B 73 -11.53 -36.44 13.58
N SER B 74 -11.09 -37.06 14.68
CA SER B 74 -11.88 -37.11 15.90
C SER B 74 -11.30 -36.20 16.98
N GLN B 75 -10.17 -35.57 16.69
CA GLN B 75 -9.56 -34.66 17.66
C GLN B 75 -10.36 -33.36 17.77
N GLU B 76 -10.05 -32.60 18.82
CA GLU B 76 -10.66 -31.30 19.06
C GLU B 76 -10.41 -30.44 17.81
N VAL B 77 -11.44 -29.73 17.34
CA VAL B 77 -11.31 -28.88 16.15
C VAL B 77 -11.81 -27.46 16.45
N LEU B 78 -11.00 -26.46 16.12
CA LEU B 78 -11.36 -25.06 16.34
C LEU B 78 -11.50 -24.30 15.01
N CYS B 79 -12.56 -23.50 14.91
CA CYS B 79 -12.86 -22.71 13.73
C CYS B 79 -12.97 -21.24 14.16
N TRP B 80 -12.30 -20.33 13.46
CA TRP B 80 -12.36 -18.93 13.87
C TRP B 80 -12.89 -17.87 12.90
N ILE B 81 -13.35 -18.30 11.72
CA ILE B 81 -13.90 -17.33 10.76
C ILE B 81 -15.27 -17.79 10.30
N TRP B 82 -16.30 -17.22 10.91
CA TRP B 82 -17.69 -17.53 10.59
C TRP B 82 -18.53 -16.35 11.04
N THR B 83 -19.79 -16.33 10.62
CA THR B 83 -20.70 -15.26 11.03
C THR B 83 -21.99 -15.91 11.46
N PRO B 84 -22.75 -15.25 12.34
CA PRO B 84 -24.02 -15.75 12.85
C PRO B 84 -25.05 -15.99 11.75
N GLU B 85 -24.78 -15.44 10.58
CA GLU B 85 -25.69 -15.58 9.45
C GLU B 85 -25.54 -16.94 8.78
N GLN B 86 -24.42 -17.62 9.06
CA GLN B 86 -24.19 -18.93 8.48
C GLN B 86 -24.80 -20.00 9.37
N ASP B 87 -24.81 -21.24 8.90
CA ASP B 87 -25.35 -22.34 9.68
C ASP B 87 -24.27 -22.85 10.64
N PHE B 88 -23.93 -22.05 11.64
CA PHE B 88 -22.90 -22.45 12.60
C PHE B 88 -23.40 -23.57 13.49
N ARG B 89 -24.73 -23.68 13.61
CA ARG B 89 -25.35 -24.73 14.42
C ARG B 89 -24.95 -26.08 13.85
N ALA B 90 -24.79 -26.15 12.53
CA ALA B 90 -24.39 -27.37 11.86
C ALA B 90 -23.00 -27.79 12.35
N ALA B 91 -22.16 -26.82 12.67
CA ALA B 91 -20.82 -27.10 13.14
C ALA B 91 -20.90 -27.61 14.59
N ILE B 92 -21.68 -26.91 15.40
CA ILE B 92 -21.87 -27.30 16.79
C ILE B 92 -22.30 -28.76 16.85
N ASP B 93 -23.24 -29.13 15.99
CA ASP B 93 -23.75 -30.49 15.92
C ASP B 93 -22.65 -31.51 15.60
N ARG B 94 -21.59 -31.03 14.96
CA ARG B 94 -20.47 -31.90 14.58
C ARG B 94 -19.31 -31.79 15.57
N ASN B 95 -19.59 -31.30 16.77
CA ASN B 95 -18.58 -31.15 17.81
C ASN B 95 -17.41 -30.28 17.36
N ILE B 96 -17.73 -29.18 16.70
CA ILE B 96 -16.72 -28.24 16.25
C ILE B 96 -16.73 -27.04 17.20
N ASP B 97 -15.56 -26.71 17.76
CA ASP B 97 -15.46 -25.57 18.65
C ASP B 97 -15.53 -24.30 17.81
N LEU B 98 -16.26 -23.30 18.31
CA LEU B 98 -16.38 -22.03 17.59
C LEU B 98 -15.74 -20.92 18.40
N ALA B 99 -15.00 -20.06 17.71
CA ALA B 99 -14.38 -18.93 18.39
C ALA B 99 -15.39 -17.79 18.53
N VAL B 100 -15.36 -17.11 19.66
CA VAL B 100 -16.23 -15.97 19.88
C VAL B 100 -15.36 -14.80 19.41
N ILE B 101 -15.69 -14.22 18.25
CA ILE B 101 -14.88 -13.13 17.72
C ILE B 101 -15.48 -11.73 17.85
N SER B 102 -16.73 -11.64 18.27
CA SER B 102 -17.40 -10.36 18.47
C SER B 102 -18.61 -10.60 19.37
N PRO B 103 -19.13 -9.53 19.99
CA PRO B 103 -20.29 -9.64 20.87
C PRO B 103 -21.48 -10.29 20.18
N ALA B 104 -21.65 -9.99 18.89
CA ALA B 104 -22.76 -10.56 18.14
C ALA B 104 -22.64 -12.08 18.06
N HIS B 105 -21.41 -12.57 17.94
CA HIS B 105 -21.15 -14.01 17.86
C HIS B 105 -21.50 -14.64 19.21
N ALA B 106 -21.11 -13.97 20.28
CA ALA B 106 -21.40 -14.46 21.62
C ALA B 106 -22.93 -14.55 21.76
N LYS B 107 -23.62 -13.50 21.31
CA LYS B 107 -25.07 -13.45 21.40
C LYS B 107 -25.75 -14.59 20.66
N ALA B 108 -25.30 -14.85 19.43
CA ALA B 108 -25.87 -15.91 18.62
C ALA B 108 -25.69 -17.28 19.27
N LEU B 109 -24.56 -17.46 19.96
CA LEU B 109 -24.27 -18.73 20.61
C LEU B 109 -25.12 -18.93 21.85
N ILE B 110 -25.24 -17.89 22.67
CA ILE B 110 -26.02 -17.95 23.89
C ILE B 110 -27.50 -18.20 23.57
N GLU B 111 -27.95 -17.64 22.45
CA GLU B 111 -29.34 -17.80 22.07
C GLU B 111 -29.59 -19.08 21.27
N THR B 112 -28.56 -19.92 21.16
CA THR B 112 -28.68 -21.19 20.44
C THR B 112 -29.06 -22.30 21.41
N ASP B 113 -30.12 -23.02 21.08
CA ASP B 113 -30.58 -24.11 21.95
C ASP B 113 -29.95 -25.44 21.58
N ALA B 114 -28.75 -25.66 22.09
CA ALA B 114 -28.00 -26.90 21.89
C ALA B 114 -27.52 -27.31 23.27
N GLU B 115 -27.40 -28.62 23.49
CA GLU B 115 -26.98 -29.17 24.78
C GLU B 115 -25.70 -28.58 25.37
N HIS B 116 -24.58 -28.76 24.69
CA HIS B 116 -23.30 -28.27 25.21
C HIS B 116 -22.41 -27.70 24.11
N ILE B 117 -22.31 -26.38 24.06
CA ILE B 117 -21.54 -25.69 23.03
C ILE B 117 -20.13 -25.29 23.47
N ARG B 118 -19.11 -25.86 22.82
CA ARG B 118 -17.72 -25.54 23.13
C ARG B 118 -17.29 -24.30 22.36
N VAL B 119 -16.82 -23.28 23.07
CA VAL B 119 -16.36 -22.06 22.44
C VAL B 119 -14.99 -21.64 22.96
N SER B 120 -14.30 -20.85 22.16
CA SER B 120 -13.00 -20.32 22.54
C SER B 120 -13.08 -18.84 22.23
N ILE B 121 -12.77 -18.00 23.21
CA ILE B 121 -12.87 -16.56 22.99
C ILE B 121 -11.66 -16.01 22.26
N LYS B 122 -11.89 -15.45 21.07
CA LYS B 122 -10.81 -14.85 20.31
C LYS B 122 -10.66 -13.45 20.86
N ILE B 123 -9.45 -13.15 21.35
CA ILE B 123 -9.18 -11.85 21.95
C ILE B 123 -8.44 -10.88 21.03
N ASP B 124 -8.98 -9.68 20.88
CA ASP B 124 -8.32 -8.66 20.08
C ASP B 124 -7.31 -8.08 21.07
N SER B 125 -6.06 -8.52 20.96
CA SER B 125 -5.02 -8.05 21.88
C SER B 125 -4.25 -6.82 21.39
N GLY B 126 -4.83 -6.07 20.46
CA GLY B 126 -4.13 -4.89 19.98
C GLY B 126 -4.05 -4.70 18.49
N LEU B 127 -4.21 -5.79 17.73
CA LEU B 127 -4.14 -5.70 16.28
C LEU B 127 -5.35 -4.99 15.69
N HIS B 128 -6.45 -4.97 16.44
CA HIS B 128 -7.67 -4.32 15.99
C HIS B 128 -8.24 -4.92 14.71
N ARG B 129 -8.03 -6.20 14.57
CA ARG B 129 -8.63 -6.95 13.48
C ARG B 129 -9.92 -7.64 13.91
N SER B 130 -9.89 -8.93 13.96
CA SER B 130 -11.04 -9.69 14.45
C SER B 130 -10.89 -9.98 15.94
N GLY B 131 -11.96 -10.42 16.58
CA GLY B 131 -11.87 -10.73 18.00
C GLY B 131 -12.47 -9.66 18.89
N VAL B 132 -12.80 -10.04 20.12
CA VAL B 132 -13.40 -9.15 21.10
C VAL B 132 -12.32 -8.24 21.68
N ASP B 133 -12.55 -6.93 21.65
CA ASP B 133 -11.56 -6.00 22.19
C ASP B 133 -11.86 -5.63 23.63
N GLU B 134 -10.85 -5.07 24.29
CA GLU B 134 -10.89 -4.67 25.69
C GLU B 134 -12.21 -4.08 26.20
N GLN B 135 -12.76 -3.11 25.46
CA GLN B 135 -14.01 -2.48 25.89
C GLN B 135 -15.20 -3.45 25.90
N GLU B 136 -15.09 -4.54 25.15
CA GLU B 136 -16.17 -5.52 25.07
C GLU B 136 -15.98 -6.73 26.00
N TRP B 137 -14.76 -6.93 26.48
CA TRP B 137 -14.46 -8.08 27.35
C TRP B 137 -15.45 -8.27 28.49
N GLU B 138 -15.68 -7.21 29.25
CA GLU B 138 -16.60 -7.25 30.38
C GLU B 138 -17.95 -7.87 30.02
N GLY B 139 -18.63 -7.25 29.05
CA GLY B 139 -19.93 -7.75 28.64
C GLY B 139 -19.94 -9.17 28.14
N VAL B 140 -19.00 -9.50 27.26
CA VAL B 140 -18.89 -10.84 26.69
C VAL B 140 -18.63 -11.93 27.73
N PHE B 141 -17.68 -11.70 28.64
CA PHE B 141 -17.38 -12.71 29.64
C PHE B 141 -18.60 -12.90 30.54
N SER B 142 -19.25 -11.79 30.89
CA SER B 142 -20.43 -11.86 31.75
C SER B 142 -21.54 -12.64 31.08
N ALA B 143 -21.77 -12.38 29.80
CA ALA B 143 -22.80 -13.05 29.04
C ALA B 143 -22.55 -14.55 28.91
N LEU B 144 -21.34 -14.92 28.52
CA LEU B 144 -21.00 -16.34 28.36
C LEU B 144 -21.04 -17.10 29.69
N ALA B 145 -20.66 -16.45 30.78
CA ALA B 145 -20.66 -17.10 32.09
C ALA B 145 -22.07 -17.44 32.52
N ALA B 146 -23.04 -16.61 32.12
CA ALA B 146 -24.43 -16.82 32.48
C ALA B 146 -25.10 -17.91 31.65
N ALA B 147 -24.45 -18.35 30.58
CA ALA B 147 -25.01 -19.37 29.70
C ALA B 147 -24.64 -20.80 30.11
N PRO B 148 -25.62 -21.55 30.63
CA PRO B 148 -25.48 -22.93 31.08
C PRO B 148 -24.91 -23.87 30.02
N HIS B 149 -25.55 -23.88 28.87
CA HIS B 149 -25.16 -24.75 27.75
C HIS B 149 -23.84 -24.42 27.08
N ILE B 150 -23.22 -23.30 27.44
CA ILE B 150 -21.96 -22.93 26.81
C ILE B 150 -20.74 -23.21 27.69
N GLU B 151 -19.74 -23.89 27.12
CA GLU B 151 -18.52 -24.15 27.88
C GLU B 151 -17.35 -23.41 27.24
N VAL B 152 -16.84 -22.40 27.93
CA VAL B 152 -15.72 -21.65 27.43
C VAL B 152 -14.48 -22.47 27.75
N THR B 153 -13.90 -23.10 26.72
CA THR B 153 -12.73 -23.95 26.91
C THR B 153 -11.45 -23.15 27.12
N GLY B 154 -11.50 -21.86 26.78
CA GLY B 154 -10.34 -20.99 26.94
C GLY B 154 -10.41 -19.80 26.01
N MET B 155 -9.29 -19.10 25.87
CA MET B 155 -9.20 -17.95 24.98
C MET B 155 -7.86 -17.98 24.25
N PHE B 156 -7.79 -17.26 23.14
CA PHE B 156 -6.57 -17.23 22.36
C PHE B 156 -6.48 -15.90 21.63
N THR B 157 -5.28 -15.56 21.21
CA THR B 157 -5.07 -14.34 20.46
C THR B 157 -4.09 -14.74 19.38
N HIS B 158 -4.06 -13.99 18.30
CA HIS B 158 -3.17 -14.33 17.23
C HIS B 158 -2.05 -13.31 17.22
N LEU B 159 -0.89 -13.70 17.72
CA LEU B 159 0.22 -12.77 17.69
C LEU B 159 0.37 -12.45 16.22
N ALA B 160 -0.17 -11.33 15.75
CA ALA B 160 0.02 -10.96 14.34
C ALA B 160 1.51 -11.20 14.24
N CYS B 161 2.05 -11.50 13.06
CA CYS B 161 3.48 -11.76 13.01
C CYS B 161 4.43 -10.59 13.09
N ALA B 162 4.82 -10.32 14.33
CA ALA B 162 5.77 -9.29 14.64
C ALA B 162 6.83 -10.11 15.37
N PRO B 168 8.82 -6.77 21.42
CA PRO B 168 8.15 -5.48 21.19
C PRO B 168 6.64 -5.63 21.10
N GLU B 169 6.14 -5.73 19.88
CA GLU B 169 4.72 -5.89 19.60
C GLU B 169 4.12 -7.11 20.31
N THR B 170 4.77 -8.25 20.15
CA THR B 170 4.31 -9.50 20.75
C THR B 170 4.09 -9.41 22.26
N ASP B 171 5.08 -8.95 22.99
CA ASP B 171 4.95 -8.84 24.43
C ASP B 171 3.84 -7.89 24.85
N ARG B 172 3.62 -6.85 24.05
CA ARG B 172 2.55 -5.90 24.38
C ARG B 172 1.22 -6.63 24.24
N GLN B 173 1.12 -7.51 23.25
CA GLN B 173 -0.10 -8.28 23.03
C GLN B 173 -0.34 -9.25 24.18
N ILE B 174 0.73 -9.89 24.66
CA ILE B 174 0.62 -10.85 25.75
C ILE B 174 0.12 -10.16 27.01
N ILE B 175 0.61 -8.95 27.27
CA ILE B 175 0.17 -8.22 28.45
C ILE B 175 -1.35 -8.03 28.39
N ALA B 176 -1.84 -7.55 27.26
CA ALA B 176 -3.27 -7.32 27.08
C ALA B 176 -4.06 -8.63 27.15
N PHE B 177 -3.49 -9.70 26.61
CA PHE B 177 -4.14 -11.01 26.63
C PHE B 177 -4.30 -11.50 28.07
N ARG B 178 -3.25 -11.34 28.88
CA ARG B 178 -3.29 -11.79 30.27
C ARG B 178 -4.28 -10.96 31.09
N ARG B 179 -4.50 -9.72 30.66
CA ARG B 179 -5.43 -8.84 31.32
C ARG B 179 -6.84 -9.38 31.07
N ALA B 180 -7.05 -9.85 29.83
CA ALA B 180 -8.34 -10.40 29.44
C ALA B 180 -8.62 -11.71 30.17
N LEU B 181 -7.61 -12.58 30.23
CA LEU B 181 -7.74 -13.87 30.89
C LEU B 181 -8.07 -13.73 32.38
N ALA B 182 -7.44 -12.76 33.03
CA ALA B 182 -7.69 -12.53 34.45
C ALA B 182 -9.12 -12.03 34.65
N LEU B 183 -9.57 -11.16 33.76
CA LEU B 183 -10.91 -10.59 33.83
C LEU B 183 -11.94 -11.70 33.59
N ALA B 184 -11.62 -12.63 32.69
CA ALA B 184 -12.52 -13.73 32.36
C ALA B 184 -12.70 -14.67 33.55
N ARG B 185 -11.58 -15.03 34.19
CA ARG B 185 -11.64 -15.92 35.34
C ARG B 185 -12.30 -15.22 36.53
N LYS B 186 -12.13 -13.91 36.60
CA LYS B 186 -12.75 -13.14 37.67
C LYS B 186 -14.26 -13.23 37.48
N HIS B 187 -14.68 -13.49 36.24
CA HIS B 187 -16.10 -13.61 35.91
C HIS B 187 -16.60 -15.04 36.03
N GLY B 188 -15.73 -15.95 36.43
CA GLY B 188 -16.13 -17.33 36.57
C GLY B 188 -15.80 -18.21 35.39
N LEU B 189 -15.10 -17.67 34.40
CA LEU B 189 -14.73 -18.47 33.23
C LEU B 189 -13.33 -19.04 33.47
N GLU B 190 -13.28 -20.34 33.76
CA GLU B 190 -12.02 -21.02 34.02
C GLU B 190 -10.99 -20.82 32.91
N CYS B 191 -11.42 -20.91 31.65
CA CYS B 191 -10.49 -20.78 30.52
C CYS B 191 -9.31 -21.72 30.71
N PRO B 192 -9.58 -23.03 30.83
CA PRO B 192 -8.63 -24.12 31.04
C PRO B 192 -7.50 -24.23 30.01
N VAL B 193 -7.84 -24.04 28.73
CA VAL B 193 -6.85 -24.19 27.67
C VAL B 193 -6.74 -22.94 26.81
N ASN B 194 -5.61 -22.25 26.92
CA ASN B 194 -5.38 -21.04 26.17
C ASN B 194 -4.18 -21.20 25.25
N HIS B 195 -4.14 -20.39 24.19
CA HIS B 195 -3.06 -20.44 23.23
C HIS B 195 -2.85 -19.14 22.47
N VAL B 196 -1.60 -18.88 22.09
CA VAL B 196 -1.24 -17.67 21.35
C VAL B 196 -0.17 -17.95 20.30
N CYS B 197 0.60 -19.02 20.50
CA CYS B 197 1.71 -19.37 19.62
C CYS B 197 1.47 -19.96 18.23
N ASN B 198 1.89 -19.21 17.21
CA ASN B 198 1.82 -19.65 15.83
C ASN B 198 3.24 -20.17 15.59
N SER B 199 3.57 -20.62 14.38
CA SER B 199 4.92 -21.15 14.13
C SER B 199 6.11 -20.28 14.57
N PRO B 200 6.13 -19.01 14.15
CA PRO B 200 7.25 -18.15 14.54
C PRO B 200 7.44 -18.02 16.06
N ALA B 201 6.35 -17.72 16.77
CA ALA B 201 6.42 -17.59 18.22
C ALA B 201 6.78 -18.91 18.89
N PHE B 202 6.13 -20.00 18.45
CA PHE B 202 6.38 -21.33 19.00
C PHE B 202 7.84 -21.75 18.89
N LEU B 203 8.44 -21.49 17.74
CA LEU B 203 9.83 -21.88 17.51
C LEU B 203 10.84 -20.92 18.13
N THR B 204 10.37 -19.98 18.96
CA THR B 204 11.28 -19.03 19.59
C THR B 204 10.86 -18.50 20.96
N ARG B 205 9.62 -18.77 21.37
CA ARG B 205 9.12 -18.31 22.66
C ARG B 205 8.50 -19.45 23.45
N SER B 206 9.34 -20.25 24.09
CA SER B 206 8.84 -21.37 24.88
C SER B 206 8.10 -20.87 26.11
N ASP B 207 8.35 -19.62 26.47
CA ASP B 207 7.68 -19.03 27.62
C ASP B 207 6.22 -18.71 27.31
N LEU B 208 5.83 -18.84 26.05
CA LEU B 208 4.46 -18.54 25.66
C LEU B 208 3.65 -19.77 25.24
N HIS B 209 4.15 -20.96 25.56
CA HIS B 209 3.43 -22.18 25.19
C HIS B 209 2.05 -22.30 25.83
N MET B 210 1.91 -21.80 27.06
CA MET B 210 0.63 -21.89 27.75
C MET B 210 0.17 -23.34 27.75
N GLU B 211 -1.13 -23.57 27.61
CA GLU B 211 -1.62 -24.95 27.61
C GLU B 211 -1.62 -25.57 26.21
N MET B 212 -1.56 -24.73 25.19
CA MET B 212 -1.58 -25.23 23.83
C MET B 212 -0.90 -24.26 22.86
N VAL B 213 -0.29 -24.82 21.82
CA VAL B 213 0.38 -24.04 20.79
C VAL B 213 -0.30 -24.42 19.48
N ARG B 214 -0.38 -23.50 18.52
CA ARG B 214 -1.04 -23.80 17.26
C ARG B 214 -0.24 -23.41 16.03
N PRO B 215 0.80 -24.19 15.71
CA PRO B 215 1.61 -23.87 14.54
C PRO B 215 1.00 -24.48 13.28
N GLY B 216 1.21 -23.80 12.17
CA GLY B 216 0.72 -24.30 10.90
C GLY B 216 1.91 -24.57 10.00
N LEU B 217 2.50 -23.49 9.53
CA LEU B 217 3.66 -23.50 8.64
C LEU B 217 4.70 -24.58 8.90
N ALA B 218 5.10 -24.74 10.16
CA ALA B 218 6.11 -25.74 10.51
C ALA B 218 5.76 -27.20 10.17
N PHE B 219 4.48 -27.54 10.19
CA PHE B 219 4.07 -28.91 9.87
C PHE B 219 4.41 -29.27 8.43
N TYR B 220 4.48 -28.25 7.59
CA TYR B 220 4.77 -28.43 6.17
C TYR B 220 6.26 -28.34 5.89
N GLY B 221 7.05 -28.24 6.96
CA GLY B 221 8.50 -28.19 6.84
C GLY B 221 9.15 -26.89 6.43
N LEU B 222 8.46 -25.77 6.64
CA LEU B 222 9.04 -24.47 6.28
C LEU B 222 9.36 -23.65 7.53
N GLU B 223 10.48 -22.92 7.48
CA GLU B 223 10.92 -22.09 8.60
C GLU B 223 10.34 -20.68 8.53
N PRO B 224 9.71 -20.23 9.62
CA PRO B 224 9.07 -18.92 9.76
C PRO B 224 10.07 -17.77 9.84
N VAL B 225 11.22 -18.02 10.46
CA VAL B 225 12.24 -17.00 10.63
C VAL B 225 13.58 -17.38 10.02
N ALA B 226 14.13 -16.48 9.21
CA ALA B 226 15.41 -16.72 8.55
C ALA B 226 16.51 -16.90 9.58
N GLY B 227 17.39 -17.87 9.33
CA GLY B 227 18.50 -18.12 10.23
C GLY B 227 18.28 -19.15 11.32
N LEU B 228 17.06 -19.68 11.43
CA LEU B 228 16.79 -20.67 12.45
C LEU B 228 16.62 -22.08 11.92
N GLU B 229 17.26 -23.02 12.61
CA GLU B 229 17.24 -24.44 12.27
C GLU B 229 16.34 -25.18 13.25
N HIS B 230 15.58 -26.15 12.77
CA HIS B 230 14.71 -26.93 13.64
C HIS B 230 14.57 -28.37 13.18
N GLY B 231 15.30 -28.73 12.13
CA GLY B 231 15.25 -30.09 11.62
C GLY B 231 13.95 -30.42 10.90
N LEU B 232 13.35 -29.42 10.27
CA LEU B 232 12.10 -29.63 9.55
C LEU B 232 12.36 -30.14 8.14
N LYS B 233 11.39 -30.87 7.59
CA LYS B 233 11.49 -31.42 6.26
C LYS B 233 10.40 -30.89 5.32
N PRO B 234 10.78 -30.04 4.35
CA PRO B 234 9.80 -29.48 3.40
C PRO B 234 8.99 -30.61 2.80
N ALA B 235 7.70 -30.41 2.64
CA ALA B 235 6.86 -31.47 2.10
C ALA B 235 6.32 -31.26 0.68
N MET B 236 6.40 -30.03 0.17
CA MET B 236 5.88 -29.77 -1.16
C MET B 236 6.94 -29.48 -2.22
N THR B 237 6.72 -30.04 -3.39
CA THR B 237 7.58 -29.82 -4.53
C THR B 237 6.63 -29.55 -5.71
N TRP B 238 6.83 -28.43 -6.40
CA TRP B 238 6.01 -28.08 -7.56
C TRP B 238 6.90 -28.31 -8.77
N GLU B 239 6.45 -29.19 -9.67
CA GLU B 239 7.25 -29.50 -10.86
C GLU B 239 6.43 -29.76 -12.11
N ALA B 240 7.03 -29.44 -13.26
CA ALA B 240 6.37 -29.63 -14.54
C ALA B 240 7.29 -30.36 -15.49
N LYS B 241 6.71 -30.98 -16.51
CA LYS B 241 7.49 -31.67 -17.51
C LYS B 241 7.53 -30.76 -18.73
N VAL B 242 8.73 -30.52 -19.25
CA VAL B 242 8.91 -29.67 -20.40
C VAL B 242 8.11 -30.22 -21.58
N SER B 243 7.28 -29.36 -22.18
CA SER B 243 6.45 -29.79 -23.30
C SER B 243 7.20 -29.73 -24.62
N VAL B 244 8.03 -28.71 -24.79
CA VAL B 244 8.79 -28.56 -26.02
C VAL B 244 10.10 -27.82 -25.79
N VAL B 245 11.13 -28.25 -26.53
CA VAL B 245 12.44 -27.62 -26.47
C VAL B 245 12.61 -26.99 -27.84
N LYS B 246 12.82 -25.68 -27.87
CA LYS B 246 12.94 -24.96 -29.13
C LYS B 246 14.32 -24.34 -29.33
N GLN B 247 14.82 -24.43 -30.55
CA GLN B 247 16.11 -23.84 -30.86
C GLN B 247 15.87 -22.53 -31.58
N ILE B 248 16.57 -21.49 -31.13
CA ILE B 248 16.45 -20.18 -31.75
C ILE B 248 17.70 -20.01 -32.60
N ARG B 265 23.57 -20.14 -31.19
CA ARG B 265 22.84 -21.40 -31.26
C ARG B 265 22.19 -21.59 -29.90
N GLY B 266 21.12 -20.83 -29.67
CA GLY B 266 20.42 -20.91 -28.40
C GLY B 266 19.18 -21.78 -28.44
N PHE B 267 18.70 -22.12 -27.25
CA PHE B 267 17.53 -22.96 -27.11
C PHE B 267 16.71 -22.45 -25.93
N VAL B 268 15.41 -22.70 -25.99
CA VAL B 268 14.49 -22.35 -24.91
C VAL B 268 13.64 -23.60 -24.71
N ALA B 269 13.02 -23.70 -23.55
CA ALA B 269 12.15 -24.82 -23.26
C ALA B 269 10.83 -24.28 -22.73
N VAL B 270 9.74 -24.94 -23.10
CA VAL B 270 8.42 -24.52 -22.66
C VAL B 270 7.97 -25.42 -21.52
N VAL B 271 7.55 -24.83 -20.40
CA VAL B 271 7.05 -25.64 -19.29
C VAL B 271 5.58 -25.31 -19.15
N PRO B 272 4.73 -26.35 -19.19
CA PRO B 272 3.28 -26.30 -19.08
C PRO B 272 2.68 -25.79 -17.77
N ALA B 273 2.97 -24.54 -17.44
CA ALA B 273 2.46 -23.90 -16.24
C ALA B 273 2.36 -22.39 -16.51
N GLY B 274 1.18 -21.82 -16.28
CA GLY B 274 0.97 -20.39 -16.51
C GLY B 274 0.26 -19.71 -15.35
N TYR B 275 -0.10 -18.43 -15.48
CA TYR B 275 -0.75 -17.75 -14.36
C TYR B 275 -2.08 -18.37 -13.95
N ALA B 276 -2.66 -19.17 -14.83
CA ALA B 276 -3.92 -19.84 -14.51
C ALA B 276 -3.60 -20.99 -13.56
N ASP B 277 -2.33 -21.33 -13.44
CA ASP B 277 -1.92 -22.43 -12.58
C ASP B 277 -1.22 -21.98 -11.31
N GLY B 278 -1.09 -20.67 -11.13
CA GLY B 278 -0.44 -20.17 -9.93
C GLY B 278 0.86 -19.42 -10.17
N MET B 279 1.39 -19.49 -11.38
CA MET B 279 2.63 -18.81 -11.69
C MET B 279 2.32 -17.35 -11.99
N PRO B 280 2.63 -16.46 -11.04
CA PRO B 280 2.40 -15.02 -11.20
C PRO B 280 3.09 -14.46 -12.43
N ARG B 281 2.44 -13.51 -13.10
CA ARG B 281 3.04 -12.88 -14.27
C ARG B 281 4.23 -12.04 -13.79
N HIS B 282 4.15 -11.55 -12.55
CA HIS B 282 5.20 -10.73 -11.95
C HIS B 282 6.48 -11.49 -11.66
N ALA B 283 6.41 -12.82 -11.67
CA ALA B 283 7.58 -13.63 -11.40
C ALA B 283 8.56 -13.56 -12.56
N GLN B 284 8.14 -12.89 -13.64
CA GLN B 284 8.98 -12.76 -14.83
C GLN B 284 10.40 -12.28 -14.53
N GLY B 285 11.38 -13.03 -15.04
CA GLY B 285 12.78 -12.69 -14.88
C GLY B 285 13.33 -12.68 -13.47
N LYS B 286 12.60 -13.29 -12.53
CA LYS B 286 13.05 -13.32 -11.15
C LYS B 286 13.50 -14.69 -10.65
N PHE B 287 13.26 -15.73 -11.43
CA PHE B 287 13.62 -17.06 -10.97
C PHE B 287 14.05 -18.01 -12.06
N SER B 288 14.53 -19.17 -11.62
CA SER B 288 14.98 -20.24 -12.50
C SER B 288 14.31 -21.53 -12.01
N VAL B 289 14.14 -22.48 -12.92
CA VAL B 289 13.57 -23.77 -12.53
C VAL B 289 14.80 -24.67 -12.52
N THR B 290 14.66 -25.88 -11.98
CA THR B 290 15.79 -26.77 -11.93
C THR B 290 15.49 -28.10 -12.62
N ILE B 291 16.28 -28.41 -13.64
CA ILE B 291 16.14 -29.65 -14.39
C ILE B 291 17.37 -30.51 -14.11
N ASP B 292 17.16 -31.64 -13.46
CA ASP B 292 18.27 -32.54 -13.11
C ASP B 292 19.26 -31.82 -12.21
N GLY B 293 18.74 -30.98 -11.32
CA GLY B 293 19.61 -30.27 -10.40
C GLY B 293 20.26 -29.01 -10.92
N LEU B 294 20.06 -28.68 -12.20
CA LEU B 294 20.66 -27.47 -12.75
C LEU B 294 19.63 -26.38 -13.05
N ASP B 295 20.00 -25.13 -12.78
CA ASP B 295 19.11 -24.01 -13.00
C ASP B 295 19.05 -23.48 -14.43
N TYR B 296 17.88 -22.99 -14.80
CA TYR B 296 17.63 -22.40 -16.10
C TYR B 296 16.64 -21.28 -15.83
N PRO B 297 17.06 -20.04 -16.05
CA PRO B 297 16.25 -18.83 -15.83
C PRO B 297 15.01 -18.72 -16.70
N GLN B 298 13.91 -18.28 -16.07
CA GLN B 298 12.66 -18.08 -16.78
C GLN B 298 12.88 -16.81 -17.60
N VAL B 299 12.32 -16.78 -18.80
CA VAL B 299 12.48 -15.62 -19.68
C VAL B 299 11.16 -15.28 -20.38
N GLY B 300 11.01 -14.02 -20.74
CA GLY B 300 9.82 -13.58 -21.43
C GLY B 300 8.59 -13.45 -20.56
N ARG B 301 7.43 -13.34 -21.20
CA ARG B 301 6.18 -13.19 -20.49
C ARG B 301 5.59 -14.50 -20.02
N VAL B 302 5.04 -14.50 -18.81
CA VAL B 302 4.39 -15.69 -18.29
C VAL B 302 3.00 -15.63 -18.91
N CYS B 303 2.61 -16.67 -19.62
CA CYS B 303 1.28 -16.68 -20.22
C CYS B 303 0.29 -17.45 -19.38
N MET B 304 -0.93 -17.57 -19.87
CA MET B 304 -1.97 -18.24 -19.12
C MET B 304 -1.70 -19.71 -18.85
N ASP B 305 -1.16 -20.41 -19.85
CA ASP B 305 -0.91 -21.84 -19.69
C ASP B 305 0.55 -22.25 -19.62
N GLN B 306 1.47 -21.31 -19.84
CA GLN B 306 2.87 -21.67 -19.83
C GLN B 306 3.85 -20.51 -19.71
N PHE B 307 5.11 -20.85 -19.47
CA PHE B 307 6.18 -19.86 -19.41
C PHE B 307 7.41 -20.50 -20.04
N VAL B 308 8.42 -19.70 -20.36
CA VAL B 308 9.61 -20.20 -21.03
C VAL B 308 10.88 -20.00 -20.22
N ILE B 309 11.83 -20.90 -20.43
CA ILE B 309 13.11 -20.84 -19.74
C ILE B 309 14.21 -20.93 -20.80
N SER B 310 15.35 -20.30 -20.54
CA SER B 310 16.46 -20.34 -21.48
C SER B 310 17.44 -21.43 -21.11
N LEU B 311 17.78 -22.24 -22.10
CA LEU B 311 18.72 -23.34 -21.91
C LEU B 311 20.10 -22.92 -22.40
N GLY B 312 20.18 -21.72 -22.96
CA GLY B 312 21.46 -21.26 -23.48
C GLY B 312 21.75 -22.15 -24.67
N ASP B 313 22.96 -22.72 -24.74
CA ASP B 313 23.29 -23.59 -25.85
C ASP B 313 22.87 -25.02 -25.50
N ASN B 314 22.12 -25.15 -24.41
CA ASN B 314 21.63 -26.43 -23.94
C ASN B 314 22.73 -27.50 -23.90
N PRO B 315 23.81 -27.23 -23.16
CA PRO B 315 24.94 -28.15 -23.03
C PRO B 315 24.64 -29.50 -22.35
N HIS B 316 23.60 -29.53 -21.53
CA HIS B 316 23.23 -30.75 -20.82
C HIS B 316 22.18 -31.55 -21.59
N GLY B 317 21.90 -31.12 -22.81
CA GLY B 317 20.95 -31.81 -23.65
C GLY B 317 19.53 -31.96 -23.11
N VAL B 318 19.01 -30.93 -22.47
CA VAL B 318 17.65 -30.97 -21.96
C VAL B 318 16.71 -31.26 -23.13
N GLU B 319 15.78 -32.20 -22.93
CA GLU B 319 14.82 -32.56 -23.95
C GLU B 319 13.39 -32.49 -23.41
N ALA B 320 12.42 -32.48 -24.31
CA ALA B 320 11.01 -32.45 -23.91
C ALA B 320 10.77 -33.65 -23.02
N GLY B 321 9.93 -33.47 -22.00
CA GLY B 321 9.65 -34.57 -21.09
C GLY B 321 10.51 -34.48 -19.83
N ALA B 322 11.51 -33.61 -19.88
CA ALA B 322 12.42 -33.43 -18.74
C ALA B 322 11.64 -32.78 -17.60
N LYS B 323 11.95 -33.22 -16.38
CA LYS B 323 11.28 -32.68 -15.19
C LYS B 323 11.90 -31.37 -14.75
N ALA B 324 11.08 -30.32 -14.71
CA ALA B 324 11.53 -29.00 -14.29
C ALA B 324 10.95 -28.67 -12.91
N VAL B 325 11.82 -28.57 -11.91
CA VAL B 325 11.39 -28.23 -10.55
C VAL B 325 11.25 -26.72 -10.42
N ILE B 326 10.06 -26.25 -10.06
CA ILE B 326 9.82 -24.83 -9.89
C ILE B 326 10.30 -24.49 -8.48
N PHE B 327 9.97 -25.37 -7.53
CA PHE B 327 10.43 -25.25 -6.16
C PHE B 327 10.16 -26.55 -5.44
N GLY B 328 11.05 -26.93 -4.53
CA GLY B 328 10.88 -28.16 -3.79
C GLY B 328 12.09 -29.07 -3.90
N GLU B 329 11.84 -30.37 -3.82
CA GLU B 329 12.91 -31.37 -3.89
C GLU B 329 13.66 -31.26 -5.21
N ASN B 330 14.99 -31.38 -5.12
CA ASN B 330 15.88 -31.29 -6.27
C ASN B 330 15.83 -29.94 -6.97
N GLY B 331 15.49 -28.91 -6.20
CA GLY B 331 15.42 -27.57 -6.74
C GLY B 331 15.57 -26.56 -5.60
N HIS B 332 15.18 -25.31 -5.85
CA HIS B 332 15.24 -24.28 -4.82
C HIS B 332 14.05 -24.47 -3.87
N ASP B 333 14.26 -24.30 -2.58
CA ASP B 333 13.14 -24.49 -1.67
C ASP B 333 12.14 -23.36 -1.73
N ALA B 334 10.98 -23.57 -1.11
CA ALA B 334 9.91 -22.59 -1.09
C ALA B 334 10.34 -21.21 -0.60
N THR B 335 11.20 -21.18 0.41
CA THR B 335 11.68 -19.93 0.98
C THR B 335 12.53 -19.16 -0.04
N ASP B 336 13.46 -19.84 -0.70
CA ASP B 336 14.30 -19.21 -1.71
C ASP B 336 13.43 -18.64 -2.82
N PHE B 337 12.51 -19.47 -3.30
CA PHE B 337 11.60 -19.07 -4.37
C PHE B 337 10.78 -17.87 -3.91
N ALA B 338 10.35 -17.91 -2.65
CA ALA B 338 9.56 -16.82 -2.07
C ALA B 338 10.32 -15.50 -2.13
N GLU B 339 11.56 -15.51 -1.64
CA GLU B 339 12.36 -14.29 -1.64
C GLU B 339 12.68 -13.81 -3.06
N ARG B 340 12.80 -14.73 -4.01
CA ARG B 340 13.06 -14.35 -5.39
C ARG B 340 11.84 -13.60 -5.90
N LEU B 341 10.67 -13.98 -5.39
CA LEU B 341 9.41 -13.35 -5.80
C LEU B 341 8.99 -12.21 -4.88
N ASP B 342 9.90 -11.80 -4.01
CA ASP B 342 9.63 -10.70 -3.09
C ASP B 342 8.36 -10.96 -2.27
N THR B 343 8.24 -12.17 -1.74
CA THR B 343 7.11 -12.56 -0.90
C THR B 343 7.56 -13.56 0.15
N ILE B 344 6.62 -14.28 0.76
CA ILE B 344 6.97 -15.25 1.80
C ILE B 344 6.58 -16.68 1.43
N ASN B 345 7.25 -17.66 2.04
CA ASN B 345 6.97 -19.06 1.74
C ASN B 345 5.52 -19.49 1.94
N TYR B 346 4.82 -18.80 2.85
CA TYR B 346 3.41 -19.09 3.09
C TYR B 346 2.63 -18.97 1.77
N GLU B 347 2.92 -17.89 1.04
CA GLU B 347 2.22 -17.63 -0.22
C GLU B 347 2.63 -18.55 -1.36
N VAL B 348 3.92 -18.87 -1.46
CA VAL B 348 4.36 -19.75 -2.53
C VAL B 348 3.75 -21.14 -2.46
N VAL B 349 3.63 -21.73 -1.27
CA VAL B 349 3.04 -23.07 -1.21
C VAL B 349 1.55 -23.06 -1.53
N CYS B 350 0.93 -21.89 -1.38
CA CYS B 350 -0.50 -21.73 -1.67
C CYS B 350 -0.74 -21.42 -3.14
N ARG B 351 0.32 -21.12 -3.89
CA ARG B 351 0.19 -20.77 -5.29
C ARG B 351 -0.21 -21.84 -6.32
N PRO B 352 0.42 -23.03 -6.25
CA PRO B 352 0.10 -24.11 -7.20
C PRO B 352 -1.39 -24.41 -7.29
N THR B 353 -1.97 -24.15 -8.46
CA THR B 353 -3.40 -24.34 -8.68
C THR B 353 -3.71 -24.68 -10.14
N GLY B 354 -4.95 -24.47 -10.57
CA GLY B 354 -5.34 -24.75 -11.95
C GLY B 354 -5.17 -26.18 -12.40
N ARG B 355 -4.33 -26.38 -13.42
CA ARG B 355 -4.11 -27.72 -13.97
C ARG B 355 -3.20 -28.57 -13.07
N THR B 356 -2.56 -27.93 -12.08
CA THR B 356 -1.67 -28.64 -11.17
C THR B 356 -2.40 -29.78 -10.46
N VAL B 357 -1.84 -30.98 -10.56
CA VAL B 357 -2.44 -32.14 -9.90
C VAL B 357 -1.62 -32.49 -8.66
N ARG B 358 -2.30 -32.84 -7.59
CA ARG B 358 -1.64 -33.17 -6.34
C ARG B 358 -1.31 -34.67 -6.24
N ALA B 359 -0.03 -34.98 -6.04
CA ALA B 359 0.41 -36.36 -5.91
C ALA B 359 1.11 -36.55 -4.56
N TYR B 360 0.80 -37.65 -3.89
CA TYR B 360 1.36 -37.90 -2.58
C TYR B 360 2.61 -38.77 -2.56
N VAL B 361 3.67 -38.21 -1.99
CA VAL B 361 4.98 -38.85 -1.87
C VAL B 361 5.60 -39.28 -3.19
N MET C 1 10.15 1.00 -3.96
CA MET C 1 11.25 1.88 -3.47
C MET C 1 10.82 3.35 -3.50
N ASN C 2 11.18 4.07 -2.44
CA ASN C 2 10.84 5.49 -2.32
C ASN C 2 12.08 6.35 -2.54
N LEU C 3 11.92 7.44 -3.29
CA LEU C 3 13.05 8.33 -3.58
C LEU C 3 13.41 9.25 -2.42
N LEU C 4 12.45 9.54 -1.53
CA LEU C 4 12.69 10.43 -0.39
C LEU C 4 12.16 9.80 0.89
N THR C 5 13.04 9.60 1.86
CA THR C 5 12.60 8.99 3.10
C THR C 5 13.34 9.45 4.35
N THR C 6 12.78 9.07 5.50
CA THR C 6 13.39 9.32 6.80
C THR C 6 13.54 7.94 7.39
N LYS C 7 14.71 7.64 7.95
CA LYS C 7 14.92 6.36 8.60
C LYS C 7 14.87 6.67 10.08
N ILE C 8 13.96 6.02 10.79
CA ILE C 8 13.83 6.23 12.23
C ILE C 8 14.35 5.01 12.98
N ASP C 9 15.52 5.16 13.61
CA ASP C 9 16.14 4.08 14.36
C ASP C 9 15.45 3.92 15.71
N LEU C 10 14.61 2.90 15.83
CA LEU C 10 13.88 2.61 17.06
C LEU C 10 14.81 2.14 18.17
N ASP C 11 15.90 1.48 17.79
CA ASP C 11 16.89 1.00 18.76
C ASP C 11 17.55 2.19 19.45
N ALA C 12 17.82 3.23 18.68
CA ALA C 12 18.44 4.44 19.21
C ALA C 12 17.51 5.04 20.26
N ILE C 13 16.21 5.01 19.97
CA ILE C 13 15.21 5.54 20.89
C ILE C 13 15.09 4.67 22.14
N ALA C 14 15.26 3.36 21.97
CA ALA C 14 15.19 2.45 23.11
C ALA C 14 16.39 2.81 23.99
N HIS C 15 17.53 3.04 23.34
CA HIS C 15 18.75 3.43 24.03
C HIS C 15 18.59 4.74 24.78
N ASN C 16 18.15 5.78 24.08
CA ASN C 16 17.97 7.10 24.67
C ASN C 16 17.04 7.04 25.87
N THR C 17 16.03 6.17 25.81
CA THR C 17 15.09 6.02 26.91
C THR C 17 15.81 5.42 28.12
N ARG C 18 16.67 4.44 27.85
CA ARG C 18 17.44 3.77 28.90
C ARG C 18 18.32 4.80 29.59
N VAL C 19 19.02 5.60 28.80
CA VAL C 19 19.90 6.65 29.34
C VAL C 19 19.14 7.66 30.18
N LEU C 20 18.05 8.20 29.66
CA LEU C 20 17.26 9.19 30.40
C LEU C 20 16.61 8.58 31.64
N LYS C 21 16.23 7.32 31.56
CA LYS C 21 15.61 6.65 32.72
C LYS C 21 16.63 6.60 33.84
N GLN C 22 17.86 6.22 33.49
CA GLN C 22 18.93 6.13 34.46
C GLN C 22 19.19 7.51 35.05
N MET C 23 19.30 8.52 34.20
CA MET C 23 19.55 9.89 34.66
C MET C 23 18.43 10.44 35.54
N ALA C 24 17.21 9.94 35.35
CA ALA C 24 16.07 10.42 36.14
C ALA C 24 16.10 9.92 37.58
N GLY C 25 16.77 8.80 37.81
CA GLY C 25 16.84 8.27 39.16
C GLY C 25 15.46 8.02 39.75
N PRO C 26 15.18 8.51 40.96
CA PRO C 26 13.88 8.33 41.62
C PRO C 26 12.73 9.15 41.04
N ALA C 27 13.05 10.15 40.22
CA ALA C 27 12.03 11.00 39.63
C ALA C 27 11.33 10.33 38.44
N LYS C 28 10.01 10.50 38.37
CA LYS C 28 9.22 9.91 37.28
C LYS C 28 9.63 10.51 35.94
N LEU C 29 9.64 9.64 34.93
CA LEU C 29 10.03 10.04 33.59
C LEU C 29 8.82 10.21 32.67
N MET C 30 8.54 11.45 32.27
CA MET C 30 7.44 11.72 31.35
C MET C 30 8.06 12.05 30.00
N ALA C 31 7.81 11.18 29.02
CA ALA C 31 8.33 11.38 27.68
C ALA C 31 7.38 12.26 26.88
N VAL C 32 7.91 13.31 26.26
CA VAL C 32 7.10 14.23 25.47
C VAL C 32 7.13 13.70 24.04
N VAL C 33 5.98 13.30 23.54
CA VAL C 33 5.89 12.74 22.19
C VAL C 33 4.89 13.48 21.32
N LYS C 34 4.69 14.75 21.61
CA LYS C 34 3.78 15.60 20.87
C LYS C 34 4.31 15.72 19.44
N ALA C 35 3.48 16.29 18.57
CA ALA C 35 3.86 16.48 17.18
C ALA C 35 4.26 15.17 16.51
N ASN C 36 3.53 14.11 16.82
CA ASN C 36 3.81 12.79 16.24
C ASN C 36 5.22 12.34 16.58
N ALA C 37 5.55 12.44 17.87
CA ALA C 37 6.86 12.08 18.39
C ALA C 37 7.94 12.85 17.64
N TYR C 38 7.80 14.17 17.61
CA TYR C 38 8.75 15.04 16.92
C TYR C 38 8.99 14.55 15.49
N ASN C 39 7.88 14.25 14.81
CA ASN C 39 7.92 13.80 13.44
C ASN C 39 8.59 12.44 13.27
N HIS C 40 8.81 11.70 14.37
CA HIS C 40 9.44 10.39 14.27
C HIS C 40 8.45 9.22 14.15
N GLY C 41 7.16 9.50 14.24
CA GLY C 41 6.16 8.44 14.13
C GLY C 41 5.76 7.92 15.51
N VAL C 42 4.85 8.63 16.16
CA VAL C 42 4.43 8.26 17.52
C VAL C 42 3.87 6.85 17.70
N GLU C 43 3.21 6.34 16.67
CA GLU C 43 2.62 5.03 16.76
C GLU C 43 3.66 3.93 16.96
N LYS C 44 4.89 4.19 16.52
CA LYS C 44 5.97 3.21 16.69
C LYS C 44 6.89 3.62 17.84
N VAL C 45 7.14 4.92 17.96
CA VAL C 45 8.02 5.45 19.00
C VAL C 45 7.51 5.32 20.44
N ALA C 46 6.24 5.64 20.67
CA ALA C 46 5.65 5.57 22.02
C ALA C 46 5.77 4.18 22.66
N PRO C 47 5.34 3.13 21.94
CA PRO C 47 5.44 1.79 22.53
C PRO C 47 6.89 1.46 22.92
N VAL C 48 7.83 1.76 22.03
CA VAL C 48 9.23 1.49 22.31
C VAL C 48 9.67 2.20 23.58
N ILE C 49 9.29 3.46 23.71
CA ILE C 49 9.65 4.26 24.87
C ILE C 49 9.02 3.68 26.15
N ALA C 50 7.73 3.41 26.09
CA ALA C 50 7.04 2.85 27.25
C ALA C 50 7.68 1.54 27.66
N ALA C 51 8.10 0.75 26.69
CA ALA C 51 8.73 -0.54 26.97
C ALA C 51 10.11 -0.41 27.61
N HIS C 52 10.66 0.80 27.66
CA HIS C 52 11.97 0.95 28.26
C HIS C 52 12.09 1.87 29.46
N GLY C 53 11.00 2.04 30.22
CA GLY C 53 11.09 2.86 31.41
C GLY C 53 10.26 4.12 31.59
N ALA C 54 9.77 4.72 30.50
CA ALA C 54 8.98 5.93 30.66
C ALA C 54 7.82 5.66 31.61
N ASP C 55 7.58 6.60 32.53
CA ASP C 55 6.51 6.49 33.51
C ASP C 55 5.22 7.15 33.01
N ALA C 56 5.36 7.99 32.00
CA ALA C 56 4.20 8.69 31.46
C ALA C 56 4.57 9.37 30.17
N PHE C 57 3.56 9.95 29.52
CA PHE C 57 3.77 10.66 28.26
C PHE C 57 3.13 12.03 28.32
N GLY C 58 3.73 12.97 27.60
CA GLY C 58 3.19 14.31 27.55
C GLY C 58 2.98 14.70 26.09
N VAL C 59 1.79 15.19 25.80
CA VAL C 59 1.46 15.62 24.44
C VAL C 59 0.79 16.98 24.54
N ALA C 60 0.64 17.63 23.39
CA ALA C 60 0.03 18.94 23.35
C ALA C 60 -1.50 18.93 23.30
N THR C 61 -2.05 18.29 22.28
CA THR C 61 -3.50 18.27 22.08
C THR C 61 -4.29 17.06 22.59
N LEU C 62 -5.61 17.21 22.55
CA LEU C 62 -6.52 16.15 22.96
C LEU C 62 -6.40 14.99 21.98
N ALA C 63 -6.29 15.33 20.69
CA ALA C 63 -6.17 14.33 19.64
C ALA C 63 -4.92 13.50 19.82
N GLU C 64 -3.82 14.15 20.19
CA GLU C 64 -2.56 13.44 20.40
C GLU C 64 -2.69 12.49 21.60
N ALA C 65 -3.28 12.98 22.67
CA ALA C 65 -3.46 12.15 23.86
C ALA C 65 -4.39 10.97 23.55
N MET C 66 -5.41 11.21 22.73
CA MET C 66 -6.36 10.15 22.38
C MET C 66 -5.69 9.10 21.50
N GLN C 67 -4.78 9.55 20.63
CA GLN C 67 -4.04 8.66 19.75
C GLN C 67 -3.21 7.66 20.56
N LEU C 68 -2.58 8.14 21.62
CA LEU C 68 -1.77 7.27 22.47
C LEU C 68 -2.66 6.18 23.07
N ARG C 69 -3.86 6.56 23.49
CA ARG C 69 -4.79 5.59 24.05
C ARG C 69 -5.20 4.61 22.94
N ASP C 70 -5.37 5.11 21.72
CA ASP C 70 -5.78 4.26 20.60
C ASP C 70 -4.73 3.19 20.25
N ILE C 71 -3.45 3.52 20.43
CA ILE C 71 -2.40 2.56 20.11
C ILE C 71 -2.06 1.60 21.26
N GLY C 72 -2.83 1.66 22.33
CA GLY C 72 -2.60 0.77 23.46
C GLY C 72 -1.79 1.28 24.63
N ILE C 73 -1.25 2.50 24.56
CA ILE C 73 -0.46 3.05 25.66
C ILE C 73 -1.32 3.09 26.93
N SER C 74 -0.87 2.44 27.99
CA SER C 74 -1.62 2.43 29.24
C SER C 74 -1.06 3.38 30.29
N GLN C 75 0.15 3.89 30.04
CA GLN C 75 0.75 4.81 30.99
C GLN C 75 -0.01 6.13 31.13
N GLU C 76 0.32 6.83 32.20
CA GLU C 76 -0.25 8.14 32.52
C GLU C 76 0.00 9.06 31.33
N VAL C 77 -0.99 9.87 30.97
CA VAL C 77 -0.85 10.79 29.84
C VAL C 77 -1.35 12.18 30.21
N LEU C 78 -0.55 13.19 29.87
CA LEU C 78 -0.90 14.58 30.14
C LEU C 78 -1.05 15.35 28.83
N CYS C 79 -2.10 16.17 28.78
CA CYS C 79 -2.45 16.99 27.63
C CYS C 79 -2.46 18.45 28.10
N TRP C 80 -1.84 19.37 27.36
CA TRP C 80 -1.81 20.77 27.80
C TRP C 80 -2.28 21.87 26.85
N ILE C 81 -2.69 21.51 25.64
CA ILE C 81 -3.21 22.50 24.72
C ILE C 81 -4.58 22.03 24.26
N TRP C 82 -5.61 22.64 24.84
CA TRP C 82 -7.00 22.31 24.55
C TRP C 82 -7.86 23.45 25.06
N THR C 83 -9.13 23.45 24.68
CA THR C 83 -10.08 24.47 25.14
C THR C 83 -11.39 23.79 25.50
N PRO C 84 -12.15 24.40 26.42
CA PRO C 84 -13.44 23.90 26.89
C PRO C 84 -14.44 23.65 25.77
N GLU C 85 -14.22 24.30 24.64
CA GLU C 85 -15.10 24.18 23.48
C GLU C 85 -14.93 22.82 22.80
N GLN C 86 -13.83 22.16 23.09
CA GLN C 86 -13.57 20.84 22.50
C GLN C 86 -14.17 19.78 23.42
N ASP C 87 -14.23 18.55 22.93
CA ASP C 87 -14.78 17.44 23.70
C ASP C 87 -13.70 16.88 24.63
N PHE C 88 -13.36 17.62 25.66
CA PHE C 88 -12.34 17.18 26.61
C PHE C 88 -12.84 16.03 27.47
N ARG C 89 -14.16 15.90 27.56
CA ARG C 89 -14.77 14.84 28.36
C ARG C 89 -14.39 13.47 27.81
N ALA C 90 -14.25 13.39 26.49
CA ALA C 90 -13.87 12.14 25.84
C ALA C 90 -12.50 11.72 26.35
N ALA C 91 -11.64 12.71 26.57
CA ALA C 91 -10.30 12.47 27.07
C ALA C 91 -10.40 12.01 28.52
N ILE C 92 -11.16 12.74 29.32
CA ILE C 92 -11.31 12.38 30.73
C ILE C 92 -11.77 10.94 30.87
N ASP C 93 -12.71 10.53 30.01
CA ASP C 93 -13.25 9.17 30.07
C ASP C 93 -12.22 8.10 29.72
N ARG C 94 -11.12 8.49 29.09
CA ARG C 94 -10.10 7.52 28.73
C ARG C 94 -8.83 7.71 29.56
N ASN C 95 -9.02 8.20 30.78
CA ASN C 95 -7.93 8.43 31.72
C ASN C 95 -6.79 9.28 31.20
N ILE C 96 -7.12 10.45 30.65
CA ILE C 96 -6.10 11.37 30.16
C ILE C 96 -6.12 12.60 31.07
N ASP C 97 -4.98 12.93 31.67
CA ASP C 97 -4.89 14.10 32.54
C ASP C 97 -5.01 15.37 31.72
N LEU C 98 -5.69 16.38 32.26
CA LEU C 98 -5.82 17.65 31.56
C LEU C 98 -5.14 18.76 32.34
N ALA C 99 -4.39 19.61 31.64
CA ALA C 99 -3.72 20.72 32.29
C ALA C 99 -4.70 21.88 32.40
N VAL C 100 -4.70 22.55 33.55
CA VAL C 100 -5.56 23.71 33.74
C VAL C 100 -4.68 24.88 33.32
N ILE C 101 -4.97 25.45 32.15
CA ILE C 101 -4.15 26.55 31.64
C ILE C 101 -4.75 27.95 31.80
N SER C 102 -5.95 28.03 32.35
CA SER C 102 -6.60 29.31 32.60
C SER C 102 -7.80 29.08 33.51
N PRO C 103 -8.34 30.16 34.09
CA PRO C 103 -9.50 30.11 34.98
C PRO C 103 -10.71 29.46 34.32
N ALA C 104 -10.92 29.76 33.04
CA ALA C 104 -12.04 29.20 32.30
C ALA C 104 -11.88 27.68 32.18
N HIS C 105 -10.65 27.22 32.06
CA HIS C 105 -10.39 25.78 31.95
C HIS C 105 -10.73 25.11 33.29
N ALA C 106 -10.36 25.78 34.37
CA ALA C 106 -10.63 25.28 35.71
C ALA C 106 -12.15 25.17 35.88
N LYS C 107 -12.86 26.24 35.52
CA LYS C 107 -14.30 26.29 35.65
C LYS C 107 -14.98 25.16 34.88
N ALA C 108 -14.56 24.99 33.63
CA ALA C 108 -15.11 23.97 32.77
C ALA C 108 -14.99 22.59 33.40
N LEU C 109 -13.85 22.32 34.04
CA LEU C 109 -13.61 21.03 34.67
C LEU C 109 -14.42 20.89 35.95
N ILE C 110 -14.42 21.94 36.76
CA ILE C 110 -15.18 21.92 38.00
C ILE C 110 -16.65 21.62 37.72
N GLU C 111 -17.13 22.12 36.58
CA GLU C 111 -18.52 21.92 36.20
C GLU C 111 -18.74 20.65 35.40
N THR C 112 -17.69 19.86 35.23
CA THR C 112 -17.82 18.61 34.49
C THR C 112 -18.28 17.50 35.43
N ASP C 113 -19.44 16.94 35.12
CA ASP C 113 -20.00 15.87 35.93
C ASP C 113 -19.28 14.53 35.75
N ALA C 114 -18.08 14.44 36.31
CA ALA C 114 -17.26 13.23 36.24
C ALA C 114 -16.77 12.97 37.66
N GLU C 115 -16.79 11.71 38.08
CA GLU C 115 -16.37 11.38 39.44
C GLU C 115 -14.91 11.67 39.78
N HIS C 116 -13.98 11.22 38.94
CA HIS C 116 -12.56 11.45 39.20
C HIS C 116 -11.81 12.07 38.03
N ILE C 117 -11.50 13.36 38.12
CA ILE C 117 -10.79 14.03 37.04
C ILE C 117 -9.37 14.39 37.46
N ARG C 118 -8.39 13.75 36.83
CA ARG C 118 -7.00 14.03 37.13
C ARG C 118 -6.58 15.28 36.36
N VAL C 119 -6.14 16.29 37.10
CA VAL C 119 -5.72 17.56 36.51
C VAL C 119 -4.35 18.00 37.00
N SER C 120 -3.61 18.68 36.13
CA SER C 120 -2.30 19.23 36.47
C SER C 120 -2.44 20.73 36.23
N ILE C 121 -1.86 21.54 37.09
CA ILE C 121 -1.99 22.98 36.92
C ILE C 121 -0.80 23.59 36.21
N LYS C 122 -1.06 24.16 35.03
CA LYS C 122 0.00 24.80 34.28
C LYS C 122 0.17 26.20 34.88
N ILE C 123 1.38 26.49 35.32
CA ILE C 123 1.68 27.77 35.93
C ILE C 123 2.44 28.70 34.98
N ASP C 124 2.01 29.95 34.92
CA ASP C 124 2.68 30.97 34.13
C ASP C 124 3.70 31.49 35.14
N SER C 125 4.96 31.11 34.97
CA SER C 125 6.00 31.55 35.90
C SER C 125 6.81 32.74 35.39
N GLY C 126 6.16 33.65 34.68
CA GLY C 126 6.87 34.81 34.17
C GLY C 126 6.82 34.99 32.66
N LEU C 127 6.90 33.90 31.90
CA LEU C 127 6.87 33.99 30.45
C LEU C 127 5.66 34.74 29.89
N HIS C 128 4.55 34.72 30.62
CA HIS C 128 3.33 35.41 30.22
C HIS C 128 2.70 34.92 28.93
N ARG C 129 2.70 33.60 28.73
CA ARG C 129 2.07 33.05 27.52
C ARG C 129 0.85 32.26 27.96
N SER C 130 1.04 30.95 28.19
CA SER C 130 -0.08 30.09 28.58
C SER C 130 0.08 29.75 30.06
N GLY C 131 -0.98 29.28 30.70
CA GLY C 131 -0.90 28.94 32.10
C GLY C 131 -1.51 30.00 32.99
N VAL C 132 -1.84 29.62 34.22
CA VAL C 132 -2.43 30.56 35.16
C VAL C 132 -1.34 31.42 35.77
N ASP C 133 -1.48 32.74 35.69
CA ASP C 133 -0.48 33.64 36.26
C ASP C 133 -0.79 33.97 37.73
N GLU C 134 0.14 34.65 38.38
CA GLU C 134 0.01 34.97 39.79
C GLU C 134 -1.27 35.67 40.24
N GLN C 135 -1.78 36.61 39.45
CA GLN C 135 -3.00 37.30 39.84
C GLN C 135 -4.18 36.33 39.85
N GLU C 136 -4.04 35.20 39.16
CA GLU C 136 -5.12 34.23 39.07
C GLU C 136 -4.99 32.99 39.96
N TRP C 137 -3.80 32.74 40.50
CA TRP C 137 -3.57 31.56 41.34
C TRP C 137 -4.57 31.40 42.47
N GLU C 138 -4.69 32.44 43.29
CA GLU C 138 -5.59 32.45 44.42
C GLU C 138 -6.96 31.86 44.05
N GLY C 139 -7.69 32.56 43.17
CA GLY C 139 -9.00 32.11 42.76
C GLY C 139 -9.04 30.68 42.22
N VAL C 140 -8.08 30.35 41.37
CA VAL C 140 -8.02 29.02 40.78
C VAL C 140 -7.75 27.92 41.82
N PHE C 141 -6.79 28.14 42.69
CA PHE C 141 -6.46 27.14 43.69
C PHE C 141 -7.63 26.86 44.64
N SER C 142 -8.27 27.93 45.11
CA SER C 142 -9.39 27.78 46.03
C SER C 142 -10.59 27.14 45.34
N ALA C 143 -10.75 27.41 44.06
CA ALA C 143 -11.86 26.83 43.30
C ALA C 143 -11.67 25.33 43.14
N LEU C 144 -10.48 24.93 42.73
CA LEU C 144 -10.18 23.51 42.53
C LEU C 144 -10.21 22.74 43.86
N ALA C 145 -9.72 23.38 44.92
CA ALA C 145 -9.70 22.74 46.25
C ALA C 145 -11.11 22.48 46.76
N ALA C 146 -12.08 23.22 46.24
CA ALA C 146 -13.47 23.06 46.65
C ALA C 146 -14.22 22.03 45.80
N ALA C 147 -13.55 21.48 44.80
CA ALA C 147 -14.17 20.48 43.92
C ALA C 147 -13.54 19.10 44.13
N PRO C 148 -14.19 18.26 44.94
CA PRO C 148 -13.80 16.89 45.31
C PRO C 148 -13.61 15.91 44.15
N HIS C 149 -14.44 16.00 43.11
CA HIS C 149 -14.31 15.09 41.98
C HIS C 149 -13.04 15.34 41.17
N ILE C 150 -12.35 16.44 41.49
CA ILE C 150 -11.12 16.82 40.81
C ILE C 150 -9.88 16.53 41.65
N GLU C 151 -8.94 15.77 41.10
CA GLU C 151 -7.72 15.46 41.80
C GLU C 151 -6.56 16.21 41.16
N VAL C 152 -6.06 17.24 41.84
CA VAL C 152 -4.94 18.00 41.34
C VAL C 152 -3.69 17.19 41.64
N THR C 153 -3.15 16.56 40.59
CA THR C 153 -1.98 15.69 40.71
C THR C 153 -0.69 16.47 40.97
N GLY C 154 -0.69 17.75 40.61
CA GLY C 154 0.48 18.60 40.80
C GLY C 154 0.43 19.78 39.85
N MET C 155 1.53 20.52 39.77
CA MET C 155 1.63 21.67 38.87
C MET C 155 2.94 21.65 38.10
N PHE C 156 2.96 22.33 36.96
CA PHE C 156 4.13 22.39 36.12
C PHE C 156 4.25 23.74 35.44
N THR C 157 5.45 24.08 35.01
CA THR C 157 5.69 25.33 34.31
C THR C 157 6.73 24.99 33.24
N HIS C 158 6.83 25.84 32.24
CA HIS C 158 7.77 25.60 31.15
C HIS C 158 8.90 26.63 31.11
N LEU C 159 10.14 26.14 31.12
CA LEU C 159 11.34 26.99 31.12
C LEU C 159 11.71 27.52 29.74
N ALA C 160 11.96 28.81 29.65
CA ALA C 160 12.30 29.43 28.38
C ALA C 160 13.79 29.41 28.02
N CYS C 161 14.66 29.62 29.00
CA CYS C 161 16.09 29.67 28.74
C CYS C 161 16.97 28.60 29.39
N ALA C 162 16.40 27.45 29.73
CA ALA C 162 17.18 26.38 30.36
C ALA C 162 18.30 25.88 29.44
N ASP C 163 18.14 26.06 28.15
CA ASP C 163 19.15 25.63 27.19
C ASP C 163 20.46 26.39 27.40
N GLU C 164 20.40 27.45 28.19
CA GLU C 164 21.59 28.24 28.48
C GLU C 164 21.73 28.44 29.99
N PRO C 165 22.28 27.45 30.68
CA PRO C 165 22.50 27.44 32.13
C PRO C 165 23.40 28.57 32.60
N PRO C 168 20.18 33.53 35.75
CA PRO C 168 18.99 34.36 35.54
C PRO C 168 17.65 33.66 35.32
N GLU C 169 17.05 33.97 34.16
CA GLU C 169 15.75 33.47 33.73
C GLU C 169 15.19 32.19 34.34
N THR C 170 15.92 31.09 34.24
CA THR C 170 15.44 29.84 34.78
C THR C 170 15.17 29.93 36.27
N ASP C 171 16.14 30.45 37.02
CA ASP C 171 16.01 30.59 38.46
C ASP C 171 14.87 31.54 38.83
N ARG C 172 14.60 32.51 37.97
CA ARG C 172 13.51 33.45 38.23
C ARG C 172 12.18 32.71 38.12
N GLN C 173 12.04 31.92 37.07
CA GLN C 173 10.81 31.15 36.86
C GLN C 173 10.58 30.18 38.01
N ILE C 174 11.65 29.54 38.47
CA ILE C 174 11.57 28.58 39.56
C ILE C 174 11.09 29.22 40.85
N ILE C 175 11.62 30.40 41.15
CA ILE C 175 11.20 31.11 42.35
C ILE C 175 9.73 31.44 42.25
N ALA C 176 9.30 31.85 41.05
CA ALA C 176 7.89 32.16 40.84
C ALA C 176 7.09 30.87 41.00
N PHE C 177 7.59 29.78 40.40
CA PHE C 177 6.92 28.49 40.48
C PHE C 177 6.75 28.00 41.92
N ARG C 178 7.80 28.14 42.73
CA ARG C 178 7.74 27.70 44.11
C ARG C 178 6.73 28.51 44.90
N ARG C 179 6.59 29.78 44.54
CA ARG C 179 5.63 30.64 45.23
C ARG C 179 4.21 30.16 44.94
N ALA C 180 3.98 29.68 43.72
CA ALA C 180 2.66 29.17 43.35
C ALA C 180 2.40 27.85 44.06
N LEU C 181 3.44 27.01 44.16
CA LEU C 181 3.31 25.72 44.83
C LEU C 181 2.92 25.90 46.29
N ALA C 182 3.59 26.83 46.97
CA ALA C 182 3.31 27.09 48.38
C ALA C 182 1.91 27.66 48.58
N LEU C 183 1.49 28.54 47.68
CA LEU C 183 0.17 29.15 47.78
C LEU C 183 -0.90 28.09 47.58
N ALA C 184 -0.67 27.19 46.63
CA ALA C 184 -1.63 26.12 46.35
C ALA C 184 -1.73 25.17 47.52
N ARG C 185 -0.61 24.85 48.15
CA ARG C 185 -0.62 23.95 49.30
C ARG C 185 -1.27 24.62 50.48
N LYS C 186 -1.23 25.94 50.52
CA LYS C 186 -1.86 26.69 51.60
C LYS C 186 -3.37 26.57 51.46
N HIS C 187 -3.81 26.28 50.23
CA HIS C 187 -5.23 26.14 49.92
C HIS C 187 -5.72 24.70 49.99
N GLY C 188 -4.84 23.77 50.36
CA GLY C 188 -5.25 22.39 50.47
C GLY C 188 -4.88 21.47 49.32
N LEU C 189 -4.16 21.97 48.31
CA LEU C 189 -3.76 21.15 47.18
C LEU C 189 -2.32 20.67 47.42
N GLU C 190 -2.17 19.44 47.89
CA GLU C 190 -0.83 18.94 48.17
C GLU C 190 0.10 18.95 46.96
N CYS C 191 -0.47 18.83 45.76
CA CYS C 191 0.34 18.82 44.54
C CYS C 191 1.50 17.86 44.69
N PRO C 192 1.18 16.56 44.79
CA PRO C 192 2.09 15.40 44.96
C PRO C 192 3.24 15.32 43.95
N VAL C 193 2.92 15.49 42.67
CA VAL C 193 3.92 15.37 41.63
C VAL C 193 4.00 16.57 40.70
N ASN C 194 5.11 17.31 40.80
CA ASN C 194 5.29 18.49 39.97
C ASN C 194 6.50 18.32 39.05
N HIS C 195 6.56 19.15 38.01
CA HIS C 195 7.65 19.08 37.03
C HIS C 195 7.86 20.39 36.28
N VAL C 196 9.11 20.63 35.89
CA VAL C 196 9.48 21.84 35.16
C VAL C 196 10.58 21.56 34.15
N CYS C 197 11.22 20.40 34.29
CA CYS C 197 12.33 20.02 33.43
C CYS C 197 12.04 19.50 32.03
N ASN C 198 12.51 20.25 31.04
CA ASN C 198 12.42 19.86 29.65
C ASN C 198 13.80 19.24 29.44
N SER C 199 14.16 18.87 28.22
CA SER C 199 15.47 18.27 27.99
C SER C 199 16.63 19.12 28.51
N PRO C 200 16.66 20.42 28.13
CA PRO C 200 17.71 21.35 28.56
C PRO C 200 18.00 21.28 30.06
N ALA C 201 16.99 21.60 30.86
CA ALA C 201 17.12 21.59 32.31
C ALA C 201 17.40 20.19 32.88
N PHE C 202 16.72 19.18 32.35
CA PHE C 202 16.92 17.82 32.84
C PHE C 202 18.38 17.40 32.77
N LEU C 203 19.00 17.68 31.63
CA LEU C 203 20.39 17.32 31.41
C LEU C 203 21.39 18.20 32.17
N THR C 204 20.94 19.33 32.70
CA THR C 204 21.85 20.24 33.40
C THR C 204 21.44 20.68 34.81
N ARG C 205 20.20 20.41 35.21
CA ARG C 205 19.73 20.84 36.53
C ARG C 205 19.11 19.73 37.36
N SER C 206 19.96 18.91 37.98
CA SER C 206 19.51 17.81 38.81
C SER C 206 18.67 18.33 39.97
N ASP C 207 18.93 19.59 40.35
CA ASP C 207 18.23 20.23 41.45
C ASP C 207 16.79 20.62 41.12
N LEU C 208 16.43 20.54 39.84
CA LEU C 208 15.06 20.89 39.41
C LEU C 208 14.27 19.67 38.98
N HIS C 209 14.86 18.48 39.11
CA HIS C 209 14.14 17.27 38.70
C HIS C 209 12.79 17.13 39.33
N MET C 210 12.69 17.52 40.63
CA MET C 210 11.42 17.41 41.34
C MET C 210 10.92 15.97 41.27
N GLU C 211 9.61 15.80 41.37
CA GLU C 211 9.05 14.46 41.35
C GLU C 211 8.93 13.90 39.94
N MET C 212 8.95 14.78 38.95
CA MET C 212 8.85 14.32 37.57
C MET C 212 9.62 15.27 36.62
N VAL C 213 10.17 14.68 35.57
CA VAL C 213 10.91 15.43 34.56
C VAL C 213 10.25 15.12 33.22
N ARG C 214 10.24 16.06 32.29
CA ARG C 214 9.61 15.82 30.99
C ARG C 214 10.42 16.24 29.80
N PRO C 215 11.39 15.41 29.39
CA PRO C 215 12.21 15.76 28.24
C PRO C 215 11.52 15.22 26.99
N GLY C 216 11.81 15.83 25.86
CA GLY C 216 11.24 15.40 24.60
C GLY C 216 12.41 15.12 23.68
N LEU C 217 13.06 16.21 23.26
CA LEU C 217 14.22 16.20 22.37
C LEU C 217 15.18 15.03 22.62
N ALA C 218 15.67 14.91 23.85
CA ALA C 218 16.62 13.87 24.22
C ALA C 218 16.22 12.44 23.84
N PHE C 219 14.93 12.14 23.92
CA PHE C 219 14.50 10.80 23.56
C PHE C 219 14.85 10.50 22.11
N TYR C 220 14.92 11.55 21.30
CA TYR C 220 15.24 11.43 19.89
C TYR C 220 16.74 11.53 19.64
N GLY C 221 17.51 11.40 20.71
CA GLY C 221 18.97 11.44 20.63
C GLY C 221 19.62 12.74 20.22
N LEU C 222 18.96 13.87 20.51
CA LEU C 222 19.51 15.17 20.14
C LEU C 222 19.86 16.02 21.37
N GLU C 223 21.04 16.64 21.34
CA GLU C 223 21.51 17.48 22.44
C GLU C 223 20.95 18.89 22.36
N PRO C 224 20.41 19.40 23.47
CA PRO C 224 19.83 20.75 23.55
C PRO C 224 20.87 21.84 23.81
N VAL C 225 21.91 21.50 24.55
CA VAL C 225 22.94 22.47 24.88
C VAL C 225 24.27 22.22 24.19
N ALA C 226 24.74 23.22 23.45
CA ALA C 226 26.01 23.14 22.74
C ALA C 226 27.17 22.90 23.70
N GLY C 227 28.10 22.03 23.30
CA GLY C 227 29.25 21.74 24.13
C GLY C 227 29.01 20.69 25.19
N LEU C 228 27.80 20.14 25.24
CA LEU C 228 27.48 19.11 26.23
C LEU C 228 27.06 17.81 25.56
N GLU C 229 27.74 16.74 25.94
CA GLU C 229 27.47 15.42 25.39
C GLU C 229 26.93 14.48 26.47
N HIS C 230 25.89 13.71 26.13
CA HIS C 230 25.33 12.80 27.12
C HIS C 230 25.18 11.36 26.63
N GLY C 231 25.90 11.00 25.57
CA GLY C 231 25.83 9.65 25.05
C GLY C 231 24.50 9.25 24.45
N LEU C 232 23.84 10.17 23.78
CA LEU C 232 22.55 9.87 23.15
C LEU C 232 22.84 9.31 21.76
N LYS C 233 21.78 9.01 21.02
CA LYS C 233 21.95 8.49 19.67
C LYS C 233 20.85 9.02 18.76
N PRO C 234 21.20 9.94 17.86
CA PRO C 234 20.23 10.51 16.92
C PRO C 234 19.42 9.39 16.28
N ALA C 235 18.11 9.56 16.22
CA ALA C 235 17.25 8.51 15.67
C ALA C 235 16.81 8.74 14.23
N MET C 236 16.85 9.99 13.78
CA MET C 236 16.37 10.31 12.45
C MET C 236 17.41 10.62 11.39
N THR C 237 17.13 10.17 10.18
CA THR C 237 17.98 10.38 9.03
C THR C 237 17.02 10.72 7.90
N TRP C 238 17.31 11.78 7.15
CA TRP C 238 16.49 12.20 6.03
C TRP C 238 17.39 12.04 4.81
N GLU C 239 16.98 11.19 3.89
CA GLU C 239 17.79 10.94 2.71
C GLU C 239 16.97 10.73 1.43
N ALA C 240 17.61 10.95 0.29
CA ALA C 240 16.95 10.82 -0.98
C ALA C 240 17.86 10.16 -2.00
N LYS C 241 17.28 9.73 -3.11
CA LYS C 241 18.05 9.10 -4.17
C LYS C 241 18.15 10.11 -5.31
N VAL C 242 19.37 10.31 -5.81
CA VAL C 242 19.57 11.24 -6.91
C VAL C 242 18.80 10.72 -8.13
N SER C 243 17.93 11.56 -8.68
CA SER C 243 17.13 11.17 -9.83
C SER C 243 17.91 11.28 -11.14
N VAL C 244 18.74 12.31 -11.26
CA VAL C 244 19.51 12.48 -12.48
C VAL C 244 20.81 13.26 -12.28
N VAL C 245 21.83 12.89 -13.03
CA VAL C 245 23.14 13.55 -13.00
C VAL C 245 23.29 14.15 -14.39
N LYS C 246 23.61 15.44 -14.44
CA LYS C 246 23.74 16.14 -15.71
C LYS C 246 25.13 16.74 -15.91
N GLN C 247 25.62 16.68 -17.15
CA GLN C 247 26.92 17.24 -17.47
C GLN C 247 26.72 18.59 -18.15
N ILE C 248 27.23 19.65 -17.51
CA ILE C 248 27.12 21.00 -18.04
C ILE C 248 28.28 21.29 -18.98
N ARG C 265 33.33 22.09 -17.31
CA ARG C 265 32.74 20.90 -17.92
C ARG C 265 32.11 20.13 -16.78
N GLY C 266 31.64 20.87 -15.77
CA GLY C 266 31.05 20.28 -14.59
C GLY C 266 29.84 19.37 -14.75
N PHE C 267 29.30 18.98 -13.60
CA PHE C 267 28.16 18.09 -13.50
C PHE C 267 27.23 18.59 -12.38
N VAL C 268 25.94 18.31 -12.50
CA VAL C 268 25.00 18.67 -11.46
C VAL C 268 24.16 17.43 -11.19
N ALA C 269 23.55 17.37 -10.01
CA ALA C 269 22.71 16.24 -9.67
C ALA C 269 21.38 16.75 -9.15
N VAL C 270 20.30 16.08 -9.55
CA VAL C 270 18.98 16.49 -9.10
C VAL C 270 18.55 15.58 -7.95
N VAL C 271 18.06 16.18 -6.87
CA VAL C 271 17.61 15.42 -5.72
C VAL C 271 16.11 15.68 -5.58
N PRO C 272 15.30 14.62 -5.56
CA PRO C 272 13.83 14.65 -5.45
C PRO C 272 13.26 15.09 -4.10
N ALA C 273 13.48 16.35 -3.76
CA ALA C 273 12.98 16.94 -2.53
C ALA C 273 12.89 18.46 -2.74
N GLY C 274 11.73 19.03 -2.46
CA GLY C 274 11.56 20.48 -2.61
C GLY C 274 10.89 21.08 -1.40
N TYR C 275 10.42 22.33 -1.49
CA TYR C 275 9.79 22.96 -0.34
C TYR C 275 8.43 22.36 0.03
N ALA C 276 7.88 21.49 -0.81
CA ALA C 276 6.60 20.86 -0.47
C ALA C 276 6.91 19.64 0.39
N ASP C 277 8.19 19.30 0.47
CA ASP C 277 8.67 18.13 1.23
C ASP C 277 9.43 18.49 2.51
N GLY C 278 9.55 19.78 2.82
CA GLY C 278 10.27 20.14 4.02
C GLY C 278 11.55 20.92 3.78
N MET C 279 11.96 21.08 2.53
CA MET C 279 13.16 21.86 2.25
C MET C 279 12.70 23.24 1.82
N PRO C 280 12.70 24.19 2.76
CA PRO C 280 12.26 25.56 2.45
C PRO C 280 13.10 26.25 1.38
N ARG C 281 12.50 27.24 0.72
CA ARG C 281 13.20 27.99 -0.32
C ARG C 281 14.42 28.75 0.22
N HIS C 282 14.31 29.22 1.45
CA HIS C 282 15.39 29.97 2.09
C HIS C 282 16.63 29.13 2.31
N ALA C 283 16.51 27.82 2.10
CA ALA C 283 17.64 26.92 2.28
C ALA C 283 18.60 27.05 1.11
N GLN C 284 18.15 27.74 0.06
CA GLN C 284 18.97 27.93 -1.13
C GLN C 284 20.36 28.50 -0.84
N GLY C 285 21.38 27.80 -1.32
CA GLY C 285 22.76 28.24 -1.15
C GLY C 285 23.37 28.04 0.23
N LYS C 286 22.62 27.48 1.17
CA LYS C 286 23.14 27.30 2.52
C LYS C 286 23.62 25.90 2.88
N PHE C 287 23.15 24.87 2.19
CA PHE C 287 23.53 23.51 2.58
C PHE C 287 24.12 22.61 1.50
N SER C 288 24.65 21.48 1.97
CA SER C 288 25.23 20.46 1.11
C SER C 288 24.60 19.14 1.54
N VAL C 289 24.54 18.17 0.64
CA VAL C 289 24.01 16.86 0.97
C VAL C 289 25.25 15.96 1.00
N THR C 290 25.11 14.79 1.61
CA THR C 290 26.25 13.88 1.71
C THR C 290 26.05 12.58 0.93
N ILE C 291 26.89 12.39 -0.08
CA ILE C 291 26.83 11.19 -0.91
C ILE C 291 28.13 10.40 -0.68
N ASP C 292 27.98 9.17 -0.20
CA ASP C 292 29.12 8.32 0.09
C ASP C 292 30.11 9.00 1.02
N GLY C 293 29.58 9.79 1.95
CA GLY C 293 30.43 10.47 2.91
C GLY C 293 31.01 11.82 2.52
N LEU C 294 30.78 12.25 1.28
CA LEU C 294 31.31 13.54 0.83
C LEU C 294 30.22 14.59 0.59
N ASP C 295 30.56 15.84 0.85
CA ASP C 295 29.62 16.94 0.70
C ASP C 295 29.57 17.56 -0.68
N TYR C 296 28.34 17.81 -1.15
CA TYR C 296 28.10 18.43 -2.43
C TYR C 296 27.07 19.54 -2.20
N PRO C 297 27.48 20.79 -2.40
CA PRO C 297 26.65 21.98 -2.22
C PRO C 297 25.45 22.14 -3.14
N GLN C 298 24.33 22.56 -2.56
CA GLN C 298 23.13 22.79 -3.33
C GLN C 298 23.31 24.09 -4.11
N VAL C 299 22.76 24.16 -5.31
CA VAL C 299 22.90 25.35 -6.12
C VAL C 299 21.61 25.72 -6.83
N GLY C 300 21.40 27.02 -7.02
CA GLY C 300 20.20 27.48 -7.69
C GLY C 300 19.03 27.55 -6.73
N ARG C 301 17.83 27.60 -7.30
CA ARG C 301 16.63 27.69 -6.48
C ARG C 301 16.09 26.35 -6.04
N VAL C 302 15.46 26.36 -4.87
CA VAL C 302 14.82 25.16 -4.34
C VAL C 302 13.41 25.27 -4.89
N CYS C 303 13.01 24.31 -5.72
CA CYS C 303 11.68 24.31 -6.29
C CYS C 303 10.70 23.51 -5.43
N MET C 304 9.46 23.41 -5.87
CA MET C 304 8.47 22.68 -5.07
C MET C 304 8.82 21.22 -4.86
N ASP C 305 9.31 20.56 -5.91
CA ASP C 305 9.61 19.14 -5.82
C ASP C 305 11.07 18.71 -5.80
N GLN C 306 11.99 19.63 -6.02
CA GLN C 306 13.39 19.22 -6.06
C GLN C 306 14.38 20.37 -5.98
N PHE C 307 15.64 20.02 -5.73
CA PHE C 307 16.72 20.98 -5.72
C PHE C 307 17.90 20.34 -6.43
N VAL C 308 18.89 21.15 -6.79
CA VAL C 308 20.06 20.68 -7.51
C VAL C 308 21.34 20.88 -6.71
N ILE C 309 22.33 20.02 -6.96
CA ILE C 309 23.61 20.13 -6.27
C ILE C 309 24.72 20.13 -7.30
N SER C 310 25.87 20.67 -6.92
CA SER C 310 27.02 20.73 -7.80
C SER C 310 27.98 19.59 -7.47
N LEU C 311 28.44 18.88 -8.49
CA LEU C 311 29.36 17.77 -8.30
C LEU C 311 30.72 18.19 -8.85
N GLY C 312 30.82 19.45 -9.26
CA GLY C 312 32.07 19.91 -9.84
C GLY C 312 32.29 19.05 -11.06
N ASP C 313 33.47 18.44 -11.19
CA ASP C 313 33.74 17.59 -12.34
C ASP C 313 33.44 16.13 -12.00
N ASN C 314 32.66 15.94 -10.94
CA ASN C 314 32.25 14.61 -10.50
C ASN C 314 33.41 13.61 -10.42
N PRO C 315 34.48 13.96 -9.68
CA PRO C 315 35.65 13.09 -9.53
C PRO C 315 35.39 11.76 -8.84
N HIS C 316 34.30 11.68 -8.09
CA HIS C 316 33.98 10.45 -7.37
C HIS C 316 32.92 9.61 -8.07
N GLY C 317 32.60 10.01 -9.30
CA GLY C 317 31.63 9.28 -10.11
C GLY C 317 30.25 9.08 -9.55
N VAL C 318 29.63 10.13 -9.01
CA VAL C 318 28.28 10.01 -8.51
C VAL C 318 27.40 9.77 -9.73
N GLU C 319 26.43 8.86 -9.60
CA GLU C 319 25.53 8.56 -10.68
C GLU C 319 24.11 8.60 -10.15
N ALA C 320 23.14 8.57 -11.06
CA ALA C 320 21.74 8.59 -10.65
C ALA C 320 21.48 7.38 -9.76
N GLY C 321 20.63 7.55 -8.74
CA GLY C 321 20.35 6.45 -7.85
C GLY C 321 21.23 6.49 -6.62
N ALA C 322 22.15 7.44 -6.59
CA ALA C 322 23.06 7.58 -5.46
C ALA C 322 22.28 8.05 -4.24
N LYS C 323 22.67 7.58 -3.06
CA LYS C 323 21.99 7.98 -1.85
C LYS C 323 22.53 9.31 -1.33
N ALA C 324 21.68 10.33 -1.36
CA ALA C 324 22.07 11.65 -0.87
C ALA C 324 21.48 11.88 0.51
N VAL C 325 22.35 11.92 1.52
CA VAL C 325 21.92 12.15 2.89
C VAL C 325 21.82 13.65 3.15
N ILE C 326 20.65 14.09 3.61
CA ILE C 326 20.42 15.49 3.90
C ILE C 326 20.89 15.76 5.33
N PHE C 327 20.55 14.84 6.24
CA PHE C 327 21.01 14.90 7.62
C PHE C 327 20.80 13.52 8.26
N GLY C 328 21.70 13.13 9.16
CA GLY C 328 21.59 11.84 9.80
C GLY C 328 22.76 10.89 9.53
N GLU C 329 22.53 9.60 9.71
CA GLU C 329 23.58 8.61 9.49
C GLU C 329 24.24 8.75 8.13
N ASN C 330 25.56 8.67 8.10
CA ASN C 330 26.36 8.79 6.88
C ASN C 330 26.30 10.23 6.35
N GLY C 331 26.04 11.18 7.23
CA GLY C 331 25.97 12.58 6.85
C GLY C 331 26.06 13.44 8.09
N HIS C 332 25.79 14.73 7.95
CA HIS C 332 25.83 15.65 9.09
C HIS C 332 24.65 15.38 10.01
N ASP C 333 24.82 15.56 11.31
CA ASP C 333 23.71 15.33 12.23
C ASP C 333 22.70 16.48 12.16
N ALA C 334 21.52 16.25 12.73
CA ALA C 334 20.45 17.24 12.70
C ALA C 334 20.90 18.60 13.24
N THR C 335 21.76 18.58 14.24
CA THR C 335 22.27 19.81 14.85
C THR C 335 23.12 20.62 13.85
N ASP C 336 24.00 19.96 13.13
CA ASP C 336 24.83 20.65 12.15
C ASP C 336 23.97 21.18 11.01
N PHE C 337 23.09 20.33 10.48
CA PHE C 337 22.21 20.73 9.40
C PHE C 337 21.40 21.94 9.88
N ALA C 338 21.01 21.91 11.14
CA ALA C 338 20.24 23.01 11.74
C ALA C 338 21.02 24.32 11.65
N GLU C 339 22.29 24.28 12.04
CA GLU C 339 23.15 25.47 12.00
C GLU C 339 23.27 26.00 10.57
N ARG C 340 23.40 25.10 9.61
CA ARG C 340 23.50 25.49 8.21
C ARG C 340 22.24 26.25 7.78
N LEU C 341 21.09 25.75 8.20
CA LEU C 341 19.82 26.37 7.86
C LEU C 341 19.42 27.50 8.81
N ASP C 342 20.34 27.85 9.70
CA ASP C 342 20.13 28.93 10.65
C ASP C 342 18.97 28.74 11.63
N THR C 343 18.79 27.52 12.13
CA THR C 343 17.73 27.25 13.08
C THR C 343 18.22 26.25 14.12
N ILE C 344 17.28 25.56 14.76
CA ILE C 344 17.63 24.60 15.81
C ILE C 344 17.22 23.18 15.45
N ASN C 345 17.87 22.18 16.05
CA ASN C 345 17.55 20.79 15.76
C ASN C 345 16.08 20.41 15.95
N TYR C 346 15.40 21.07 16.89
CA TYR C 346 13.98 20.82 17.14
C TYR C 346 13.18 21.04 15.85
N GLU C 347 13.47 22.13 15.16
CA GLU C 347 12.75 22.46 13.94
C GLU C 347 13.13 21.61 12.73
N VAL C 348 14.40 21.25 12.62
CA VAL C 348 14.84 20.45 11.49
C VAL C 348 14.20 19.06 11.46
N VAL C 349 14.05 18.42 12.61
CA VAL C 349 13.46 17.09 12.64
C VAL C 349 11.97 17.11 12.30
N CYS C 350 11.34 18.26 12.50
CA CYS C 350 9.92 18.40 12.19
C CYS C 350 9.68 18.71 10.71
N ARG C 351 10.74 19.03 9.99
CA ARG C 351 10.61 19.38 8.57
C ARG C 351 10.27 18.29 7.56
N PRO C 352 11.01 17.16 7.58
CA PRO C 352 10.72 16.09 6.62
C PRO C 352 9.22 15.83 6.51
N THR C 353 8.66 16.06 5.33
CA THR C 353 7.22 15.87 5.13
C THR C 353 6.92 15.64 3.65
N GLY C 354 5.66 15.86 3.26
CA GLY C 354 5.26 15.71 1.86
C GLY C 354 5.41 14.32 1.28
N ARG C 355 6.21 14.19 0.23
CA ARG C 355 6.43 12.89 -0.42
C ARG C 355 7.43 12.05 0.37
N THR C 356 7.96 12.59 1.47
CA THR C 356 8.91 11.84 2.27
C THR C 356 8.19 10.68 2.96
N VAL C 357 8.71 9.47 2.79
CA VAL C 357 8.08 8.30 3.42
C VAL C 357 8.87 7.88 4.65
N ARG C 358 8.17 7.70 5.76
CA ARG C 358 8.81 7.30 7.01
C ARG C 358 9.08 5.80 7.06
N ALA C 359 10.32 5.42 7.32
CA ALA C 359 10.70 4.02 7.39
C ALA C 359 11.38 3.73 8.73
N TYR C 360 11.09 2.58 9.31
CA TYR C 360 11.69 2.21 10.58
C TYR C 360 12.82 1.21 10.42
N VAL C 361 13.96 1.49 11.05
CA VAL C 361 15.13 0.62 10.95
C VAL C 361 15.65 0.15 12.31
N MET D 1 -13.90 19.31 17.60
CA MET D 1 -13.49 20.67 17.18
C MET D 1 -11.97 20.79 17.21
N ASN D 2 -11.41 21.26 16.11
CA ASN D 2 -9.96 21.42 15.97
C ASN D 2 -9.57 22.88 16.15
N LEU D 3 -8.45 23.12 16.83
CA LEU D 3 -7.98 24.48 17.08
C LEU D 3 -7.16 25.04 15.92
N LEU D 4 -6.74 24.16 15.01
CA LEU D 4 -5.92 24.58 13.87
C LEU D 4 -6.34 23.87 12.59
N THR D 5 -6.77 24.63 11.60
CA THR D 5 -7.22 24.05 10.33
C THR D 5 -6.95 24.91 9.10
N THR D 6 -7.08 24.27 7.94
CA THR D 6 -6.97 24.96 6.67
C THR D 6 -8.36 24.81 6.07
N LYS D 7 -8.95 25.90 5.63
CA LYS D 7 -10.26 25.86 5.01
C LYS D 7 -10.02 25.82 3.51
N ILE D 8 -10.47 24.74 2.87
CA ILE D 8 -10.31 24.58 1.43
C ILE D 8 -11.62 24.81 0.67
N ASP D 9 -11.71 25.94 0.01
CA ASP D 9 -12.90 26.30 -0.76
C ASP D 9 -12.94 25.59 -2.12
N LEU D 10 -13.65 24.47 -2.21
CA LEU D 10 -13.75 23.72 -3.45
C LEU D 10 -14.50 24.47 -4.55
N ASP D 11 -15.44 25.32 -4.16
CA ASP D 11 -16.19 26.08 -5.14
C ASP D 11 -15.25 27.07 -5.82
N ALA D 12 -14.31 27.59 -5.05
CA ALA D 12 -13.33 28.53 -5.60
C ALA D 12 -12.49 27.78 -6.62
N ILE D 13 -12.18 26.53 -6.30
CA ILE D 13 -11.37 25.71 -7.20
C ILE D 13 -12.11 25.43 -8.51
N ALA D 14 -13.39 25.11 -8.41
CA ALA D 14 -14.21 24.83 -9.58
C ALA D 14 -14.25 26.11 -10.43
N HIS D 15 -14.41 27.24 -9.77
CA HIS D 15 -14.45 28.53 -10.44
C HIS D 15 -13.14 28.77 -11.18
N ASN D 16 -12.03 28.57 -10.47
CA ASN D 16 -10.73 28.78 -11.07
C ASN D 16 -10.54 27.92 -12.29
N THR D 17 -11.05 26.70 -12.23
CA THR D 17 -10.94 25.78 -13.36
C THR D 17 -11.66 26.35 -14.58
N ARG D 18 -12.87 26.86 -14.36
CA ARG D 18 -13.65 27.46 -15.44
C ARG D 18 -12.88 28.59 -16.11
N VAL D 19 -12.31 29.48 -15.30
CA VAL D 19 -11.54 30.59 -15.83
C VAL D 19 -10.40 30.10 -16.73
N LEU D 20 -9.59 29.17 -16.21
CA LEU D 20 -8.47 28.65 -16.97
C LEU D 20 -8.93 27.88 -18.22
N LYS D 21 -10.01 27.13 -18.09
CA LYS D 21 -10.56 26.37 -19.21
C LYS D 21 -10.99 27.32 -20.33
N GLN D 22 -11.66 28.41 -19.96
CA GLN D 22 -12.10 29.38 -20.94
C GLN D 22 -10.86 30.02 -21.59
N MET D 23 -9.87 30.32 -20.78
CA MET D 23 -8.63 30.92 -21.27
C MET D 23 -7.81 29.97 -22.16
N ALA D 24 -7.91 28.67 -21.91
CA ALA D 24 -7.15 27.69 -22.67
C ALA D 24 -7.59 27.59 -24.13
N GLY D 25 -8.82 27.98 -24.41
CA GLY D 25 -9.32 27.92 -25.77
C GLY D 25 -9.31 26.48 -26.28
N PRO D 26 -8.70 26.23 -27.44
CA PRO D 26 -8.60 24.91 -28.06
C PRO D 26 -7.50 24.03 -27.46
N ALA D 27 -6.56 24.66 -26.75
CA ALA D 27 -5.47 23.90 -26.13
C ALA D 27 -6.03 23.03 -25.00
N LYS D 28 -5.39 21.89 -24.78
CA LYS D 28 -5.80 20.98 -23.72
C LYS D 28 -5.37 21.59 -22.40
N LEU D 29 -6.14 21.35 -21.35
CA LEU D 29 -5.80 21.91 -20.06
C LEU D 29 -5.30 20.82 -19.12
N MET D 30 -4.02 20.87 -18.79
CA MET D 30 -3.44 19.91 -17.85
C MET D 30 -3.29 20.62 -16.50
N ALA D 31 -4.03 20.13 -15.51
CA ALA D 31 -3.98 20.71 -14.17
C ALA D 31 -2.89 20.02 -13.37
N VAL D 32 -2.02 20.81 -12.74
CA VAL D 32 -0.93 20.24 -11.95
C VAL D 32 -1.40 20.13 -10.52
N VAL D 33 -1.45 18.88 -10.02
CA VAL D 33 -1.93 18.63 -8.66
C VAL D 33 -0.95 17.85 -7.79
N LYS D 34 0.34 18.01 -8.07
CA LYS D 34 1.38 17.35 -7.29
C LYS D 34 1.36 17.91 -5.87
N ALA D 35 2.10 17.27 -4.97
CA ALA D 35 2.17 17.70 -3.59
C ALA D 35 0.79 17.79 -2.93
N ASN D 36 -0.01 16.75 -3.16
CA ASN D 36 -1.35 16.67 -2.58
C ASN D 36 -2.13 17.92 -2.99
N ALA D 37 -2.06 18.23 -4.29
CA ALA D 37 -2.73 19.39 -4.85
C ALA D 37 -2.26 20.66 -4.14
N TYR D 38 -0.95 20.86 -4.10
CA TYR D 38 -0.35 22.02 -3.45
C TYR D 38 -0.85 22.13 -2.00
N ASN D 39 -0.93 20.98 -1.32
CA ASN D 39 -1.36 20.92 0.07
C ASN D 39 -2.86 21.20 0.25
N HIS D 40 -3.61 21.28 -0.84
CA HIS D 40 -5.05 21.53 -0.73
C HIS D 40 -5.86 20.24 -0.56
N GLY D 41 -5.23 19.09 -0.77
CA GLY D 41 -5.92 17.82 -0.63
C GLY D 41 -6.42 17.30 -1.96
N VAL D 42 -5.54 16.62 -2.69
CA VAL D 42 -5.86 16.09 -4.01
C VAL D 42 -7.08 15.16 -4.07
N GLU D 43 -7.34 14.42 -3.01
CA GLU D 43 -8.47 13.49 -3.00
C GLU D 43 -9.79 14.19 -3.27
N LYS D 44 -9.91 15.43 -2.81
CA LYS D 44 -11.14 16.18 -3.02
C LYS D 44 -10.96 17.18 -4.15
N VAL D 45 -9.76 17.74 -4.26
CA VAL D 45 -9.49 18.73 -5.28
C VAL D 45 -9.47 18.22 -6.72
N ALA D 46 -8.74 17.15 -6.98
CA ALA D 46 -8.67 16.62 -8.35
C ALA D 46 -10.05 16.39 -8.98
N PRO D 47 -10.93 15.62 -8.31
CA PRO D 47 -12.26 15.35 -8.85
C PRO D 47 -13.01 16.61 -9.28
N VAL D 48 -12.89 17.70 -8.51
CA VAL D 48 -13.57 18.93 -8.84
C VAL D 48 -12.97 19.51 -10.11
N ILE D 49 -11.64 19.50 -10.18
CA ILE D 49 -10.96 20.02 -11.34
C ILE D 49 -11.36 19.22 -12.58
N ALA D 50 -11.43 17.89 -12.44
CA ALA D 50 -11.80 17.04 -13.57
C ALA D 50 -13.24 17.31 -14.00
N ALA D 51 -14.11 17.54 -13.03
CA ALA D 51 -15.52 17.78 -13.32
C ALA D 51 -15.73 19.09 -14.06
N HIS D 52 -14.83 20.04 -13.87
CA HIS D 52 -15.01 21.32 -14.55
C HIS D 52 -14.14 21.58 -15.77
N GLY D 53 -13.72 20.53 -16.46
CA GLY D 53 -12.97 20.74 -17.69
C GLY D 53 -11.56 20.25 -17.92
N ALA D 54 -10.79 19.99 -16.87
CA ALA D 54 -9.42 19.53 -17.08
C ALA D 54 -9.36 18.32 -18.03
N ASP D 55 -8.48 18.42 -19.03
CA ASP D 55 -8.29 17.36 -20.01
C ASP D 55 -7.28 16.33 -19.52
N ALA D 56 -6.44 16.75 -18.58
CA ALA D 56 -5.41 15.86 -18.05
C ALA D 56 -4.88 16.38 -16.71
N PHE D 57 -3.99 15.61 -16.09
CA PHE D 57 -3.42 16.00 -14.81
C PHE D 57 -1.91 15.77 -14.81
N GLY D 58 -1.21 16.69 -14.16
CA GLY D 58 0.23 16.56 -14.07
C GLY D 58 0.66 16.44 -12.62
N VAL D 59 1.47 15.44 -12.32
CA VAL D 59 1.99 15.24 -10.96
C VAL D 59 3.47 14.96 -11.02
N ALA D 60 4.13 14.97 -9.88
CA ALA D 60 5.56 14.71 -9.83
C ALA D 60 5.91 13.23 -9.80
N THR D 61 5.47 12.54 -8.76
CA THR D 61 5.82 11.13 -8.56
C THR D 61 4.85 10.03 -9.02
N LEU D 62 5.37 8.81 -9.00
CA LEU D 62 4.64 7.61 -9.36
C LEU D 62 3.46 7.45 -8.41
N ALA D 63 3.76 7.54 -7.11
CA ALA D 63 2.74 7.39 -6.08
C ALA D 63 1.63 8.42 -6.25
N GLU D 64 1.99 9.66 -6.57
CA GLU D 64 0.97 10.69 -6.77
C GLU D 64 0.11 10.33 -7.99
N ALA D 65 0.73 9.76 -9.01
CA ALA D 65 0.00 9.38 -10.21
C ALA D 65 -0.99 8.26 -9.90
N MET D 66 -0.55 7.29 -9.09
CA MET D 66 -1.38 6.15 -8.70
C MET D 66 -2.57 6.59 -7.86
N GLN D 67 -2.32 7.51 -6.93
CA GLN D 67 -3.36 8.03 -6.05
C GLN D 67 -4.48 8.66 -6.88
N LEU D 68 -4.12 9.34 -7.97
CA LEU D 68 -5.12 9.96 -8.83
C LEU D 68 -6.02 8.87 -9.43
N ARG D 69 -5.40 7.75 -9.82
CA ARG D 69 -6.15 6.63 -10.38
C ARG D 69 -6.97 5.97 -9.27
N ASP D 70 -6.45 5.98 -8.05
CA ASP D 70 -7.14 5.39 -6.91
C ASP D 70 -8.40 6.14 -6.51
N ILE D 71 -8.47 7.44 -6.79
CA ILE D 71 -9.65 8.20 -6.43
C ILE D 71 -10.69 8.25 -7.57
N GLY D 72 -10.37 7.66 -8.72
CA GLY D 72 -11.32 7.65 -9.81
C GLY D 72 -11.00 8.46 -11.05
N ILE D 73 -10.00 9.32 -10.97
CA ILE D 73 -9.60 10.13 -12.12
C ILE D 73 -9.35 9.21 -13.31
N SER D 74 -10.02 9.48 -14.42
CA SER D 74 -9.87 8.68 -15.61
C SER D 74 -9.14 9.45 -16.70
N GLN D 75 -8.97 10.75 -16.47
CA GLN D 75 -8.27 11.60 -17.44
C GLN D 75 -6.82 11.21 -17.63
N GLU D 76 -6.24 11.74 -18.69
CA GLU D 76 -4.84 11.52 -19.03
C GLU D 76 -4.00 11.98 -17.82
N VAL D 77 -2.97 11.23 -17.47
CA VAL D 77 -2.12 11.60 -16.35
C VAL D 77 -0.64 11.49 -16.67
N LEU D 78 0.12 12.50 -16.27
CA LEU D 78 1.56 12.50 -16.51
C LEU D 78 2.36 12.77 -15.23
N CYS D 79 3.44 12.02 -15.03
CA CYS D 79 4.30 12.23 -13.88
C CYS D 79 5.72 12.35 -14.43
N TRP D 80 6.52 13.23 -13.86
CA TRP D 80 7.86 13.45 -14.37
C TRP D 80 9.04 13.18 -13.44
N ILE D 81 8.78 12.72 -12.23
CA ILE D 81 9.86 12.42 -11.31
C ILE D 81 9.79 10.96 -10.87
N TRP D 82 10.62 10.14 -11.51
CA TRP D 82 10.70 8.72 -11.22
C TRP D 82 12.07 8.22 -11.67
N THR D 83 12.45 7.02 -11.25
CA THR D 83 13.72 6.43 -11.65
C THR D 83 13.46 4.97 -12.05
N PRO D 84 14.29 4.44 -12.95
CA PRO D 84 14.18 3.05 -13.44
C PRO D 84 14.17 2.02 -12.31
N GLU D 85 14.69 2.40 -11.15
CA GLU D 85 14.76 1.51 -9.99
C GLU D 85 13.43 1.39 -9.28
N GLN D 86 12.48 2.26 -9.61
CA GLN D 86 11.17 2.21 -9.00
C GLN D 86 10.29 1.33 -9.89
N ASP D 87 9.12 0.96 -9.36
CA ASP D 87 8.19 0.13 -10.11
C ASP D 87 7.34 1.00 -11.03
N PHE D 88 7.97 1.58 -12.04
CA PHE D 88 7.26 2.44 -12.98
C PHE D 88 6.34 1.65 -13.88
N ARG D 89 6.59 0.35 -13.99
CA ARG D 89 5.74 -0.52 -14.82
C ARG D 89 4.33 -0.58 -14.27
N ALA D 90 4.19 -0.54 -12.96
CA ALA D 90 2.86 -0.56 -12.36
C ALA D 90 2.13 0.71 -12.82
N ALA D 91 2.87 1.80 -12.96
CA ALA D 91 2.27 3.04 -13.40
C ALA D 91 1.82 2.90 -14.87
N ILE D 92 2.68 2.35 -15.70
CA ILE D 92 2.38 2.14 -17.11
C ILE D 92 1.09 1.34 -17.27
N ASP D 93 0.97 0.26 -16.50
CA ASP D 93 -0.19 -0.61 -16.56
C ASP D 93 -1.43 0.07 -16.00
N ARG D 94 -1.26 1.28 -15.47
CA ARG D 94 -2.37 2.04 -14.92
C ARG D 94 -2.66 3.19 -15.88
N ASN D 95 -2.10 3.08 -17.09
CA ASN D 95 -2.27 4.10 -18.12
C ASN D 95 -1.88 5.48 -17.62
N ILE D 96 -0.68 5.61 -17.09
CA ILE D 96 -0.18 6.90 -16.65
C ILE D 96 1.05 7.19 -17.51
N ASP D 97 1.03 8.34 -18.18
CA ASP D 97 2.15 8.72 -19.04
C ASP D 97 3.41 8.96 -18.20
N LEU D 98 4.55 8.55 -18.73
CA LEU D 98 5.82 8.73 -18.04
C LEU D 98 6.71 9.65 -18.83
N ALA D 99 7.37 10.58 -18.14
CA ALA D 99 8.26 11.51 -18.80
C ALA D 99 9.64 10.86 -18.94
N VAL D 100 10.26 11.05 -20.11
CA VAL D 100 11.61 10.53 -20.33
C VAL D 100 12.48 11.71 -19.90
N ILE D 101 13.15 11.57 -18.77
CA ILE D 101 13.96 12.67 -18.24
C ILE D 101 15.47 12.50 -18.38
N SER D 102 15.90 11.41 -19.01
CA SER D 102 17.31 11.13 -19.25
C SER D 102 17.41 9.90 -20.15
N PRO D 103 18.54 9.74 -20.86
CA PRO D 103 18.68 8.58 -21.73
C PRO D 103 18.51 7.26 -20.99
N ALA D 104 18.90 7.22 -19.72
CA ALA D 104 18.76 6.02 -18.92
C ALA D 104 17.28 5.66 -18.76
N HIS D 105 16.43 6.68 -18.66
CA HIS D 105 14.99 6.45 -18.52
C HIS D 105 14.47 5.92 -19.84
N ALA D 106 14.97 6.50 -20.93
CA ALA D 106 14.56 6.09 -22.26
C ALA D 106 14.96 4.63 -22.47
N LYS D 107 16.17 4.29 -22.05
CA LYS D 107 16.67 2.93 -22.19
C LYS D 107 15.78 1.97 -21.40
N ALA D 108 15.43 2.37 -20.18
CA ALA D 108 14.59 1.54 -19.30
C ALA D 108 13.21 1.28 -19.91
N LEU D 109 12.61 2.32 -20.48
CA LEU D 109 11.29 2.16 -21.09
C LEU D 109 11.40 1.28 -22.33
N ILE D 110 12.41 1.52 -23.15
CA ILE D 110 12.60 0.74 -24.36
C ILE D 110 12.74 -0.76 -24.05
N GLU D 111 13.40 -1.06 -22.93
CA GLU D 111 13.62 -2.45 -22.52
C GLU D 111 12.48 -3.00 -21.67
N THR D 112 11.40 -2.22 -21.54
CA THR D 112 10.25 -2.66 -20.76
C THR D 112 9.26 -3.43 -21.62
N ASP D 113 8.86 -4.61 -21.14
CA ASP D 113 7.92 -5.49 -21.84
C ASP D 113 6.48 -5.02 -21.86
N ALA D 114 6.25 -3.78 -22.27
CA ALA D 114 4.89 -3.27 -22.34
C ALA D 114 4.51 -3.11 -23.80
N GLU D 115 3.28 -3.47 -24.13
CA GLU D 115 2.80 -3.40 -25.50
C GLU D 115 2.68 -1.98 -26.02
N HIS D 116 2.15 -1.09 -25.18
CA HIS D 116 1.97 0.31 -25.57
C HIS D 116 2.29 1.24 -24.41
N ILE D 117 3.41 1.95 -24.50
CA ILE D 117 3.79 2.86 -23.42
C ILE D 117 3.74 4.32 -23.88
N ARG D 118 2.88 5.11 -23.26
CA ARG D 118 2.79 6.54 -23.60
C ARG D 118 3.86 7.28 -22.81
N VAL D 119 4.71 8.03 -23.50
CA VAL D 119 5.75 8.79 -22.83
C VAL D 119 5.83 10.20 -23.39
N SER D 120 6.32 11.12 -22.56
CA SER D 120 6.48 12.51 -22.98
C SER D 120 7.94 12.88 -22.72
N ILE D 121 8.64 13.30 -23.75
CA ILE D 121 10.04 13.64 -23.56
C ILE D 121 10.17 14.98 -22.83
N LYS D 122 10.84 14.95 -21.69
CA LYS D 122 11.07 16.16 -20.91
C LYS D 122 12.40 16.67 -21.43
N ILE D 123 12.38 17.81 -22.10
CA ILE D 123 13.64 18.31 -22.62
C ILE D 123 14.23 19.42 -21.76
N ASP D 124 15.55 19.37 -21.63
CA ASP D 124 16.30 20.36 -20.89
C ASP D 124 16.46 21.47 -21.93
N SER D 125 15.77 22.59 -21.73
CA SER D 125 15.86 23.71 -22.66
C SER D 125 16.86 24.77 -22.21
N GLY D 126 17.77 24.39 -21.32
CA GLY D 126 18.76 25.33 -20.85
C GLY D 126 18.92 25.45 -19.33
N LEU D 127 17.94 24.98 -18.58
CA LEU D 127 18.01 25.06 -17.11
C LEU D 127 19.02 24.12 -16.48
N HIS D 128 19.37 23.05 -17.20
CA HIS D 128 20.33 22.07 -16.69
C HIS D 128 19.92 21.40 -15.39
N ARG D 129 18.65 21.14 -15.27
CA ARG D 129 18.16 20.35 -14.16
C ARG D 129 17.84 18.92 -14.60
N SER D 130 16.59 18.59 -14.67
CA SER D 130 16.20 17.30 -15.18
C SER D 130 15.86 17.42 -16.67
N GLY D 131 15.61 16.29 -17.32
CA GLY D 131 15.27 16.31 -18.73
C GLY D 131 16.47 16.06 -19.62
N VAL D 132 16.21 15.63 -20.85
CA VAL D 132 17.27 15.34 -21.81
C VAL D 132 17.82 16.64 -22.43
N ASP D 133 19.13 16.83 -22.34
CA ASP D 133 19.78 18.01 -22.89
C ASP D 133 20.09 17.81 -24.38
N GLU D 134 20.40 18.91 -25.06
CA GLU D 134 20.69 18.89 -26.49
C GLU D 134 21.68 17.85 -27.00
N GLN D 135 22.74 17.59 -26.25
CA GLN D 135 23.74 16.62 -26.68
C GLN D 135 23.17 15.19 -26.72
N GLU D 136 22.10 14.97 -25.95
CA GLU D 136 21.46 13.66 -25.87
C GLU D 136 20.21 13.52 -26.73
N TRP D 137 19.69 14.64 -27.24
CA TRP D 137 18.47 14.60 -28.06
C TRP D 137 18.57 13.56 -29.18
N GLU D 138 19.57 13.70 -30.05
CA GLU D 138 19.77 12.78 -31.16
C GLU D 138 19.71 11.31 -30.75
N GLY D 139 20.53 10.95 -29.78
CA GLY D 139 20.56 9.57 -29.31
C GLY D 139 19.23 9.09 -28.78
N VAL D 140 18.58 9.93 -27.97
CA VAL D 140 17.29 9.59 -27.38
C VAL D 140 16.15 9.52 -28.38
N PHE D 141 16.04 10.51 -29.26
CA PHE D 141 14.96 10.50 -30.24
C PHE D 141 15.12 9.29 -31.16
N SER D 142 16.36 9.00 -31.51
CA SER D 142 16.67 7.88 -32.40
C SER D 142 16.22 6.54 -31.79
N ALA D 143 16.62 6.30 -30.55
CA ALA D 143 16.25 5.05 -29.87
C ALA D 143 14.75 4.92 -29.66
N LEU D 144 14.10 6.01 -29.28
CA LEU D 144 12.65 5.99 -29.05
C LEU D 144 11.89 5.70 -30.35
N ALA D 145 12.32 6.32 -31.44
CA ALA D 145 11.66 6.14 -32.73
C ALA D 145 11.77 4.69 -33.22
N ALA D 146 12.82 3.99 -32.81
CA ALA D 146 13.03 2.60 -33.21
C ALA D 146 12.35 1.60 -32.28
N ALA D 147 11.57 2.10 -31.32
CA ALA D 147 10.88 1.23 -30.37
C ALA D 147 9.38 1.23 -30.63
N PRO D 148 8.89 0.20 -31.34
CA PRO D 148 7.49 0.00 -31.71
C PRO D 148 6.49 0.08 -30.56
N HIS D 149 6.84 -0.45 -29.40
CA HIS D 149 5.94 -0.47 -28.25
C HIS D 149 5.78 0.87 -27.54
N ILE D 150 6.62 1.85 -27.89
CA ILE D 150 6.52 3.16 -27.25
C ILE D 150 5.89 4.21 -28.15
N GLU D 151 4.97 4.98 -27.57
CA GLU D 151 4.32 6.05 -28.30
C GLU D 151 4.68 7.39 -27.66
N VAL D 152 5.54 8.15 -28.32
CA VAL D 152 5.93 9.45 -27.82
C VAL D 152 4.74 10.37 -28.13
N THR D 153 4.03 10.80 -27.08
CA THR D 153 2.86 11.67 -27.26
C THR D 153 3.24 13.10 -27.55
N GLY D 154 4.46 13.49 -27.13
CA GLY D 154 4.91 14.84 -27.34
C GLY D 154 6.07 15.16 -26.43
N MET D 155 6.45 16.43 -26.36
CA MET D 155 7.55 16.83 -25.47
C MET D 155 7.17 18.08 -24.71
N PHE D 156 7.89 18.33 -23.61
CA PHE D 156 7.62 19.48 -22.79
C PHE D 156 8.87 19.97 -22.08
N THR D 157 8.84 21.23 -21.66
CA THR D 157 9.95 21.82 -20.93
C THR D 157 9.33 22.71 -19.87
N HIS D 158 10.08 23.00 -18.81
CA HIS D 158 9.56 23.83 -17.74
C HIS D 158 10.26 25.18 -17.73
N LEU D 159 9.48 26.25 -17.84
CA LEU D 159 10.01 27.60 -17.85
C LEU D 159 10.53 28.02 -16.48
N ALA D 160 11.64 28.76 -16.47
CA ALA D 160 12.23 29.19 -15.22
C ALA D 160 11.85 30.62 -14.85
N CYS D 161 11.85 31.51 -15.83
CA CYS D 161 11.54 32.89 -15.57
C CYS D 161 10.29 33.44 -16.26
N ALA D 162 9.23 32.63 -16.30
CA ALA D 162 7.99 33.06 -16.92
C ALA D 162 7.33 34.11 -16.01
N ASP D 163 7.81 34.21 -14.78
CA ASP D 163 7.30 35.18 -13.82
C ASP D 163 7.47 36.58 -14.37
N GLU D 164 8.72 36.93 -14.67
CA GLU D 164 9.06 38.24 -15.20
C GLU D 164 8.73 38.27 -16.68
N PRO D 165 7.66 39.00 -17.04
CA PRO D 165 7.16 39.17 -18.41
C PRO D 165 8.23 39.08 -19.50
N THR D 170 13.06 32.88 -20.89
CA THR D 170 11.87 32.25 -21.46
C THR D 170 11.92 32.04 -22.97
N ASP D 171 12.18 33.10 -23.74
CA ASP D 171 12.23 32.98 -25.19
C ASP D 171 13.39 32.12 -25.68
N ARG D 172 14.48 32.08 -24.94
CA ARG D 172 15.61 31.25 -25.34
C ARG D 172 15.36 29.77 -25.03
N GLN D 173 14.47 29.51 -24.08
CA GLN D 173 14.15 28.12 -23.76
C GLN D 173 13.26 27.58 -24.87
N ILE D 174 12.34 28.42 -25.34
CA ILE D 174 11.41 28.03 -26.40
C ILE D 174 12.12 27.80 -27.73
N ILE D 175 13.13 28.62 -28.03
CA ILE D 175 13.88 28.45 -29.26
C ILE D 175 14.56 27.09 -29.24
N ALA D 176 15.14 26.75 -28.09
CA ALA D 176 15.82 25.48 -27.92
C ALA D 176 14.80 24.35 -27.99
N PHE D 177 13.67 24.56 -27.32
CA PHE D 177 12.60 23.58 -27.29
C PHE D 177 12.14 23.29 -28.71
N ARG D 178 11.92 24.34 -29.50
CA ARG D 178 11.49 24.19 -30.87
C ARG D 178 12.59 23.50 -31.67
N ARG D 179 13.82 23.68 -31.23
CA ARG D 179 14.98 23.07 -31.87
C ARG D 179 14.93 21.56 -31.63
N ALA D 180 14.53 21.18 -30.42
CA ALA D 180 14.43 19.77 -30.05
C ALA D 180 13.25 19.13 -30.79
N LEU D 181 12.11 19.82 -30.81
CA LEU D 181 10.92 19.31 -31.46
C LEU D 181 11.20 19.02 -32.95
N ALA D 182 11.87 19.95 -33.62
CA ALA D 182 12.20 19.78 -35.02
C ALA D 182 13.08 18.56 -35.23
N LEU D 183 14.04 18.38 -34.33
CA LEU D 183 14.96 17.25 -34.42
C LEU D 183 14.18 15.95 -34.19
N ALA D 184 13.30 15.96 -33.19
CA ALA D 184 12.51 14.79 -32.87
C ALA D 184 11.66 14.36 -34.06
N ARG D 185 11.01 15.34 -34.69
CA ARG D 185 10.16 15.05 -35.84
C ARG D 185 11.00 14.60 -37.04
N LYS D 186 12.23 15.06 -37.16
CA LYS D 186 13.06 14.64 -38.28
C LYS D 186 13.34 13.15 -38.11
N HIS D 187 13.35 12.69 -36.86
CA HIS D 187 13.59 11.28 -36.54
C HIS D 187 12.32 10.42 -36.63
N GLY D 188 11.21 11.02 -37.03
CA GLY D 188 9.98 10.24 -37.14
C GLY D 188 9.00 10.31 -35.98
N LEU D 189 9.36 11.05 -34.92
CA LEU D 189 8.47 11.21 -33.77
C LEU D 189 7.55 12.39 -34.01
N GLU D 190 6.28 12.10 -34.23
CA GLU D 190 5.28 13.14 -34.49
C GLU D 190 5.15 14.18 -33.39
N CYS D 191 5.19 13.76 -32.12
CA CYS D 191 5.06 14.70 -31.01
C CYS D 191 3.83 15.58 -31.23
N PRO D 192 2.64 14.97 -31.26
CA PRO D 192 1.33 15.59 -31.47
C PRO D 192 0.93 16.65 -30.44
N VAL D 193 1.15 16.34 -29.16
CA VAL D 193 0.78 17.23 -28.09
C VAL D 193 1.96 17.64 -27.22
N ASN D 194 2.32 18.91 -27.32
CA ASN D 194 3.45 19.46 -26.58
C ASN D 194 2.95 20.55 -25.65
N HIS D 195 3.74 20.87 -24.63
CA HIS D 195 3.35 21.87 -23.66
C HIS D 195 4.54 22.49 -22.90
N VAL D 196 4.48 23.78 -22.66
CA VAL D 196 5.54 24.49 -21.95
C VAL D 196 5.00 25.46 -20.89
N CYS D 197 3.74 25.85 -21.02
CA CYS D 197 3.16 26.82 -20.09
C CYS D 197 2.79 26.39 -18.69
N ASN D 198 3.39 27.05 -17.70
CA ASN D 198 3.06 26.83 -16.31
C ASN D 198 2.13 28.02 -16.09
N SER D 199 1.71 28.30 -14.87
CA SER D 199 0.78 29.40 -14.64
C SER D 199 1.17 30.78 -15.16
N PRO D 200 2.34 31.30 -14.76
CA PRO D 200 2.75 32.64 -15.24
C PRO D 200 2.82 32.76 -16.77
N ALA D 201 3.34 31.72 -17.43
CA ALA D 201 3.45 31.74 -18.88
C ALA D 201 2.09 31.64 -19.56
N PHE D 202 1.21 30.81 -19.00
CA PHE D 202 -0.12 30.60 -19.54
C PHE D 202 -0.97 31.86 -19.51
N LEU D 203 -0.87 32.60 -18.41
CA LEU D 203 -1.65 33.82 -18.23
C LEU D 203 -1.06 35.01 -19.00
N THR D 204 0.16 34.88 -19.49
CA THR D 204 0.80 35.99 -20.21
C THR D 204 1.36 35.69 -21.60
N ARG D 205 1.35 34.43 -22.01
CA ARG D 205 1.89 34.08 -23.32
C ARG D 205 0.96 33.16 -24.13
N SER D 206 -0.06 33.76 -24.73
CA SER D 206 -1.03 33.03 -25.54
C SER D 206 -0.34 32.31 -26.70
N ASP D 207 0.76 32.90 -27.16
CA ASP D 207 1.49 32.32 -28.27
C ASP D 207 2.27 31.07 -27.87
N LEU D 208 2.28 30.74 -26.59
CA LEU D 208 3.00 29.57 -26.10
C LEU D 208 2.07 28.45 -25.61
N HIS D 209 0.78 28.60 -25.87
CA HIS D 209 -0.18 27.59 -25.44
C HIS D 209 0.03 26.24 -26.11
N MET D 210 0.43 26.26 -27.38
CA MET D 210 0.65 25.01 -28.11
C MET D 210 -0.59 24.11 -28.01
N GLU D 211 -0.38 22.79 -28.03
CA GLU D 211 -1.50 21.86 -27.96
C GLU D 211 -2.01 21.64 -26.54
N MET D 212 -1.21 22.03 -25.56
CA MET D 212 -1.59 21.84 -24.17
C MET D 212 -0.85 22.81 -23.25
N VAL D 213 -1.53 23.19 -22.18
CA VAL D 213 -0.97 24.09 -21.19
C VAL D 213 -1.07 23.35 -19.86
N ARG D 214 -0.16 23.62 -18.94
CA ARG D 214 -0.25 22.95 -17.65
C ARG D 214 0.05 23.83 -16.45
N PRO D 215 -0.95 24.58 -16.01
CA PRO D 215 -0.80 25.46 -14.86
C PRO D 215 -1.18 24.70 -13.58
N GLY D 216 -0.62 25.15 -12.47
CA GLY D 216 -0.92 24.55 -11.18
C GLY D 216 -1.42 25.66 -10.27
N LEU D 217 -0.52 26.59 -9.93
CA LEU D 217 -0.79 27.72 -9.05
C LEU D 217 -2.16 28.39 -9.24
N ALA D 218 -2.49 28.74 -10.48
CA ALA D 218 -3.75 29.41 -10.78
C ALA D 218 -5.01 28.65 -10.35
N PHE D 219 -4.96 27.32 -10.37
CA PHE D 219 -6.11 26.52 -9.97
C PHE D 219 -6.50 26.75 -8.51
N TYR D 220 -5.50 27.07 -7.70
CA TYR D 220 -5.70 27.32 -6.28
C TYR D 220 -5.98 28.80 -6.05
N GLY D 221 -6.21 29.52 -7.14
CA GLY D 221 -6.54 30.93 -7.07
C GLY D 221 -5.46 31.95 -6.75
N LEU D 222 -4.20 31.57 -6.90
CA LEU D 222 -3.09 32.49 -6.62
C LEU D 222 -2.47 33.04 -7.90
N GLU D 223 -2.15 34.33 -7.90
CA GLU D 223 -1.55 35.00 -9.05
C GLU D 223 -0.03 34.83 -9.05
N PRO D 224 0.54 34.43 -10.19
CA PRO D 224 2.00 34.24 -10.34
C PRO D 224 2.73 35.53 -10.67
N VAL D 225 2.03 36.48 -11.26
CA VAL D 225 2.65 37.74 -11.65
C VAL D 225 2.07 38.97 -10.96
N ALA D 226 2.91 39.68 -10.22
CA ALA D 226 2.49 40.87 -9.52
C ALA D 226 1.88 41.89 -10.48
N GLY D 227 0.93 42.66 -9.96
CA GLY D 227 0.28 43.67 -10.78
C GLY D 227 -0.69 43.12 -11.80
N LEU D 228 -0.69 41.80 -11.99
CA LEU D 228 -1.59 41.19 -12.95
C LEU D 228 -2.71 40.45 -12.24
N GLU D 229 -3.94 40.79 -12.59
CA GLU D 229 -5.10 40.17 -11.99
C GLU D 229 -6.01 39.51 -13.01
N HIS D 230 -6.53 38.35 -12.63
CA HIS D 230 -7.45 37.61 -13.48
C HIS D 230 -8.61 37.32 -12.55
N GLY D 231 -9.61 36.56 -13.01
CA GLY D 231 -10.75 36.29 -12.15
C GLY D 231 -10.64 35.13 -11.20
N LEU D 232 -9.47 34.91 -10.61
CA LEU D 232 -9.29 33.80 -9.69
C LEU D 232 -9.71 34.10 -8.25
N LYS D 233 -9.99 33.05 -7.50
CA LYS D 233 -10.37 33.19 -6.10
C LYS D 233 -9.52 32.24 -5.28
N PRO D 234 -8.75 32.77 -4.33
CA PRO D 234 -7.90 31.90 -3.50
C PRO D 234 -8.75 30.79 -2.88
N ALA D 235 -8.18 29.62 -2.71
CA ALA D 235 -8.93 28.49 -2.16
C ALA D 235 -8.55 28.12 -0.74
N MET D 236 -7.39 28.55 -0.28
CA MET D 236 -6.95 28.17 1.05
C MET D 236 -6.92 29.26 2.11
N THR D 237 -7.30 28.87 3.31
CA THR D 237 -7.29 29.74 4.47
C THR D 237 -6.70 28.92 5.62
N TRP D 238 -5.72 29.49 6.31
CA TRP D 238 -5.11 28.82 7.45
C TRP D 238 -5.54 29.63 8.67
N GLU D 239 -6.29 28.99 9.57
CA GLU D 239 -6.78 29.68 10.75
C GLU D 239 -6.75 28.85 12.04
N ALA D 240 -6.65 29.53 13.17
CA ALA D 240 -6.58 28.87 14.46
C ALA D 240 -7.50 29.51 15.49
N LYS D 241 -7.80 28.77 16.54
CA LYS D 241 -8.65 29.28 17.61
C LYS D 241 -7.74 29.65 18.78
N VAL D 242 -7.79 30.90 19.21
CA VAL D 242 -6.98 31.38 20.31
C VAL D 242 -7.28 30.48 21.51
N SER D 243 -6.23 29.96 22.13
CA SER D 243 -6.40 29.07 23.27
C SER D 243 -6.48 29.81 24.60
N VAL D 244 -5.87 30.98 24.67
CA VAL D 244 -5.87 31.74 25.91
C VAL D 244 -5.50 33.21 25.73
N VAL D 245 -6.15 34.07 26.50
CA VAL D 245 -5.86 35.50 26.45
C VAL D 245 -5.24 35.85 27.79
N LYS D 246 -4.06 36.46 27.76
CA LYS D 246 -3.35 36.80 28.99
C LYS D 246 -3.14 38.29 29.20
N GLN D 247 -3.51 38.76 30.39
CA GLN D 247 -3.34 40.17 30.74
C GLN D 247 -1.92 40.36 31.27
N ILE D 248 -1.16 41.21 30.61
CA ILE D 248 0.21 41.48 31.02
C ILE D 248 0.35 42.85 31.68
N GLU D 249 0.35 42.85 33.00
CA GLU D 249 0.50 44.11 33.73
C GLU D 249 1.99 44.50 33.67
N ALA D 250 2.46 45.26 34.65
CA ALA D 250 3.86 45.71 34.67
C ALA D 250 4.86 44.55 34.52
N GLY D 251 4.32 43.33 34.51
CA GLY D 251 5.15 42.15 34.39
C GLY D 251 6.06 42.15 33.18
N GLN D 252 5.74 42.94 32.17
CA GLN D 252 6.58 43.01 30.97
C GLN D 252 6.71 41.63 30.34
N GLY D 266 -1.55 45.76 29.17
CA GLY D 266 -1.56 45.16 27.85
C GLY D 266 -2.12 43.75 27.87
N PHE D 267 -2.32 43.18 26.70
CA PHE D 267 -2.86 41.84 26.58
C PHE D 267 -2.20 41.07 25.44
N VAL D 268 -2.04 39.76 25.62
CA VAL D 268 -1.46 38.91 24.59
C VAL D 268 -2.39 37.72 24.39
N ALA D 269 -2.33 37.12 23.21
CA ALA D 269 -3.16 35.96 22.91
C ALA D 269 -2.25 34.84 22.41
N VAL D 270 -2.52 33.63 22.87
CA VAL D 270 -1.73 32.48 22.46
C VAL D 270 -2.44 31.78 21.31
N VAL D 271 -1.72 31.62 20.20
CA VAL D 271 -2.25 30.97 19.00
C VAL D 271 -1.65 29.56 18.91
N PRO D 272 -2.51 28.54 18.91
CA PRO D 272 -2.23 27.11 18.84
C PRO D 272 -1.55 26.59 17.56
N ALA D 273 -0.43 27.21 17.19
CA ALA D 273 0.31 26.79 15.99
C ALA D 273 1.78 27.12 16.16
N GLY D 274 2.64 26.13 15.89
CA GLY D 274 4.08 26.34 16.03
C GLY D 274 4.88 25.89 14.83
N TYR D 275 6.20 25.87 14.95
CA TYR D 275 7.01 25.47 13.81
C TYR D 275 6.75 24.01 13.45
N ALA D 276 6.18 23.24 14.38
CA ALA D 276 5.86 21.85 14.07
C ALA D 276 4.62 21.82 13.19
N ASP D 277 3.93 22.96 13.07
CA ASP D 277 2.72 23.03 12.27
C ASP D 277 2.91 23.87 11.00
N GLY D 278 4.15 24.23 10.70
CA GLY D 278 4.41 25.01 9.51
C GLY D 278 4.73 26.49 9.71
N MET D 279 4.62 26.98 10.94
CA MET D 279 4.92 28.39 11.20
C MET D 279 6.43 28.48 11.49
N PRO D 280 7.20 29.01 10.54
CA PRO D 280 8.66 29.16 10.65
C PRO D 280 9.11 29.93 11.90
N ARG D 281 10.19 29.48 12.52
CA ARG D 281 10.71 30.16 13.70
C ARG D 281 11.13 31.58 13.35
N HIS D 282 11.64 31.76 12.13
CA HIS D 282 12.08 33.08 11.67
C HIS D 282 10.93 34.00 11.29
N ALA D 283 9.70 33.54 11.49
CA ALA D 283 8.53 34.34 11.17
C ALA D 283 8.36 35.42 12.23
N GLN D 284 9.02 35.20 13.37
CA GLN D 284 8.97 36.11 14.50
C GLN D 284 9.08 37.58 14.11
N GLY D 285 8.06 38.35 14.49
CA GLY D 285 8.02 39.77 14.24
C GLY D 285 7.84 40.26 12.81
N LYS D 286 7.43 39.38 11.91
CA LYS D 286 7.25 39.77 10.53
C LYS D 286 5.80 39.78 10.02
N PHE D 287 4.86 39.32 10.83
CA PHE D 287 3.48 39.28 10.37
C PHE D 287 2.43 39.47 11.45
N SER D 288 1.18 39.56 11.01
CA SER D 288 0.03 39.72 11.90
C SER D 288 -1.02 38.68 11.52
N VAL D 289 -1.85 38.31 12.49
CA VAL D 289 -2.95 37.39 12.23
C VAL D 289 -4.16 38.31 12.24
N THR D 290 -5.29 37.85 11.73
CA THR D 290 -6.47 38.70 11.68
C THR D 290 -7.61 38.09 12.45
N ILE D 291 -8.12 38.85 13.41
CA ILE D 291 -9.21 38.39 14.25
C ILE D 291 -10.41 39.30 14.04
N ASP D 292 -11.48 38.74 13.51
CA ASP D 292 -12.69 39.49 13.21
C ASP D 292 -12.36 40.65 12.29
N GLY D 293 -11.51 40.38 11.30
CA GLY D 293 -11.13 41.40 10.34
C GLY D 293 -10.05 42.37 10.76
N LEU D 294 -9.55 42.27 12.00
CA LEU D 294 -8.51 43.19 12.45
C LEU D 294 -7.15 42.52 12.70
N ASP D 295 -6.08 43.27 12.45
CA ASP D 295 -4.74 42.75 12.62
C ASP D 295 -4.17 42.89 14.03
N TYR D 296 -3.41 41.89 14.42
CA TYR D 296 -2.74 41.82 15.71
C TYR D 296 -1.39 41.21 15.38
N PRO D 297 -0.31 41.93 15.68
CA PRO D 297 1.07 41.48 15.41
C PRO D 297 1.55 40.32 16.26
N GLN D 298 2.19 39.35 15.62
CA GLN D 298 2.73 38.22 16.33
C GLN D 298 3.92 38.83 17.06
N VAL D 299 4.23 38.34 18.25
CA VAL D 299 5.36 38.87 19.00
C VAL D 299 6.14 37.78 19.72
N GLY D 300 7.45 37.97 19.85
CA GLY D 300 8.26 36.99 20.55
C GLY D 300 8.60 35.74 19.76
N ARG D 301 9.14 34.77 20.47
CA ARG D 301 9.56 33.51 19.87
C ARG D 301 8.44 32.57 19.45
N VAL D 302 8.64 31.94 18.29
CA VAL D 302 7.70 30.98 17.75
C VAL D 302 8.15 29.64 18.31
N CYS D 303 7.29 29.00 19.11
CA CYS D 303 7.68 27.72 19.69
C CYS D 303 7.20 26.53 18.85
N MET D 304 7.48 25.31 19.31
CA MET D 304 7.07 24.13 18.58
C MET D 304 5.55 24.04 18.39
N ASP D 305 4.80 24.40 19.41
CA ASP D 305 3.35 24.28 19.33
C ASP D 305 2.53 25.58 19.28
N GLN D 306 3.16 26.71 19.52
CA GLN D 306 2.37 27.94 19.54
C GLN D 306 3.20 29.22 19.41
N PHE D 307 2.51 30.32 19.13
CA PHE D 307 3.14 31.62 19.07
C PHE D 307 2.16 32.59 19.73
N VAL D 308 2.66 33.77 20.06
CA VAL D 308 1.86 34.78 20.74
C VAL D 308 1.61 36.03 19.88
N ILE D 309 0.52 36.73 20.17
CA ILE D 309 0.19 37.96 19.46
C ILE D 309 -0.16 39.05 20.45
N SER D 310 0.15 40.29 20.09
CA SER D 310 -0.14 41.42 20.96
C SER D 310 -1.51 41.99 20.64
N LEU D 311 -2.33 42.13 21.68
CA LEU D 311 -3.67 42.67 21.53
C LEU D 311 -3.72 44.09 22.07
N GLY D 312 -2.58 44.61 22.47
CA GLY D 312 -2.55 45.96 23.03
C GLY D 312 -3.48 46.00 24.24
N ASP D 313 -4.37 46.98 24.29
CA ASP D 313 -5.33 47.10 25.40
C ASP D 313 -6.52 46.19 25.13
N ASN D 314 -6.44 45.42 24.05
CA ASN D 314 -7.54 44.53 23.68
C ASN D 314 -8.83 45.35 23.63
N PRO D 315 -8.81 46.49 22.91
CA PRO D 315 -9.99 47.35 22.81
C PRO D 315 -11.24 46.65 22.29
N HIS D 316 -11.06 45.63 21.48
CA HIS D 316 -12.19 44.91 20.90
C HIS D 316 -12.68 43.72 21.69
N GLY D 317 -12.05 43.44 22.81
CA GLY D 317 -12.48 42.34 23.65
C GLY D 317 -12.25 40.93 23.11
N VAL D 318 -11.14 40.71 22.43
CA VAL D 318 -10.83 39.40 21.90
C VAL D 318 -10.79 38.42 23.08
N GLU D 319 -11.37 37.24 22.92
CA GLU D 319 -11.36 36.25 23.99
C GLU D 319 -10.87 34.91 23.48
N ALA D 320 -10.56 34.01 24.39
CA ALA D 320 -10.13 32.67 24.03
C ALA D 320 -11.24 32.08 23.16
N GLY D 321 -10.84 31.38 22.10
CA GLY D 321 -11.82 30.80 21.21
C GLY D 321 -11.98 31.60 19.93
N ALA D 322 -11.57 32.86 19.95
CA ALA D 322 -11.69 33.70 18.76
C ALA D 322 -10.96 33.06 17.60
N LYS D 323 -11.43 33.34 16.38
CA LYS D 323 -10.81 32.79 15.19
C LYS D 323 -9.71 33.73 14.67
N ALA D 324 -8.49 33.20 14.55
CA ALA D 324 -7.38 33.98 14.07
C ALA D 324 -6.93 33.44 12.70
N VAL D 325 -7.05 34.29 11.69
CA VAL D 325 -6.66 33.93 10.33
C VAL D 325 -5.20 34.30 10.13
N ILE D 326 -4.39 33.31 9.76
CA ILE D 326 -2.98 33.54 9.52
C ILE D 326 -2.84 34.08 8.09
N PHE D 327 -3.58 33.46 7.17
CA PHE D 327 -3.62 33.91 5.78
C PHE D 327 -4.87 33.29 5.14
N GLY D 328 -5.56 34.05 4.30
CA GLY D 328 -6.75 33.52 3.66
C GLY D 328 -7.99 34.39 3.75
N GLU D 329 -9.16 33.75 3.73
CA GLU D 329 -10.42 34.46 3.80
C GLU D 329 -10.54 35.22 5.12
N ASN D 330 -10.86 36.51 5.02
CA ASN D 330 -10.99 37.39 6.18
C ASN D 330 -9.64 37.67 6.84
N GLY D 331 -8.60 37.72 6.04
CA GLY D 331 -7.26 38.00 6.54
C GLY D 331 -6.40 38.43 5.37
N HIS D 332 -5.08 38.32 5.50
CA HIS D 332 -4.22 38.67 4.38
C HIS D 332 -4.15 37.47 3.46
N ASP D 333 -4.10 37.70 2.15
CA ASP D 333 -4.02 36.60 1.21
C ASP D 333 -2.63 35.96 1.26
N ALA D 334 -2.49 34.77 0.69
CA ALA D 334 -1.20 34.06 0.69
C ALA D 334 -0.06 34.91 0.15
N THR D 335 -0.31 35.67 -0.90
CA THR D 335 0.72 36.50 -1.50
C THR D 335 1.25 37.52 -0.50
N ASP D 336 0.36 38.14 0.28
CA ASP D 336 0.79 39.11 1.27
C ASP D 336 1.63 38.44 2.34
N PHE D 337 1.11 37.35 2.89
CA PHE D 337 1.82 36.60 3.94
C PHE D 337 3.19 36.18 3.41
N ALA D 338 3.23 35.78 2.14
CA ALA D 338 4.48 35.35 1.51
C ALA D 338 5.49 36.48 1.47
N GLU D 339 5.01 37.68 1.11
CA GLU D 339 5.88 38.84 1.04
C GLU D 339 6.45 39.20 2.41
N ARG D 340 5.63 39.06 3.46
CA ARG D 340 6.08 39.36 4.82
C ARG D 340 7.22 38.43 5.20
N LEU D 341 7.09 37.15 4.84
CA LEU D 341 8.11 36.15 5.17
C LEU D 341 9.22 36.02 4.14
N ASP D 342 9.29 36.96 3.21
CA ASP D 342 10.32 36.95 2.18
C ASP D 342 10.30 35.66 1.34
N THR D 343 9.11 35.21 0.97
CA THR D 343 9.00 34.00 0.13
C THR D 343 7.87 34.21 -0.87
N ILE D 344 7.47 33.14 -1.55
CA ILE D 344 6.40 33.23 -2.54
C ILE D 344 5.13 32.49 -2.12
N ASN D 345 4.00 32.87 -2.71
CA ASN D 345 2.73 32.23 -2.35
C ASN D 345 2.75 30.71 -2.53
N TYR D 346 3.55 30.21 -3.48
CA TYR D 346 3.68 28.77 -3.69
C TYR D 346 4.04 28.06 -2.38
N GLU D 347 5.03 28.60 -1.69
CA GLU D 347 5.49 27.99 -0.45
C GLU D 347 4.54 28.13 0.72
N VAL D 348 3.93 29.30 0.87
CA VAL D 348 3.01 29.51 1.98
C VAL D 348 1.86 28.51 2.01
N VAL D 349 1.28 28.18 0.85
CA VAL D 349 0.17 27.22 0.86
C VAL D 349 0.65 25.80 1.14
N CYS D 350 1.94 25.56 0.96
CA CYS D 350 2.50 24.24 1.25
C CYS D 350 2.90 24.10 2.71
N ARG D 351 2.88 25.21 3.46
CA ARG D 351 3.30 25.14 4.86
C ARG D 351 2.37 24.54 5.92
N PRO D 352 1.07 24.89 5.91
CA PRO D 352 0.20 24.31 6.94
C PRO D 352 0.37 22.79 7.03
N THR D 353 0.78 22.33 8.22
CA THR D 353 1.03 20.92 8.44
C THR D 353 0.87 20.55 9.93
N GLY D 354 1.52 19.47 10.35
CA GLY D 354 1.45 19.05 11.74
C GLY D 354 0.04 18.78 12.25
N ARG D 355 -0.36 19.48 13.31
CA ARG D 355 -1.70 19.32 13.88
C ARG D 355 -2.79 20.00 13.03
N THR D 356 -2.39 20.74 12.01
CA THR D 356 -3.38 21.42 11.16
C THR D 356 -4.29 20.41 10.46
N VAL D 357 -5.60 20.60 10.58
CA VAL D 357 -6.57 19.70 9.95
C VAL D 357 -7.26 20.38 8.76
N ARG D 358 -7.33 19.70 7.62
CA ARG D 358 -8.00 20.28 6.45
C ARG D 358 -9.50 20.14 6.55
N ALA D 359 -10.22 21.22 6.28
CA ALA D 359 -11.68 21.23 6.29
C ALA D 359 -12.13 21.74 4.92
N TYR D 360 -13.01 20.99 4.27
CA TYR D 360 -13.50 21.39 2.95
C TYR D 360 -14.78 22.20 3.06
N VAL D 361 -14.75 23.42 2.53
CA VAL D 361 -15.91 24.29 2.56
C VAL D 361 -16.27 24.70 1.13
#